data_2MI7
#
_entry.id   2MI7
#
_entity_poly.entity_id   1
_entity_poly.type   'polypeptide(L)'
_entity_poly.pdbx_seq_one_letter_code
;GSRVKALEEKVKALEEKVKALGGGGRIEELKKKYEELKKKIEELGGGGEVKKVEEEVKKLEEEIKKL
;
_entity_poly.pdbx_strand_id   A
#
# COMPACT_ATOMS: atom_id res chain seq x y z
N GLY A 1 -9.51 -14.03 -9.07
CA GLY A 1 -9.01 -13.11 -8.02
C GLY A 1 -10.01 -12.03 -7.67
N SER A 2 -11.24 -12.44 -7.34
CA SER A 2 -12.28 -11.50 -6.99
C SER A 2 -12.01 -10.85 -5.63
N ARG A 3 -11.15 -11.46 -4.83
CA ARG A 3 -10.81 -10.95 -3.51
C ARG A 3 -9.40 -10.36 -3.50
N VAL A 4 -8.48 -11.00 -4.24
CA VAL A 4 -7.10 -10.54 -4.31
C VAL A 4 -6.99 -9.25 -5.12
N LYS A 5 -7.66 -9.20 -6.26
CA LYS A 5 -7.62 -8.02 -7.12
C LYS A 5 -8.17 -6.81 -6.39
N ALA A 6 -9.28 -7.00 -5.69
CA ALA A 6 -9.91 -5.92 -4.93
C ALA A 6 -8.91 -5.33 -3.94
N LEU A 7 -8.07 -6.19 -3.39
CA LEU A 7 -7.05 -5.78 -2.43
C LEU A 7 -6.12 -4.76 -3.04
N GLU A 8 -5.74 -4.99 -4.29
CA GLU A 8 -4.84 -4.10 -5.01
C GLU A 8 -5.46 -2.72 -5.22
N GLU A 9 -6.78 -2.69 -5.37
CA GLU A 9 -7.50 -1.43 -5.61
C GLU A 9 -7.45 -0.51 -4.39
N LYS A 10 -7.53 -1.08 -3.19
CA LYS A 10 -7.50 -0.29 -1.96
C LYS A 10 -6.11 0.28 -1.68
N VAL A 11 -5.08 -0.47 -2.03
CA VAL A 11 -3.69 -0.05 -1.79
C VAL A 11 -3.33 1.19 -2.59
N LYS A 12 -3.74 1.22 -3.85
CA LYS A 12 -3.45 2.35 -4.73
C LYS A 12 -4.19 3.61 -4.31
N ALA A 13 -5.44 3.43 -3.90
CA ALA A 13 -6.24 4.57 -3.47
C ALA A 13 -5.53 5.31 -2.35
N LEU A 14 -4.86 4.55 -1.50
CA LEU A 14 -4.10 5.12 -0.40
C LEU A 14 -2.87 5.84 -0.92
N GLU A 15 -2.33 5.34 -2.04
CA GLU A 15 -1.14 5.91 -2.65
C GLU A 15 -1.31 7.40 -2.96
N GLU A 16 -2.51 7.76 -3.41
CA GLU A 16 -2.82 9.14 -3.77
C GLU A 16 -2.80 10.05 -2.54
N LYS A 17 -3.17 9.50 -1.40
CA LYS A 17 -3.19 10.25 -0.16
C LYS A 17 -1.78 10.57 0.30
N VAL A 18 -0.83 9.69 -0.04
CA VAL A 18 0.56 9.86 0.35
C VAL A 18 1.21 11.04 -0.38
N LYS A 19 0.98 11.12 -1.69
CA LYS A 19 1.55 12.20 -2.49
C LYS A 19 0.88 13.53 -2.16
N ALA A 20 -0.34 13.46 -1.63
CA ALA A 20 -1.09 14.67 -1.28
C ALA A 20 -0.77 15.15 0.13
N LEU A 21 -0.11 14.30 0.91
CA LEU A 21 0.25 14.66 2.29
C LEU A 21 1.41 15.65 2.30
N GLY A 22 2.27 15.58 1.29
CA GLY A 22 3.40 16.47 1.20
C GLY A 22 4.25 16.21 -0.01
N GLY A 23 5.51 16.66 0.04
CA GLY A 23 6.41 16.46 -1.08
C GLY A 23 7.85 16.81 -0.75
N GLY A 24 8.62 15.80 -0.34
CA GLY A 24 10.01 16.04 0.00
C GLY A 24 10.80 14.75 0.11
N GLY A 25 11.78 14.73 1.01
CA GLY A 25 12.60 13.54 1.20
C GLY A 25 11.88 12.48 2.01
N ARG A 26 11.01 12.91 2.92
CA ARG A 26 10.26 11.99 3.76
C ARG A 26 9.05 11.43 3.02
N ILE A 27 8.34 12.32 2.31
CA ILE A 27 7.15 11.94 1.57
C ILE A 27 7.49 11.04 0.38
N GLU A 28 8.53 11.40 -0.37
CA GLU A 28 8.95 10.66 -1.56
C GLU A 28 9.37 9.23 -1.24
N GLU A 29 10.10 9.05 -0.13
CA GLU A 29 10.59 7.74 0.26
C GLU A 29 9.44 6.81 0.70
N LEU A 30 8.48 7.40 1.40
CA LEU A 30 7.33 6.65 1.92
C LEU A 30 6.54 5.96 0.81
N LYS A 31 6.27 6.68 -0.27
CA LYS A 31 5.51 6.15 -1.40
C LYS A 31 6.25 5.02 -2.11
N LYS A 32 7.58 5.12 -2.18
CA LYS A 32 8.37 4.11 -2.86
C LYS A 32 8.10 2.72 -2.27
N LYS A 33 7.97 2.66 -0.96
CA LYS A 33 7.66 1.40 -0.28
C LYS A 33 6.31 0.88 -0.74
N TYR A 34 5.38 1.80 -0.97
CA TYR A 34 4.04 1.45 -1.41
C TYR A 34 4.07 0.66 -2.72
N GLU A 35 4.98 1.02 -3.62
CA GLU A 35 5.11 0.34 -4.89
C GLU A 35 5.33 -1.15 -4.69
N GLU A 36 6.18 -1.49 -3.72
CA GLU A 36 6.48 -2.88 -3.41
C GLU A 36 5.20 -3.63 -3.05
N LEU A 37 4.31 -2.94 -2.34
CA LEU A 37 3.04 -3.54 -1.91
C LEU A 37 2.21 -4.01 -3.10
N LYS A 38 2.12 -3.19 -4.12
CA LYS A 38 1.35 -3.51 -5.32
C LYS A 38 1.86 -4.78 -5.99
N LYS A 39 3.17 -4.95 -6.03
CA LYS A 39 3.78 -6.11 -6.67
C LYS A 39 3.42 -7.42 -5.97
N LYS A 40 3.32 -7.39 -4.64
CA LYS A 40 3.01 -8.58 -3.87
C LYS A 40 1.59 -9.11 -4.16
N ILE A 41 0.63 -8.19 -4.18
CA ILE A 41 -0.76 -8.56 -4.45
C ILE A 41 -0.89 -9.20 -5.82
N GLU A 42 -0.09 -8.71 -6.76
CA GLU A 42 -0.09 -9.22 -8.12
C GLU A 42 0.39 -10.67 -8.14
N GLU A 43 1.30 -10.99 -7.22
CA GLU A 43 1.84 -12.35 -7.13
C GLU A 43 0.88 -13.27 -6.39
N LEU A 44 0.05 -12.69 -5.52
CA LEU A 44 -0.91 -13.47 -4.75
C LEU A 44 -1.82 -14.29 -5.68
N GLY A 45 -1.66 -15.61 -5.64
CA GLY A 45 -2.46 -16.48 -6.47
C GLY A 45 -3.84 -16.73 -5.89
N GLY A 46 -3.89 -17.08 -4.61
CA GLY A 46 -5.16 -17.33 -3.97
C GLY A 46 -5.01 -18.14 -2.70
N GLY A 47 -5.21 -17.50 -1.56
CA GLY A 47 -5.08 -18.18 -0.28
C GLY A 47 -5.33 -17.26 0.90
N GLY A 48 -4.72 -17.58 2.03
CA GLY A 48 -4.90 -16.77 3.23
C GLY A 48 -3.76 -15.79 3.42
N GLU A 49 -3.17 -15.34 2.31
CA GLU A 49 -2.07 -14.39 2.37
C GLU A 49 -2.56 -12.96 2.14
N VAL A 50 -3.73 -12.83 1.52
CA VAL A 50 -4.29 -11.51 1.25
C VAL A 50 -4.43 -10.70 2.52
N LYS A 51 -4.63 -11.37 3.64
CA LYS A 51 -4.77 -10.70 4.93
C LYS A 51 -3.45 -10.08 5.37
N LYS A 52 -2.35 -10.75 5.02
CA LYS A 52 -1.02 -10.27 5.38
C LYS A 52 -0.68 -8.98 4.64
N VAL A 53 -1.18 -8.86 3.42
CA VAL A 53 -0.93 -7.69 2.59
C VAL A 53 -1.65 -6.45 3.14
N GLU A 54 -2.87 -6.64 3.63
CA GLU A 54 -3.65 -5.53 4.16
C GLU A 54 -3.02 -4.95 5.42
N GLU A 55 -2.40 -5.81 6.22
CA GLU A 55 -1.78 -5.39 7.47
C GLU A 55 -0.51 -4.56 7.24
N GLU A 56 0.26 -4.92 6.21
CA GLU A 56 1.51 -4.22 5.91
C GLU A 56 1.26 -2.78 5.45
N VAL A 57 0.27 -2.59 4.59
CA VAL A 57 -0.04 -1.27 4.07
C VAL A 57 -0.50 -0.34 5.21
N LYS A 58 -1.21 -0.91 6.17
CA LYS A 58 -1.71 -0.14 7.31
C LYS A 58 -0.56 0.57 8.02
N LYS A 59 0.60 -0.07 8.03
CA LYS A 59 1.79 0.50 8.66
C LYS A 59 2.29 1.73 7.91
N LEU A 60 2.20 1.68 6.58
CA LEU A 60 2.66 2.78 5.74
C LEU A 60 1.94 4.09 6.04
N GLU A 61 0.63 4.03 6.19
CA GLU A 61 -0.16 5.22 6.48
C GLU A 61 0.12 5.74 7.88
N GLU A 62 0.40 4.83 8.80
CA GLU A 62 0.69 5.20 10.19
C GLU A 62 1.87 6.17 10.24
N GLU A 63 2.87 5.92 9.41
CA GLU A 63 4.05 6.78 9.35
C GLU A 63 3.66 8.17 8.85
N ILE A 64 2.67 8.22 7.96
CA ILE A 64 2.20 9.48 7.41
C ILE A 64 1.67 10.40 8.50
N LYS A 65 1.07 9.79 9.53
CA LYS A 65 0.52 10.56 10.65
C LYS A 65 1.65 11.16 11.48
N LYS A 66 2.73 10.42 11.64
CA LYS A 66 3.87 10.88 12.41
C LYS A 66 4.44 12.16 11.82
N LEU A 67 4.29 12.33 10.50
CA LEU A 67 4.78 13.51 9.81
C LEU A 67 3.65 14.48 9.51
N GLY A 1 -9.77 -15.16 -7.09
CA GLY A 1 -9.62 -13.67 -7.09
C GLY A 1 -10.71 -12.98 -6.31
N SER A 2 -11.21 -11.87 -6.85
CA SER A 2 -12.27 -11.10 -6.19
C SER A 2 -11.74 -10.42 -4.94
N ARG A 3 -11.39 -11.22 -3.93
CA ARG A 3 -10.87 -10.70 -2.68
C ARG A 3 -9.45 -10.18 -2.85
N VAL A 4 -8.66 -10.87 -3.66
CA VAL A 4 -7.28 -10.47 -3.91
C VAL A 4 -7.21 -9.21 -4.76
N LYS A 5 -8.02 -9.18 -5.83
CA LYS A 5 -8.05 -8.04 -6.72
C LYS A 5 -8.52 -6.79 -5.99
N ALA A 6 -9.57 -6.94 -5.19
CA ALA A 6 -10.12 -5.83 -4.42
C ALA A 6 -9.04 -5.22 -3.54
N LEU A 7 -8.16 -6.08 -3.03
CA LEU A 7 -7.07 -5.65 -2.17
C LEU A 7 -6.18 -4.65 -2.89
N GLU A 8 -5.92 -4.91 -4.17
CA GLU A 8 -5.06 -4.06 -4.99
C GLU A 8 -5.66 -2.67 -5.22
N GLU A 9 -6.98 -2.60 -5.34
CA GLU A 9 -7.65 -1.32 -5.58
C GLU A 9 -7.55 -0.38 -4.38
N LYS A 10 -7.60 -0.93 -3.17
CA LYS A 10 -7.53 -0.12 -1.95
C LYS A 10 -6.13 0.42 -1.72
N VAL A 11 -5.11 -0.36 -2.09
CA VAL A 11 -3.72 0.04 -1.90
C VAL A 11 -3.35 1.27 -2.73
N LYS A 12 -3.81 1.30 -3.98
CA LYS A 12 -3.50 2.42 -4.88
C LYS A 12 -4.23 3.68 -4.45
N ALA A 13 -5.46 3.52 -3.98
CA ALA A 13 -6.24 4.66 -3.54
C ALA A 13 -5.48 5.40 -2.45
N LEU A 14 -4.79 4.65 -1.62
CA LEU A 14 -3.99 5.24 -0.54
C LEU A 14 -2.76 5.93 -1.11
N GLU A 15 -2.27 5.41 -2.23
CA GLU A 15 -1.09 5.96 -2.88
C GLU A 15 -1.26 7.45 -3.20
N GLU A 16 -2.46 7.81 -3.62
CA GLU A 16 -2.79 9.19 -3.97
C GLU A 16 -2.74 10.11 -2.76
N LYS A 17 -3.11 9.58 -1.60
CA LYS A 17 -3.11 10.37 -0.37
C LYS A 17 -1.69 10.68 0.08
N VAL A 18 -0.75 9.79 -0.24
CA VAL A 18 0.64 9.97 0.15
C VAL A 18 1.31 11.11 -0.62
N LYS A 19 1.11 11.14 -1.93
CA LYS A 19 1.70 12.18 -2.78
C LYS A 19 1.05 13.53 -2.53
N ALA A 20 -0.18 13.51 -2.01
CA ALA A 20 -0.92 14.73 -1.73
C ALA A 20 -0.45 15.39 -0.45
N LEU A 21 0.05 14.58 0.48
CA LEU A 21 0.53 15.10 1.77
C LEU A 21 1.84 15.86 1.60
N GLY A 22 2.49 15.70 0.44
CA GLY A 22 3.74 16.38 0.19
C GLY A 22 4.71 15.53 -0.60
N GLY A 23 5.98 15.94 -0.63
CA GLY A 23 6.98 15.20 -1.36
C GLY A 23 8.35 15.86 -1.30
N GLY A 24 9.22 15.36 -0.43
CA GLY A 24 10.55 15.92 -0.30
C GLY A 24 11.33 15.32 0.85
N GLY A 25 11.52 14.00 0.81
CA GLY A 25 12.25 13.32 1.85
C GLY A 25 11.45 12.21 2.50
N ARG A 26 10.88 12.49 3.68
CA ARG A 26 10.08 11.51 4.40
C ARG A 26 8.91 11.03 3.56
N ILE A 27 8.24 11.97 2.90
CA ILE A 27 7.09 11.66 2.07
C ILE A 27 7.46 10.85 0.83
N GLU A 28 8.53 11.25 0.15
CA GLU A 28 8.98 10.58 -1.06
C GLU A 28 9.36 9.12 -0.83
N GLU A 29 10.13 8.86 0.23
CA GLU A 29 10.57 7.51 0.54
C GLU A 29 9.39 6.59 0.88
N LEU A 30 8.42 7.14 1.59
CA LEU A 30 7.25 6.37 2.03
C LEU A 30 6.49 5.77 0.84
N LYS A 31 6.25 6.57 -0.19
CA LYS A 31 5.53 6.09 -1.38
C LYS A 31 6.33 5.04 -2.13
N LYS A 32 7.65 5.17 -2.14
CA LYS A 32 8.50 4.22 -2.85
C LYS A 32 8.25 2.81 -2.34
N LYS A 33 8.05 2.68 -1.03
CA LYS A 33 7.77 1.38 -0.42
C LYS A 33 6.40 0.88 -0.88
N TYR A 34 5.47 1.81 -1.06
CA TYR A 34 4.12 1.49 -1.49
C TYR A 34 4.12 0.72 -2.81
N GLU A 35 5.01 1.08 -3.71
CA GLU A 35 5.10 0.41 -5.02
C GLU A 35 5.33 -1.08 -4.84
N GLU A 36 6.22 -1.43 -3.92
CA GLU A 36 6.53 -2.84 -3.65
C GLU A 36 5.27 -3.60 -3.23
N LEU A 37 4.42 -2.92 -2.47
CA LEU A 37 3.18 -3.51 -1.98
C LEU A 37 2.29 -3.99 -3.13
N LYS A 38 2.15 -3.15 -4.14
CA LYS A 38 1.31 -3.46 -5.30
C LYS A 38 1.77 -4.74 -5.99
N LYS A 39 3.09 -4.91 -6.09
CA LYS A 39 3.67 -6.08 -6.76
C LYS A 39 3.32 -7.38 -6.04
N LYS A 40 3.28 -7.35 -4.71
CA LYS A 40 3.00 -8.55 -3.92
C LYS A 40 1.58 -9.06 -4.15
N ILE A 41 0.61 -8.14 -4.13
CA ILE A 41 -0.79 -8.49 -4.33
C ILE A 41 -1.00 -9.13 -5.69
N GLU A 42 -0.23 -8.66 -6.67
CA GLU A 42 -0.31 -9.19 -8.02
C GLU A 42 0.16 -10.63 -8.06
N GLU A 43 1.11 -10.95 -7.20
CA GLU A 43 1.66 -12.30 -7.11
C GLU A 43 0.73 -13.23 -6.34
N LEU A 44 -0.08 -12.65 -5.46
CA LEU A 44 -1.02 -13.43 -4.67
C LEU A 44 -1.94 -14.27 -5.55
N GLY A 45 -1.63 -15.56 -5.67
CA GLY A 45 -2.45 -16.43 -6.49
C GLY A 45 -3.44 -17.24 -5.67
N GLY A 46 -2.97 -17.78 -4.55
CA GLY A 46 -3.83 -18.57 -3.69
C GLY A 46 -4.54 -17.73 -2.65
N GLY A 47 -5.01 -18.37 -1.58
CA GLY A 47 -5.70 -17.67 -0.53
C GLY A 47 -5.08 -17.92 0.84
N GLY A 48 -4.96 -16.84 1.63
CA GLY A 48 -4.37 -16.97 2.95
C GLY A 48 -3.31 -15.92 3.22
N GLU A 49 -2.67 -15.44 2.15
CA GLU A 49 -1.63 -14.43 2.28
C GLU A 49 -2.21 -13.02 2.10
N VAL A 50 -3.40 -12.93 1.53
CA VAL A 50 -4.04 -11.65 1.30
C VAL A 50 -4.14 -10.83 2.58
N LYS A 51 -4.25 -11.53 3.72
CA LYS A 51 -4.34 -10.87 5.02
C LYS A 51 -3.01 -10.20 5.38
N LYS A 52 -1.91 -10.89 5.11
CA LYS A 52 -0.59 -10.36 5.41
C LYS A 52 -0.30 -9.07 4.66
N VAL A 53 -0.84 -8.97 3.44
CA VAL A 53 -0.65 -7.79 2.60
C VAL A 53 -1.40 -6.58 3.15
N GLU A 54 -2.60 -6.80 3.67
CA GLU A 54 -3.41 -5.72 4.21
C GLU A 54 -2.73 -5.04 5.39
N GLU A 55 -2.03 -5.84 6.21
CA GLU A 55 -1.33 -5.32 7.37
C GLU A 55 -0.12 -4.48 6.96
N GLU A 56 0.54 -4.92 5.88
CA GLU A 56 1.73 -4.26 5.38
C GLU A 56 1.45 -2.80 5.00
N VAL A 57 0.34 -2.56 4.32
CA VAL A 57 -0.03 -1.22 3.90
C VAL A 57 -0.45 -0.34 5.07
N LYS A 58 -1.11 -0.95 6.05
CA LYS A 58 -1.58 -0.24 7.23
C LYS A 58 -0.43 0.51 7.92
N LYS A 59 0.76 -0.08 7.88
CA LYS A 59 1.92 0.53 8.51
C LYS A 59 2.35 1.80 7.77
N LEU A 60 2.24 1.78 6.44
CA LEU A 60 2.63 2.91 5.61
C LEU A 60 1.85 4.17 5.95
N GLU A 61 0.54 4.04 6.10
CA GLU A 61 -0.31 5.19 6.42
C GLU A 61 -0.05 5.71 7.83
N GLU A 62 0.28 4.80 8.74
CA GLU A 62 0.56 5.16 10.13
C GLU A 62 1.70 6.16 10.21
N GLU A 63 2.69 5.99 9.34
CA GLU A 63 3.83 6.88 9.30
C GLU A 63 3.41 8.26 8.82
N ILE A 64 2.41 8.29 7.94
CA ILE A 64 1.90 9.54 7.39
C ILE A 64 1.30 10.41 8.49
N LYS A 65 0.71 9.76 9.50
CA LYS A 65 0.10 10.48 10.61
C LYS A 65 1.17 11.08 11.52
N LYS A 66 2.26 10.35 11.70
CA LYS A 66 3.35 10.81 12.55
C LYS A 66 4.02 12.05 11.95
N LEU A 67 3.90 12.20 10.63
CA LEU A 67 4.49 13.35 9.94
C LEU A 67 3.42 14.39 9.61
N GLY A 1 -9.12 -15.24 -8.00
CA GLY A 1 -8.85 -13.79 -7.79
C GLY A 1 -10.04 -13.06 -7.18
N SER A 2 -10.43 -11.95 -7.79
CA SER A 2 -11.55 -11.15 -7.29
C SER A 2 -11.21 -10.49 -5.96
N ARG A 3 -11.07 -11.31 -4.92
CA ARG A 3 -10.75 -10.81 -3.59
C ARG A 3 -9.32 -10.24 -3.54
N VAL A 4 -8.42 -10.89 -4.26
CA VAL A 4 -7.02 -10.46 -4.31
C VAL A 4 -6.88 -9.17 -5.13
N LYS A 5 -7.54 -9.14 -6.29
CA LYS A 5 -7.48 -7.96 -7.15
C LYS A 5 -8.05 -6.74 -6.44
N ALA A 6 -9.15 -6.93 -5.71
CA ALA A 6 -9.77 -5.86 -4.97
C ALA A 6 -8.78 -5.24 -3.99
N LEU A 7 -7.93 -6.10 -3.44
CA LEU A 7 -6.91 -5.68 -2.49
C LEU A 7 -5.98 -4.63 -3.12
N GLU A 8 -5.63 -4.85 -4.37
CA GLU A 8 -4.74 -3.95 -5.09
C GLU A 8 -5.38 -2.58 -5.32
N GLU A 9 -6.70 -2.57 -5.47
CA GLU A 9 -7.45 -1.34 -5.72
C GLU A 9 -7.42 -0.41 -4.50
N LYS A 10 -7.49 -0.98 -3.31
CA LYS A 10 -7.49 -0.19 -2.07
C LYS A 10 -6.11 0.41 -1.79
N VAL A 11 -5.07 -0.34 -2.13
CA VAL A 11 -3.70 0.10 -1.90
C VAL A 11 -3.37 1.37 -2.69
N LYS A 12 -3.82 1.42 -3.94
CA LYS A 12 -3.57 2.55 -4.81
C LYS A 12 -4.32 3.79 -4.34
N ALA A 13 -5.54 3.59 -3.88
CA ALA A 13 -6.36 4.70 -3.42
C ALA A 13 -5.61 5.44 -2.32
N LEU A 14 -4.90 4.68 -1.49
CA LEU A 14 -4.12 5.26 -0.41
C LEU A 14 -2.91 6.00 -0.98
N GLU A 15 -2.42 5.50 -2.11
CA GLU A 15 -1.26 6.08 -2.78
C GLU A 15 -1.45 7.56 -3.07
N GLU A 16 -2.67 7.92 -3.46
CA GLU A 16 -3.01 9.30 -3.78
C GLU A 16 -2.92 10.20 -2.57
N LYS A 17 -3.24 9.64 -1.40
CA LYS A 17 -3.19 10.40 -0.16
C LYS A 17 -1.75 10.72 0.22
N VAL A 18 -0.83 9.84 -0.15
CA VAL A 18 0.58 10.01 0.17
C VAL A 18 1.21 11.18 -0.59
N LYS A 19 0.94 11.25 -1.88
CA LYS A 19 1.50 12.32 -2.71
C LYS A 19 0.85 13.66 -2.38
N ALA A 20 -0.35 13.61 -1.81
CA ALA A 20 -1.07 14.82 -1.44
C ALA A 20 -0.68 15.31 -0.04
N LEU A 21 -0.01 14.46 0.72
CA LEU A 21 0.42 14.83 2.08
C LEU A 21 1.52 15.87 2.03
N GLY A 22 2.31 15.87 0.97
CA GLY A 22 3.38 16.84 0.84
C GLY A 22 4.44 16.41 -0.16
N GLY A 23 5.64 16.98 -0.04
CA GLY A 23 6.71 16.63 -0.94
C GLY A 23 8.08 16.94 -0.36
N GLY A 24 8.72 15.93 0.22
CA GLY A 24 10.03 16.13 0.81
C GLY A 24 10.86 14.86 0.81
N GLY A 25 11.65 14.67 1.86
CA GLY A 25 12.49 13.48 1.95
C GLY A 25 11.74 12.28 2.48
N ARG A 26 10.86 12.51 3.45
CA ARG A 26 10.08 11.43 4.04
C ARG A 26 8.83 11.13 3.23
N ILE A 27 8.30 12.16 2.56
CA ILE A 27 7.10 12.01 1.74
C ILE A 27 7.36 11.12 0.51
N GLU A 28 8.47 11.38 -0.17
CA GLU A 28 8.83 10.64 -1.39
C GLU A 28 9.20 9.19 -1.11
N GLU A 29 10.04 8.97 -0.12
CA GLU A 29 10.50 7.61 0.22
C GLU A 29 9.34 6.71 0.63
N LEU A 30 8.39 7.27 1.35
CA LEU A 30 7.23 6.52 1.84
C LEU A 30 6.43 5.89 0.70
N LYS A 31 6.15 6.65 -0.34
CA LYS A 31 5.38 6.14 -1.47
C LYS A 31 6.14 5.06 -2.23
N LYS A 32 7.46 5.20 -2.30
CA LYS A 32 8.28 4.22 -2.99
C LYS A 32 8.05 2.82 -2.44
N LYS A 33 7.92 2.74 -1.12
CA LYS A 33 7.66 1.47 -0.45
C LYS A 33 6.30 0.94 -0.86
N TYR A 34 5.35 1.86 -1.05
CA TYR A 34 3.99 1.50 -1.43
C TYR A 34 3.97 0.69 -2.73
N GLU A 35 4.86 1.05 -3.67
CA GLU A 35 4.94 0.34 -4.94
C GLU A 35 5.18 -1.15 -4.71
N GLU A 36 6.10 -1.46 -3.80
CA GLU A 36 6.42 -2.84 -3.48
C GLU A 36 5.18 -3.57 -2.99
N LEU A 37 4.34 -2.87 -2.24
CA LEU A 37 3.11 -3.44 -1.70
C LEU A 37 2.20 -3.95 -2.82
N LYS A 38 2.16 -3.23 -3.92
CA LYS A 38 1.32 -3.59 -5.07
C LYS A 38 1.78 -4.91 -5.68
N LYS A 39 3.10 -5.08 -5.78
CA LYS A 39 3.69 -6.28 -6.37
C LYS A 39 3.29 -7.55 -5.61
N LYS A 40 3.23 -7.45 -4.28
CA LYS A 40 2.89 -8.59 -3.43
C LYS A 40 1.50 -9.14 -3.75
N ILE A 41 0.58 -8.24 -4.08
CA ILE A 41 -0.79 -8.63 -4.41
C ILE A 41 -0.84 -9.32 -5.76
N GLU A 42 0.01 -8.87 -6.67
CA GLU A 42 0.07 -9.44 -8.01
C GLU A 42 0.47 -10.92 -7.95
N GLU A 43 1.29 -11.26 -6.97
CA GLU A 43 1.75 -12.64 -6.80
C GLU A 43 0.66 -13.49 -6.16
N LEU A 44 -0.17 -12.86 -5.32
CA LEU A 44 -1.24 -13.58 -4.64
C LEU A 44 -2.19 -14.22 -5.65
N GLY A 45 -2.19 -15.55 -5.70
CA GLY A 45 -3.06 -16.26 -6.63
C GLY A 45 -4.20 -16.98 -5.92
N GLY A 46 -3.85 -17.95 -5.08
CA GLY A 46 -4.86 -18.69 -4.35
C GLY A 46 -5.10 -18.16 -2.96
N GLY A 47 -4.99 -16.84 -2.81
CA GLY A 47 -5.20 -16.21 -1.51
C GLY A 47 -4.26 -16.76 -0.45
N GLY A 48 -4.64 -16.59 0.81
CA GLY A 48 -3.82 -17.06 1.91
C GLY A 48 -2.93 -15.97 2.47
N GLU A 49 -2.39 -15.13 1.59
CA GLU A 49 -1.51 -14.04 2.00
C GLU A 49 -2.21 -12.69 1.86
N VAL A 50 -3.41 -12.69 1.28
CA VAL A 50 -4.16 -11.45 1.08
C VAL A 50 -4.37 -10.71 2.40
N LYS A 51 -4.56 -11.48 3.48
CA LYS A 51 -4.77 -10.89 4.80
C LYS A 51 -3.49 -10.24 5.30
N LYS A 52 -2.36 -10.92 5.09
CA LYS A 52 -1.06 -10.41 5.52
C LYS A 52 -0.71 -9.12 4.79
N VAL A 53 -1.14 -9.02 3.53
CA VAL A 53 -0.86 -7.83 2.72
C VAL A 53 -1.58 -6.60 3.26
N GLU A 54 -2.80 -6.78 3.73
CA GLU A 54 -3.59 -5.67 4.27
C GLU A 54 -2.89 -5.03 5.47
N GLU A 55 -2.22 -5.85 6.27
CA GLU A 55 -1.51 -5.36 7.45
C GLU A 55 -0.27 -4.55 7.05
N GLU A 56 0.37 -4.98 5.98
CA GLU A 56 1.58 -4.32 5.49
C GLU A 56 1.32 -2.85 5.15
N VAL A 57 0.23 -2.59 4.44
CA VAL A 57 -0.11 -1.24 4.04
C VAL A 57 -0.50 -0.37 5.23
N LYS A 58 -1.16 -0.98 6.22
CA LYS A 58 -1.59 -0.24 7.41
C LYS A 58 -0.41 0.47 8.07
N LYS A 59 0.76 -0.16 7.98
CA LYS A 59 1.98 0.42 8.57
C LYS A 59 2.42 1.67 7.82
N LEU A 60 2.26 1.65 6.49
CA LEU A 60 2.66 2.78 5.64
C LEU A 60 1.93 4.07 6.00
N GLU A 61 0.62 3.99 6.21
CA GLU A 61 -0.17 5.16 6.55
C GLU A 61 0.17 5.66 7.96
N GLU A 62 0.49 4.73 8.85
CA GLU A 62 0.83 5.06 10.22
C GLU A 62 2.00 6.02 10.28
N GLU A 63 2.96 5.83 9.39
CA GLU A 63 4.12 6.70 9.32
C GLU A 63 3.72 8.09 8.87
N ILE A 64 2.71 8.15 8.01
CA ILE A 64 2.21 9.42 7.49
C ILE A 64 1.67 10.30 8.62
N LYS A 65 1.10 9.67 9.64
CA LYS A 65 0.54 10.40 10.77
C LYS A 65 1.65 11.13 11.53
N LYS A 66 2.82 10.51 11.60
CA LYS A 66 3.96 11.10 12.29
C LYS A 66 4.53 12.28 11.51
N LEU A 67 4.30 12.27 10.19
CA LEU A 67 4.80 13.32 9.33
C LEU A 67 3.67 14.29 8.95
N GLY A 1 -6.74 -12.25 -9.05
CA GLY A 1 -7.76 -13.33 -8.97
C GLY A 1 -9.05 -12.87 -8.32
N SER A 2 -9.68 -11.86 -8.91
CA SER A 2 -10.93 -11.32 -8.39
C SER A 2 -10.72 -10.69 -7.01
N ARG A 3 -10.64 -11.52 -5.98
CA ARG A 3 -10.44 -11.04 -4.62
C ARG A 3 -9.04 -10.46 -4.45
N VAL A 4 -8.08 -11.01 -5.19
CA VAL A 4 -6.69 -10.54 -5.12
C VAL A 4 -6.55 -9.20 -5.81
N LYS A 5 -7.15 -9.07 -6.99
CA LYS A 5 -7.09 -7.81 -7.74
C LYS A 5 -7.72 -6.69 -6.95
N ALA A 6 -8.87 -6.97 -6.33
CA ALA A 6 -9.58 -5.98 -5.53
C ALA A 6 -8.67 -5.46 -4.43
N LEU A 7 -7.84 -6.35 -3.90
CA LEU A 7 -6.90 -6.00 -2.83
C LEU A 7 -5.96 -4.89 -3.29
N GLU A 8 -5.51 -4.99 -4.53
CA GLU A 8 -4.60 -4.00 -5.11
C GLU A 8 -5.29 -2.63 -5.24
N GLU A 9 -6.60 -2.66 -5.48
CA GLU A 9 -7.38 -1.43 -5.65
C GLU A 9 -7.42 -0.58 -4.38
N LYS A 10 -7.49 -1.24 -3.23
CA LYS A 10 -7.56 -0.53 -1.95
C LYS A 10 -6.22 0.13 -1.60
N VAL A 11 -5.13 -0.53 -1.98
CA VAL A 11 -3.79 -0.01 -1.70
C VAL A 11 -3.52 1.29 -2.47
N LYS A 12 -4.03 1.36 -3.68
CA LYS A 12 -3.85 2.53 -4.53
C LYS A 12 -4.62 3.73 -4.01
N ALA A 13 -5.81 3.47 -3.50
CA ALA A 13 -6.65 4.53 -2.96
C ALA A 13 -5.89 5.29 -1.89
N LEU A 14 -5.10 4.55 -1.12
CA LEU A 14 -4.28 5.18 -0.08
C LEU A 14 -3.15 5.99 -0.71
N GLU A 15 -2.70 5.53 -1.87
CA GLU A 15 -1.61 6.20 -2.59
C GLU A 15 -1.90 7.68 -2.82
N GLU A 16 -3.16 7.99 -3.10
CA GLU A 16 -3.59 9.36 -3.36
C GLU A 16 -3.46 10.24 -2.13
N LYS A 17 -3.69 9.66 -0.96
CA LYS A 17 -3.59 10.41 0.29
C LYS A 17 -2.13 10.75 0.60
N VAL A 18 -1.22 9.90 0.15
CA VAL A 18 0.21 10.11 0.39
C VAL A 18 0.74 11.32 -0.37
N LYS A 19 0.38 11.42 -1.64
CA LYS A 19 0.80 12.55 -2.48
C LYS A 19 0.11 13.83 -2.05
N ALA A 20 -1.04 13.68 -1.40
CA ALA A 20 -1.83 14.81 -0.93
C ALA A 20 -1.17 15.50 0.26
N LEU A 21 -0.46 14.72 1.08
CA LEU A 21 0.22 15.26 2.24
C LEU A 21 1.45 16.07 1.83
N GLY A 22 1.90 15.87 0.59
CA GLY A 22 3.06 16.59 0.09
C GLY A 22 3.90 15.74 -0.85
N GLY A 23 5.14 16.15 -1.06
CA GLY A 23 6.02 15.41 -1.94
C GLY A 23 7.38 16.06 -2.09
N GLY A 24 8.33 15.64 -1.26
CA GLY A 24 9.67 16.21 -1.32
C GLY A 24 10.55 15.72 -0.19
N GLY A 25 11.05 14.48 -0.31
CA GLY A 25 11.91 13.92 0.71
C GLY A 25 11.23 12.83 1.50
N ARG A 26 10.91 13.12 2.76
CA ARG A 26 10.26 12.16 3.64
C ARG A 26 9.01 11.57 2.98
N ILE A 27 8.19 12.44 2.40
CA ILE A 27 6.96 12.02 1.74
C ILE A 27 7.24 11.20 0.48
N GLU A 28 8.18 11.67 -0.34
CA GLU A 28 8.52 11.00 -1.60
C GLU A 28 9.00 9.57 -1.36
N GLU A 29 9.92 9.39 -0.41
CA GLU A 29 10.46 8.08 -0.09
C GLU A 29 9.37 7.11 0.36
N LEU A 30 8.41 7.62 1.13
CA LEU A 30 7.33 6.81 1.66
C LEU A 30 6.52 6.13 0.57
N LYS A 31 6.15 6.87 -0.47
CA LYS A 31 5.36 6.30 -1.57
C LYS A 31 6.15 5.25 -2.34
N LYS A 32 7.46 5.45 -2.47
CA LYS A 32 8.29 4.50 -3.19
C LYS A 32 8.15 3.11 -2.58
N LYS A 33 8.08 3.06 -1.26
CA LYS A 33 7.90 1.81 -0.54
C LYS A 33 6.55 1.20 -0.89
N TYR A 34 5.57 2.08 -1.08
CA TYR A 34 4.20 1.65 -1.41
C TYR A 34 4.19 0.79 -2.67
N GLU A 35 5.03 1.14 -3.65
CA GLU A 35 5.10 0.39 -4.90
C GLU A 35 5.42 -1.07 -4.62
N GLU A 36 6.36 -1.29 -3.70
CA GLU A 36 6.76 -2.64 -3.32
C GLU A 36 5.55 -3.42 -2.81
N LEU A 37 4.68 -2.73 -2.09
CA LEU A 37 3.48 -3.34 -1.52
C LEU A 37 2.61 -3.96 -2.62
N LYS A 38 2.49 -3.24 -3.74
CA LYS A 38 1.68 -3.72 -4.86
C LYS A 38 2.20 -5.06 -5.37
N LYS A 39 3.51 -5.19 -5.43
CA LYS A 39 4.14 -6.42 -5.90
C LYS A 39 3.75 -7.61 -5.03
N LYS A 40 3.64 -7.39 -3.72
CA LYS A 40 3.28 -8.45 -2.79
C LYS A 40 1.90 -9.02 -3.11
N ILE A 41 1.00 -8.15 -3.56
CA ILE A 41 -0.35 -8.56 -3.91
C ILE A 41 -0.33 -9.45 -5.14
N GLU A 42 0.60 -9.16 -6.04
CA GLU A 42 0.75 -9.92 -7.27
C GLU A 42 1.15 -11.36 -6.96
N GLU A 43 1.94 -11.54 -5.90
CA GLU A 43 2.41 -12.86 -5.51
C GLU A 43 1.28 -13.74 -4.97
N LEU A 44 0.49 -13.20 -4.05
CA LEU A 44 -0.61 -13.96 -3.47
C LEU A 44 -1.59 -14.43 -4.54
N GLY A 45 -1.73 -15.74 -4.68
CA GLY A 45 -2.63 -16.30 -5.67
C GLY A 45 -3.80 -17.04 -5.04
N GLY A 46 -3.50 -17.86 -4.05
CA GLY A 46 -4.54 -18.62 -3.37
C GLY A 46 -5.55 -17.74 -2.68
N GLY A 47 -6.09 -18.21 -1.56
CA GLY A 47 -7.06 -17.44 -0.81
C GLY A 47 -6.74 -17.36 0.67
N GLY A 48 -6.90 -16.18 1.25
CA GLY A 48 -6.61 -16.01 2.66
C GLY A 48 -5.41 -15.11 2.91
N GLU A 49 -4.57 -14.97 1.89
CA GLU A 49 -3.37 -14.13 2.02
C GLU A 49 -3.72 -12.67 1.82
N VAL A 50 -4.79 -12.40 1.06
CA VAL A 50 -5.22 -11.03 0.79
C VAL A 50 -5.42 -10.25 2.09
N LYS A 51 -5.81 -10.97 3.14
CA LYS A 51 -6.05 -10.34 4.44
C LYS A 51 -4.73 -9.86 5.06
N LYS A 52 -3.69 -10.67 4.91
CA LYS A 52 -2.38 -10.32 5.46
C LYS A 52 -1.79 -9.12 4.75
N VAL A 53 -2.07 -8.99 3.46
CA VAL A 53 -1.55 -7.88 2.66
C VAL A 53 -2.13 -6.54 3.13
N GLU A 54 -3.41 -6.54 3.49
CA GLU A 54 -4.08 -5.33 3.96
C GLU A 54 -3.37 -4.75 5.18
N GLU A 55 -2.85 -5.64 6.03
CA GLU A 55 -2.14 -5.21 7.23
C GLU A 55 -0.80 -4.58 6.87
N GLU A 56 -0.16 -5.12 5.83
CA GLU A 56 1.13 -4.63 5.38
C GLU A 56 1.09 -3.15 4.99
N VAL A 57 0.01 -2.76 4.31
CA VAL A 57 -0.15 -1.37 3.89
C VAL A 57 -0.46 -0.46 5.08
N LYS A 58 -1.20 -0.97 6.05
CA LYS A 58 -1.57 -0.20 7.23
C LYS A 58 -0.34 0.38 7.91
N LYS A 59 0.76 -0.36 7.85
CA LYS A 59 2.01 0.09 8.45
C LYS A 59 2.56 1.31 7.72
N LEU A 60 2.40 1.30 6.40
CA LEU A 60 2.89 2.40 5.56
C LEU A 60 2.26 3.74 5.93
N GLU A 61 0.95 3.76 6.15
CA GLU A 61 0.26 4.99 6.51
C GLU A 61 0.69 5.47 7.90
N GLU A 62 0.99 4.52 8.77
CA GLU A 62 1.44 4.85 10.13
C GLU A 62 2.64 5.78 10.07
N GLU A 63 3.50 5.56 9.09
CA GLU A 63 4.69 6.37 8.89
C GLU A 63 4.30 7.76 8.41
N ILE A 64 3.22 7.83 7.63
CA ILE A 64 2.76 9.10 7.08
C ILE A 64 2.49 10.13 8.17
N LYS A 65 1.78 9.71 9.22
CA LYS A 65 1.46 10.62 10.32
C LYS A 65 2.69 10.91 11.17
N LYS A 66 3.70 10.04 11.08
CA LYS A 66 4.93 10.22 11.85
C LYS A 66 5.86 11.24 11.18
N LEU A 67 5.59 11.54 9.91
CA LEU A 67 6.41 12.49 9.16
C LEU A 67 5.83 13.91 9.28
N GLY A 1 -9.69 -14.74 -10.62
CA GLY A 1 -9.28 -13.79 -9.54
C GLY A 1 -10.31 -12.69 -9.32
N SER A 2 -10.38 -12.20 -8.09
CA SER A 2 -11.33 -11.14 -7.74
C SER A 2 -11.02 -10.57 -6.36
N ARG A 3 -10.95 -11.44 -5.36
CA ARG A 3 -10.67 -11.02 -3.99
C ARG A 3 -9.29 -10.39 -3.90
N VAL A 4 -8.32 -10.96 -4.61
CA VAL A 4 -6.96 -10.44 -4.60
C VAL A 4 -6.87 -9.13 -5.37
N LYS A 5 -7.49 -9.08 -6.54
CA LYS A 5 -7.47 -7.88 -7.37
C LYS A 5 -8.05 -6.69 -6.61
N ALA A 6 -9.16 -6.91 -5.92
CA ALA A 6 -9.79 -5.86 -5.15
C ALA A 6 -8.82 -5.29 -4.13
N LEU A 7 -7.98 -6.17 -3.59
CA LEU A 7 -6.98 -5.79 -2.61
C LEU A 7 -6.04 -4.73 -3.18
N GLU A 8 -5.67 -4.91 -4.44
CA GLU A 8 -4.76 -3.98 -5.12
C GLU A 8 -5.40 -2.61 -5.30
N GLU A 9 -6.72 -2.58 -5.47
CA GLU A 9 -7.45 -1.33 -5.68
C GLU A 9 -7.42 -0.44 -4.44
N LYS A 10 -7.50 -1.05 -3.26
CA LYS A 10 -7.51 -0.29 -2.00
C LYS A 10 -6.13 0.29 -1.69
N VAL A 11 -5.08 -0.43 -2.04
CA VAL A 11 -3.71 0.02 -1.78
C VAL A 11 -3.35 1.27 -2.56
N LYS A 12 -3.78 1.32 -3.83
CA LYS A 12 -3.49 2.47 -4.69
C LYS A 12 -4.25 3.70 -4.24
N ALA A 13 -5.49 3.50 -3.81
CA ALA A 13 -6.30 4.62 -3.36
C ALA A 13 -5.57 5.37 -2.25
N LEU A 14 -4.88 4.62 -1.41
CA LEU A 14 -4.10 5.21 -0.33
C LEU A 14 -2.89 5.95 -0.87
N GLU A 15 -2.37 5.45 -1.99
CA GLU A 15 -1.20 6.03 -2.64
C GLU A 15 -1.39 7.53 -2.93
N GLU A 16 -2.60 7.89 -3.34
CA GLU A 16 -2.93 9.27 -3.67
C GLU A 16 -2.88 10.16 -2.45
N LYS A 17 -3.23 9.61 -1.29
CA LYS A 17 -3.21 10.37 -0.05
C LYS A 17 -1.77 10.67 0.38
N VAL A 18 -0.85 9.79 0.03
CA VAL A 18 0.56 9.96 0.39
C VAL A 18 1.20 11.13 -0.36
N LYS A 19 0.97 11.20 -1.66
CA LYS A 19 1.52 12.28 -2.47
C LYS A 19 0.85 13.61 -2.15
N ALA A 20 -0.36 13.54 -1.61
CA ALA A 20 -1.12 14.73 -1.25
C ALA A 20 -0.57 15.38 0.02
N LEU A 21 0.04 14.58 0.87
CA LEU A 21 0.61 15.09 2.12
C LEU A 21 1.96 15.76 1.88
N GLY A 22 2.55 15.50 0.71
CA GLY A 22 3.83 16.08 0.38
C GLY A 22 4.64 15.20 -0.56
N GLY A 23 5.90 15.59 -0.78
CA GLY A 23 6.76 14.80 -1.67
C GLY A 23 8.04 15.54 -2.01
N GLY A 24 8.98 15.55 -1.07
CA GLY A 24 10.25 16.22 -1.31
C GLY A 24 11.30 15.85 -0.28
N GLY A 25 11.21 14.63 0.23
CA GLY A 25 12.18 14.18 1.22
C GLY A 25 11.70 12.97 2.01
N ARG A 26 10.77 13.19 2.93
CA ARG A 26 10.23 12.12 3.75
C ARG A 26 9.07 11.42 3.04
N ILE A 27 8.17 12.22 2.47
CA ILE A 27 7.01 11.69 1.77
C ILE A 27 7.39 10.95 0.50
N GLU A 28 8.43 11.42 -0.18
CA GLU A 28 8.88 10.79 -1.43
C GLU A 28 9.28 9.33 -1.22
N GLU A 29 9.94 9.05 -0.10
CA GLU A 29 10.40 7.69 0.21
C GLU A 29 9.23 6.78 0.59
N LEU A 30 8.27 7.33 1.32
CA LEU A 30 7.13 6.56 1.79
C LEU A 30 6.35 5.92 0.64
N LYS A 31 6.08 6.71 -0.40
CA LYS A 31 5.34 6.21 -1.56
C LYS A 31 6.12 5.16 -2.31
N LYS A 32 7.45 5.31 -2.35
CA LYS A 32 8.30 4.36 -3.06
C LYS A 32 8.07 2.95 -2.53
N LYS A 33 7.90 2.83 -1.23
CA LYS A 33 7.64 1.53 -0.61
C LYS A 33 6.28 1.00 -1.03
N TYR A 34 5.33 1.92 -1.18
CA TYR A 34 3.96 1.57 -1.57
C TYR A 34 3.93 0.79 -2.89
N GLU A 35 4.79 1.16 -3.83
CA GLU A 35 4.83 0.49 -5.13
C GLU A 35 5.19 -0.98 -4.95
N GLU A 36 6.02 -1.26 -3.94
CA GLU A 36 6.45 -2.62 -3.65
C GLU A 36 5.26 -3.46 -3.18
N LEU A 37 4.38 -2.83 -2.41
CA LEU A 37 3.20 -3.50 -1.88
C LEU A 37 2.33 -4.05 -2.99
N LYS A 38 2.10 -3.24 -4.01
CA LYS A 38 1.27 -3.64 -5.15
C LYS A 38 1.77 -4.95 -5.76
N LYS A 39 3.09 -5.09 -5.85
CA LYS A 39 3.72 -6.28 -6.42
C LYS A 39 3.41 -7.52 -5.59
N LYS A 40 3.38 -7.36 -4.27
CA LYS A 40 3.12 -8.48 -3.36
C LYS A 40 1.72 -9.06 -3.59
N ILE A 41 0.78 -8.20 -3.93
CA ILE A 41 -0.60 -8.61 -4.18
C ILE A 41 -0.69 -9.41 -5.47
N GLU A 42 0.14 -9.03 -6.44
CA GLU A 42 0.18 -9.69 -7.74
C GLU A 42 0.65 -11.13 -7.60
N GLU A 43 1.55 -11.38 -6.65
CA GLU A 43 2.10 -12.72 -6.45
C GLU A 43 1.09 -13.67 -5.79
N LEU A 44 0.22 -13.12 -4.94
CA LEU A 44 -0.78 -13.93 -4.26
C LEU A 44 -2.03 -14.10 -5.12
N GLY A 45 -2.69 -15.24 -4.98
CA GLY A 45 -3.89 -15.51 -5.75
C GLY A 45 -4.99 -16.12 -4.93
N GLY A 46 -4.67 -17.17 -4.17
CA GLY A 46 -5.64 -17.83 -3.34
C GLY A 46 -6.00 -17.01 -2.11
N GLY A 47 -6.64 -17.66 -1.14
CA GLY A 47 -7.02 -16.97 0.09
C GLY A 47 -6.11 -17.31 1.26
N GLY A 48 -6.07 -16.42 2.24
CA GLY A 48 -5.23 -16.65 3.40
C GLY A 48 -4.04 -15.71 3.46
N GLU A 49 -3.60 -15.25 2.28
CA GLU A 49 -2.45 -14.35 2.20
C GLU A 49 -2.90 -12.91 2.04
N VAL A 50 -4.07 -12.73 1.40
CA VAL A 50 -4.60 -11.38 1.19
C VAL A 50 -4.71 -10.60 2.50
N LYS A 51 -4.93 -11.33 3.59
CA LYS A 51 -5.05 -10.70 4.90
C LYS A 51 -3.70 -10.14 5.36
N LYS A 52 -2.63 -10.85 5.05
CA LYS A 52 -1.29 -10.42 5.43
C LYS A 52 -0.91 -9.12 4.72
N VAL A 53 -1.39 -8.97 3.49
CA VAL A 53 -1.09 -7.78 2.69
C VAL A 53 -1.76 -6.54 3.27
N GLU A 54 -2.99 -6.69 3.76
CA GLU A 54 -3.73 -5.57 4.32
C GLU A 54 -2.99 -4.96 5.52
N GLU A 55 -2.33 -5.81 6.30
CA GLU A 55 -1.58 -5.35 7.46
C GLU A 55 -0.33 -4.59 7.05
N GLU A 56 0.29 -5.04 5.96
CA GLU A 56 1.51 -4.42 5.45
C GLU A 56 1.32 -2.95 5.11
N VAL A 57 0.20 -2.63 4.46
CA VAL A 57 -0.10 -1.27 4.06
C VAL A 57 -0.47 -0.38 5.25
N LYS A 58 -1.17 -0.96 6.23
CA LYS A 58 -1.59 -0.21 7.40
C LYS A 58 -0.41 0.47 8.09
N LYS A 59 0.75 -0.16 8.03
CA LYS A 59 1.96 0.39 8.64
C LYS A 59 2.42 1.64 7.88
N LEU A 60 2.29 1.61 6.56
CA LEU A 60 2.72 2.72 5.71
C LEU A 60 2.01 4.02 6.06
N GLU A 61 0.70 3.97 6.26
CA GLU A 61 -0.09 5.15 6.59
C GLU A 61 0.26 5.65 7.99
N GLU A 62 0.56 4.72 8.89
CA GLU A 62 0.90 5.07 10.26
C GLU A 62 2.07 6.05 10.28
N GLU A 63 3.00 5.86 9.36
CA GLU A 63 4.16 6.73 9.25
C GLU A 63 3.74 8.11 8.75
N ILE A 64 2.72 8.14 7.90
CA ILE A 64 2.23 9.39 7.34
C ILE A 64 1.83 10.39 8.42
N LYS A 65 1.07 9.93 9.41
CA LYS A 65 0.63 10.79 10.49
C LYS A 65 1.79 11.13 11.43
N LYS A 66 2.75 10.22 11.52
CA LYS A 66 3.91 10.41 12.37
C LYS A 66 4.85 11.47 11.80
N LEU A 67 4.65 11.83 10.54
CA LEU A 67 5.49 12.82 9.88
C LEU A 67 4.72 14.12 9.64
N GLY A 1 -11.50 -13.24 -9.76
CA GLY A 1 -10.45 -12.63 -8.90
C GLY A 1 -11.03 -11.68 -7.87
N SER A 2 -12.06 -12.14 -7.16
CA SER A 2 -12.71 -11.33 -6.13
C SER A 2 -12.02 -11.51 -4.78
N ARG A 3 -10.80 -10.98 -4.67
CA ARG A 3 -10.04 -11.09 -3.43
C ARG A 3 -8.69 -10.38 -3.56
N VAL A 4 -7.84 -10.92 -4.42
CA VAL A 4 -6.51 -10.35 -4.64
C VAL A 4 -6.60 -9.04 -5.42
N LYS A 5 -7.40 -9.03 -6.48
CA LYS A 5 -7.55 -7.83 -7.30
C LYS A 5 -8.12 -6.67 -6.48
N ALA A 6 -9.18 -6.94 -5.72
CA ALA A 6 -9.80 -5.92 -4.89
C ALA A 6 -8.77 -5.32 -3.94
N LEU A 7 -7.85 -6.16 -3.48
CA LEU A 7 -6.80 -5.74 -2.56
C LEU A 7 -5.94 -4.64 -3.20
N GLU A 8 -5.69 -4.80 -4.49
CA GLU A 8 -4.88 -3.84 -5.24
C GLU A 8 -5.57 -2.48 -5.35
N GLU A 9 -6.90 -2.49 -5.41
CA GLU A 9 -7.68 -1.27 -5.54
C GLU A 9 -7.59 -0.39 -4.29
N LYS A 10 -7.57 -1.02 -3.12
CA LYS A 10 -7.51 -0.28 -1.87
C LYS A 10 -6.12 0.33 -1.62
N VAL A 11 -5.09 -0.36 -2.05
CA VAL A 11 -3.72 0.11 -1.86
C VAL A 11 -3.43 1.38 -2.66
N LYS A 12 -3.91 1.44 -3.89
CA LYS A 12 -3.69 2.58 -4.75
C LYS A 12 -4.45 3.81 -4.27
N ALA A 13 -5.66 3.60 -3.81
CA ALA A 13 -6.47 4.71 -3.32
C ALA A 13 -5.73 5.45 -2.23
N LEU A 14 -5.01 4.69 -1.42
CA LEU A 14 -4.21 5.27 -0.33
C LEU A 14 -3.02 6.02 -0.91
N GLU A 15 -2.53 5.53 -2.05
CA GLU A 15 -1.37 6.10 -2.72
C GLU A 15 -1.55 7.60 -2.99
N GLU A 16 -2.77 7.98 -3.36
CA GLU A 16 -3.08 9.37 -3.67
C GLU A 16 -2.98 10.25 -2.43
N LYS A 17 -3.32 9.70 -1.28
CA LYS A 17 -3.26 10.44 -0.03
C LYS A 17 -1.82 10.72 0.37
N VAL A 18 -0.91 9.82 -0.02
CA VAL A 18 0.51 9.96 0.32
C VAL A 18 1.14 11.13 -0.42
N LYS A 19 0.87 11.23 -1.72
CA LYS A 19 1.43 12.31 -2.53
C LYS A 19 0.79 13.65 -2.17
N ALA A 20 -0.40 13.60 -1.59
CA ALA A 20 -1.12 14.80 -1.20
C ALA A 20 -0.63 15.33 0.15
N LEU A 21 0.00 14.47 0.95
CA LEU A 21 0.51 14.87 2.25
C LEU A 21 1.69 15.83 2.11
N GLY A 22 2.45 15.67 1.03
CA GLY A 22 3.60 16.52 0.80
C GLY A 22 4.45 16.05 -0.35
N GLY A 23 5.76 16.25 -0.24
CA GLY A 23 6.68 15.83 -1.29
C GLY A 23 8.06 16.41 -1.13
N GLY A 24 9.06 15.54 -1.12
CA GLY A 24 10.44 15.99 -0.97
C GLY A 24 11.10 15.45 0.28
N GLY A 25 11.59 14.22 0.19
CA GLY A 25 12.24 13.60 1.34
C GLY A 25 11.45 12.44 1.91
N ARG A 26 11.10 12.53 3.18
CA ARG A 26 10.33 11.49 3.86
C ARG A 26 9.08 11.14 3.07
N ILE A 27 8.51 12.13 2.39
CA ILE A 27 7.30 11.94 1.61
C ILE A 27 7.53 11.04 0.39
N GLU A 28 8.63 11.28 -0.33
CA GLU A 28 8.94 10.52 -1.54
C GLU A 28 9.32 9.07 -1.24
N GLU A 29 10.20 8.87 -0.27
CA GLU A 29 10.65 7.52 0.10
C GLU A 29 9.49 6.63 0.53
N LEU A 30 8.55 7.23 1.27
CA LEU A 30 7.41 6.51 1.79
C LEU A 30 6.59 5.85 0.68
N LYS A 31 6.31 6.59 -0.38
CA LYS A 31 5.52 6.07 -1.50
C LYS A 31 6.24 4.94 -2.22
N LYS A 32 7.56 5.03 -2.31
CA LYS A 32 8.33 4.00 -2.99
C LYS A 32 8.05 2.63 -2.38
N LYS A 33 7.93 2.59 -1.07
CA LYS A 33 7.63 1.35 -0.36
C LYS A 33 6.26 0.84 -0.79
N TYR A 34 5.34 1.77 -1.02
CA TYR A 34 3.98 1.43 -1.42
C TYR A 34 3.99 0.61 -2.71
N GLU A 35 4.89 0.94 -3.64
CA GLU A 35 4.99 0.22 -4.90
C GLU A 35 5.20 -1.27 -4.65
N GLU A 36 6.09 -1.58 -3.71
CA GLU A 36 6.40 -2.96 -3.35
C GLU A 36 5.14 -3.67 -2.90
N LEU A 37 4.28 -2.95 -2.18
CA LEU A 37 3.04 -3.50 -1.67
C LEU A 37 2.15 -4.02 -2.80
N LYS A 38 2.14 -3.29 -3.91
CA LYS A 38 1.33 -3.66 -5.07
C LYS A 38 1.81 -4.98 -5.68
N LYS A 39 3.13 -5.15 -5.74
CA LYS A 39 3.71 -6.36 -6.32
C LYS A 39 3.28 -7.61 -5.57
N LYS A 40 3.17 -7.51 -4.25
CA LYS A 40 2.78 -8.64 -3.42
C LYS A 40 1.40 -9.16 -3.80
N ILE A 41 0.53 -8.25 -4.20
CA ILE A 41 -0.83 -8.60 -4.60
C ILE A 41 -0.81 -9.32 -5.94
N GLU A 42 0.11 -8.93 -6.80
CA GLU A 42 0.25 -9.53 -8.12
C GLU A 42 0.58 -11.02 -8.00
N GLU A 43 1.34 -11.36 -6.95
CA GLU A 43 1.73 -12.75 -6.72
C GLU A 43 0.63 -13.51 -5.99
N LEU A 44 -0.18 -12.79 -5.21
CA LEU A 44 -1.27 -13.40 -4.46
C LEU A 44 -2.19 -14.20 -5.38
N GLY A 45 -2.26 -15.51 -5.15
CA GLY A 45 -3.10 -16.36 -5.96
C GLY A 45 -4.26 -16.95 -5.17
N GLY A 46 -5.42 -16.32 -5.27
CA GLY A 46 -6.60 -16.80 -4.57
C GLY A 46 -6.79 -16.11 -3.23
N GLY A 47 -6.27 -16.72 -2.17
CA GLY A 47 -6.40 -16.13 -0.85
C GLY A 47 -5.30 -16.57 0.09
N GLY A 48 -5.48 -16.30 1.38
CA GLY A 48 -4.48 -16.68 2.36
C GLY A 48 -3.54 -15.55 2.71
N GLU A 49 -2.58 -15.29 1.83
CA GLU A 49 -1.60 -14.23 2.05
C GLU A 49 -2.26 -12.85 1.91
N VAL A 50 -3.49 -12.82 1.39
CA VAL A 50 -4.21 -11.57 1.21
C VAL A 50 -4.28 -10.77 2.51
N LYS A 51 -4.37 -11.49 3.62
CA LYS A 51 -4.44 -10.86 4.94
C LYS A 51 -3.13 -10.19 5.31
N LYS A 52 -2.02 -10.85 5.01
CA LYS A 52 -0.70 -10.32 5.32
C LYS A 52 -0.43 -9.00 4.59
N VAL A 53 -0.98 -8.88 3.38
CA VAL A 53 -0.80 -7.67 2.57
C VAL A 53 -1.57 -6.49 3.14
N GLU A 54 -2.78 -6.74 3.64
CA GLU A 54 -3.61 -5.69 4.20
C GLU A 54 -2.92 -4.98 5.36
N GLU A 55 -2.31 -5.76 6.24
CA GLU A 55 -1.60 -5.23 7.40
C GLU A 55 -0.38 -4.42 6.99
N GLU A 56 0.29 -4.86 5.94
CA GLU A 56 1.49 -4.20 5.44
C GLU A 56 1.23 -2.75 5.05
N VAL A 57 0.10 -2.50 4.41
CA VAL A 57 -0.26 -1.15 3.97
C VAL A 57 -0.65 -0.26 5.16
N LYS A 58 -1.31 -0.85 6.16
CA LYS A 58 -1.74 -0.10 7.33
C LYS A 58 -0.56 0.60 7.99
N LYS A 59 0.60 -0.05 7.94
CA LYS A 59 1.82 0.51 8.54
C LYS A 59 2.29 1.75 7.78
N LEU A 60 2.16 1.71 6.46
CA LEU A 60 2.59 2.81 5.61
C LEU A 60 1.88 4.12 5.94
N GLU A 61 0.56 4.06 6.13
CA GLU A 61 -0.21 5.26 6.45
C GLU A 61 0.11 5.77 7.85
N GLU A 62 0.40 4.85 8.77
CA GLU A 62 0.72 5.20 10.14
C GLU A 62 1.86 6.22 10.21
N GLU A 63 2.93 5.93 9.47
CA GLU A 63 4.08 6.82 9.44
C GLU A 63 3.69 8.20 8.92
N ILE A 64 2.72 8.22 8.01
CA ILE A 64 2.24 9.48 7.44
C ILE A 64 1.64 10.39 8.51
N LYS A 65 1.03 9.77 9.53
CA LYS A 65 0.42 10.53 10.61
C LYS A 65 1.49 11.13 11.53
N LYS A 66 2.63 10.45 11.63
CA LYS A 66 3.73 10.92 12.47
C LYS A 66 4.42 12.12 11.85
N LEU A 67 4.34 12.25 10.53
CA LEU A 67 4.97 13.36 9.83
C LEU A 67 3.96 14.46 9.53
N GLY A 1 -7.85 -11.88 -11.85
CA GLY A 1 -7.42 -11.71 -10.44
C GLY A 1 -8.48 -12.15 -9.45
N SER A 2 -9.43 -11.28 -9.17
CA SER A 2 -10.50 -11.59 -8.23
C SER A 2 -9.94 -11.82 -6.83
N ARG A 3 -10.59 -11.23 -5.83
CA ARG A 3 -10.14 -11.36 -4.45
C ARG A 3 -8.80 -10.66 -4.23
N VAL A 4 -7.76 -11.17 -4.88
CA VAL A 4 -6.42 -10.58 -4.77
C VAL A 4 -6.34 -9.25 -5.49
N LYS A 5 -6.88 -9.20 -6.71
CA LYS A 5 -6.86 -7.98 -7.51
C LYS A 5 -7.55 -6.84 -6.77
N ALA A 6 -8.72 -7.13 -6.19
CA ALA A 6 -9.48 -6.12 -5.46
C ALA A 6 -8.62 -5.51 -4.35
N LEU A 7 -7.78 -6.35 -3.76
CA LEU A 7 -6.88 -5.92 -2.69
C LEU A 7 -5.96 -4.81 -3.19
N GLU A 8 -5.45 -4.98 -4.39
CA GLU A 8 -4.54 -4.00 -5.00
C GLU A 8 -5.23 -2.65 -5.21
N GLU A 9 -6.54 -2.69 -5.47
CA GLU A 9 -7.31 -1.47 -5.70
C GLU A 9 -7.40 -0.59 -4.46
N LYS A 10 -7.61 -1.21 -3.29
CA LYS A 10 -7.72 -0.47 -2.05
C LYS A 10 -6.39 0.18 -1.65
N VAL A 11 -5.30 -0.49 -1.95
CA VAL A 11 -3.96 0.00 -1.62
C VAL A 11 -3.62 1.27 -2.41
N LYS A 12 -4.08 1.32 -3.65
CA LYS A 12 -3.82 2.47 -4.52
C LYS A 12 -4.57 3.71 -4.05
N ALA A 13 -5.79 3.50 -3.57
CA ALA A 13 -6.59 4.62 -3.09
C ALA A 13 -5.83 5.36 -2.01
N LEU A 14 -5.10 4.61 -1.19
CA LEU A 14 -4.30 5.20 -0.13
C LEU A 14 -3.11 5.95 -0.72
N GLU A 15 -2.63 5.46 -1.87
CA GLU A 15 -1.48 6.05 -2.54
C GLU A 15 -1.72 7.54 -2.83
N GLU A 16 -2.95 7.86 -3.19
CA GLU A 16 -3.32 9.24 -3.51
C GLU A 16 -3.24 10.14 -2.28
N LYS A 17 -3.53 9.57 -1.12
CA LYS A 17 -3.48 10.32 0.12
C LYS A 17 -2.03 10.68 0.48
N VAL A 18 -1.10 9.82 0.08
CA VAL A 18 0.32 10.05 0.37
C VAL A 18 0.88 11.24 -0.40
N LYS A 19 0.57 11.30 -1.69
CA LYS A 19 1.05 12.39 -2.54
C LYS A 19 0.37 13.70 -2.16
N ALA A 20 -0.79 13.60 -1.53
CA ALA A 20 -1.54 14.78 -1.12
C ALA A 20 -1.06 15.31 0.24
N LEU A 21 -0.35 14.46 0.99
CA LEU A 21 0.16 14.85 2.29
C LEU A 21 1.27 15.88 2.16
N GLY A 22 1.82 16.01 0.96
CA GLY A 22 2.90 16.97 0.72
C GLY A 22 3.98 16.43 -0.18
N GLY A 23 5.08 17.17 -0.29
CA GLY A 23 6.18 16.74 -1.15
C GLY A 23 7.53 16.97 -0.50
N GLY A 24 8.27 15.89 -0.28
CA GLY A 24 9.59 16.01 0.33
C GLY A 24 10.28 14.67 0.47
N GLY A 25 11.55 14.70 0.88
CA GLY A 25 12.30 13.47 1.04
C GLY A 25 11.56 12.42 1.83
N ARG A 26 11.02 12.81 2.98
CA ARG A 26 10.28 11.88 3.83
C ARG A 26 9.04 11.34 3.12
N ILE A 27 8.30 12.24 2.47
CA ILE A 27 7.08 11.87 1.76
C ILE A 27 7.37 11.01 0.52
N GLU A 28 8.37 11.40 -0.27
CA GLU A 28 8.70 10.68 -1.50
C GLU A 28 9.21 9.26 -1.23
N GLU A 29 9.91 9.07 -0.11
CA GLU A 29 10.44 7.76 0.23
C GLU A 29 9.33 6.81 0.65
N LEU A 30 8.37 7.35 1.39
CA LEU A 30 7.24 6.57 1.89
C LEU A 30 6.45 5.91 0.76
N LYS A 31 6.15 6.68 -0.27
CA LYS A 31 5.40 6.17 -1.41
C LYS A 31 6.18 5.11 -2.17
N LYS A 32 7.50 5.29 -2.23
CA LYS A 32 8.35 4.34 -2.94
C LYS A 32 8.14 2.93 -2.40
N LYS A 33 8.00 2.84 -1.09
CA LYS A 33 7.76 1.56 -0.43
C LYS A 33 6.39 1.02 -0.83
N TYR A 34 5.43 1.92 -1.00
CA TYR A 34 4.07 1.57 -1.37
C TYR A 34 4.02 0.76 -2.66
N GLU A 35 4.88 1.10 -3.63
CA GLU A 35 4.90 0.39 -4.90
C GLU A 35 5.25 -1.08 -4.68
N GLU A 36 6.08 -1.34 -3.67
CA GLU A 36 6.47 -2.69 -3.34
C GLU A 36 5.27 -3.49 -2.84
N LEU A 37 4.41 -2.80 -2.09
CA LEU A 37 3.21 -3.41 -1.54
C LEU A 37 2.31 -3.98 -2.64
N LYS A 38 2.15 -3.22 -3.72
CA LYS A 38 1.31 -3.64 -4.84
C LYS A 38 1.82 -4.93 -5.48
N LYS A 39 3.12 -5.01 -5.72
CA LYS A 39 3.73 -6.18 -6.35
C LYS A 39 3.44 -7.45 -5.56
N LYS A 40 3.43 -7.35 -4.24
CA LYS A 40 3.18 -8.50 -3.38
C LYS A 40 1.81 -9.10 -3.64
N ILE A 41 0.85 -8.24 -3.98
CA ILE A 41 -0.51 -8.68 -4.26
C ILE A 41 -0.55 -9.43 -5.60
N GLU A 42 0.27 -8.99 -6.54
CA GLU A 42 0.35 -9.61 -7.85
C GLU A 42 0.78 -11.07 -7.74
N GLU A 43 1.64 -11.34 -6.76
CA GLU A 43 2.13 -12.69 -6.54
C GLU A 43 1.11 -13.55 -5.78
N LEU A 44 0.20 -12.91 -5.07
CA LEU A 44 -0.81 -13.61 -4.31
C LEU A 44 -1.61 -14.56 -5.20
N GLY A 45 -1.57 -15.85 -4.86
CA GLY A 45 -2.29 -16.84 -5.64
C GLY A 45 -3.75 -16.94 -5.26
N GLY A 46 -4.01 -17.60 -4.13
CA GLY A 46 -5.38 -17.75 -3.67
C GLY A 46 -5.79 -16.68 -2.68
N GLY A 47 -6.67 -17.02 -1.76
CA GLY A 47 -7.12 -16.07 -0.77
C GLY A 47 -6.66 -16.40 0.63
N GLY A 48 -5.35 -16.39 0.83
CA GLY A 48 -4.79 -16.69 2.14
C GLY A 48 -3.90 -15.59 2.66
N GLU A 49 -3.09 -15.02 1.78
CA GLU A 49 -2.17 -13.95 2.16
C GLU A 49 -2.80 -12.57 1.91
N VAL A 50 -3.93 -12.55 1.21
CA VAL A 50 -4.62 -11.29 0.91
C VAL A 50 -4.89 -10.50 2.18
N LYS A 51 -5.28 -11.19 3.25
CA LYS A 51 -5.56 -10.54 4.52
C LYS A 51 -4.28 -9.99 5.15
N LYS A 52 -3.18 -10.71 4.95
CA LYS A 52 -1.88 -10.31 5.48
C LYS A 52 -1.38 -9.05 4.80
N VAL A 53 -1.70 -8.90 3.52
CA VAL A 53 -1.29 -7.74 2.75
C VAL A 53 -1.97 -6.46 3.23
N GLU A 54 -3.24 -6.57 3.59
CA GLU A 54 -4.01 -5.42 4.07
C GLU A 54 -3.33 -4.77 5.28
N GLU A 55 -2.82 -5.60 6.17
CA GLU A 55 -2.14 -5.11 7.38
C GLU A 55 -0.82 -4.43 7.03
N GLU A 56 -0.13 -4.97 6.02
CA GLU A 56 1.15 -4.45 5.59
C GLU A 56 1.06 -2.98 5.17
N VAL A 57 -0.02 -2.62 4.50
CA VAL A 57 -0.23 -1.25 4.04
C VAL A 57 -0.53 -0.31 5.21
N LYS A 58 -1.25 -0.82 6.21
CA LYS A 58 -1.63 -0.02 7.38
C LYS A 58 -0.40 0.61 8.03
N LYS A 59 0.72 -0.11 8.00
CA LYS A 59 1.95 0.40 8.60
C LYS A 59 2.48 1.61 7.81
N LEU A 60 2.34 1.55 6.49
CA LEU A 60 2.81 2.62 5.61
C LEU A 60 2.16 3.97 5.93
N GLU A 61 0.85 3.97 6.14
CA GLU A 61 0.13 5.20 6.45
C GLU A 61 0.53 5.73 7.82
N GLU A 62 0.81 4.81 8.75
CA GLU A 62 1.21 5.18 10.10
C GLU A 62 2.42 6.10 10.06
N GLU A 63 3.32 5.82 9.12
CA GLU A 63 4.53 6.62 8.95
C GLU A 63 4.18 8.01 8.44
N ILE A 64 3.12 8.09 7.64
CA ILE A 64 2.68 9.36 7.08
C ILE A 64 2.38 10.38 8.18
N LYS A 65 1.65 9.94 9.19
CA LYS A 65 1.29 10.82 10.30
C LYS A 65 2.52 11.20 11.13
N LYS A 66 3.45 10.26 11.22
CA LYS A 66 4.68 10.49 11.99
C LYS A 66 5.60 11.50 11.29
N LEU A 67 5.32 11.78 10.02
CA LEU A 67 6.12 12.72 9.26
C LEU A 67 5.48 14.11 9.26
N GLY A 1 -8.86 -14.58 -8.36
CA GLY A 1 -8.68 -13.24 -7.74
C GLY A 1 -9.89 -12.82 -6.93
N SER A 2 -10.70 -11.93 -7.50
CA SER A 2 -11.89 -11.43 -6.81
C SER A 2 -11.52 -10.66 -5.55
N ARG A 3 -11.20 -11.39 -4.49
CA ARG A 3 -10.83 -10.76 -3.23
C ARG A 3 -9.40 -10.20 -3.28
N VAL A 4 -8.55 -10.85 -4.06
CA VAL A 4 -7.16 -10.42 -4.20
C VAL A 4 -7.07 -9.15 -5.03
N LYS A 5 -7.80 -9.12 -6.14
CA LYS A 5 -7.79 -7.95 -7.03
C LYS A 5 -8.32 -6.72 -6.29
N ALA A 6 -9.42 -6.90 -5.56
CA ALA A 6 -10.00 -5.80 -4.81
C ALA A 6 -8.97 -5.22 -3.84
N LEU A 7 -8.13 -6.11 -3.31
CA LEU A 7 -7.08 -5.71 -2.38
C LEU A 7 -6.14 -4.69 -3.02
N GLU A 8 -5.84 -4.91 -4.29
CA GLU A 8 -4.94 -4.03 -5.04
C GLU A 8 -5.55 -2.65 -5.23
N GLU A 9 -6.88 -2.59 -5.34
CA GLU A 9 -7.58 -1.33 -5.55
C GLU A 9 -7.48 -0.40 -4.34
N LYS A 10 -7.55 -0.98 -3.15
CA LYS A 10 -7.49 -0.21 -1.91
C LYS A 10 -6.08 0.34 -1.64
N VAL A 11 -5.07 -0.43 -2.00
CA VAL A 11 -3.68 -0.04 -1.78
C VAL A 11 -3.29 1.20 -2.59
N LYS A 12 -3.70 1.24 -3.85
CA LYS A 12 -3.39 2.36 -4.73
C LYS A 12 -4.13 3.61 -4.32
N ALA A 13 -5.37 3.45 -3.87
CA ALA A 13 -6.17 4.59 -3.45
C ALA A 13 -5.43 5.34 -2.35
N LEU A 14 -4.75 4.58 -1.49
CA LEU A 14 -3.97 5.17 -0.42
C LEU A 14 -2.74 5.88 -0.98
N GLU A 15 -2.23 5.36 -2.08
CA GLU A 15 -1.05 5.91 -2.72
C GLU A 15 -1.23 7.39 -3.06
N GLU A 16 -2.44 7.74 -3.50
CA GLU A 16 -2.77 9.11 -3.87
C GLU A 16 -2.74 10.04 -2.66
N LYS A 17 -3.14 9.52 -1.50
CA LYS A 17 -3.17 10.32 -0.28
C LYS A 17 -1.74 10.65 0.18
N VAL A 18 -0.80 9.77 -0.13
CA VAL A 18 0.59 9.97 0.25
C VAL A 18 1.25 11.11 -0.51
N LYS A 19 1.04 11.14 -1.83
CA LYS A 19 1.62 12.19 -2.67
C LYS A 19 0.96 13.54 -2.42
N ALA A 20 -0.26 13.50 -1.90
CA ALA A 20 -1.00 14.73 -1.61
C ALA A 20 -0.66 15.31 -0.24
N LEU A 21 -0.10 14.48 0.63
CA LEU A 21 0.27 14.92 1.96
C LEU A 21 1.45 15.90 1.91
N GLY A 22 2.37 15.66 1.00
CA GLY A 22 3.53 16.53 0.86
C GLY A 22 4.47 16.08 -0.24
N GLY A 23 5.76 16.22 0.00
CA GLY A 23 6.75 15.82 -1.00
C GLY A 23 8.12 16.40 -0.72
N GLY A 24 8.87 15.74 0.16
CA GLY A 24 10.21 16.21 0.49
C GLY A 24 10.97 15.24 1.37
N GLY A 25 11.56 14.22 0.74
CA GLY A 25 12.32 13.23 1.48
C GLY A 25 11.45 12.20 2.16
N ARG A 26 10.98 12.51 3.36
CA ARG A 26 10.14 11.60 4.12
C ARG A 26 8.94 11.15 3.30
N ILE A 27 8.31 12.09 2.62
CA ILE A 27 7.13 11.81 1.79
C ILE A 27 7.48 10.95 0.57
N GLU A 28 8.56 11.30 -0.11
CA GLU A 28 8.99 10.60 -1.32
C GLU A 28 9.39 9.14 -1.06
N GLU A 29 10.10 8.91 0.04
CA GLU A 29 10.55 7.57 0.39
C GLU A 29 9.39 6.66 0.77
N LEU A 30 8.42 7.22 1.47
CA LEU A 30 7.26 6.47 1.94
C LEU A 30 6.47 5.86 0.78
N LYS A 31 6.22 6.66 -0.25
CA LYS A 31 5.47 6.18 -1.41
C LYS A 31 6.25 5.12 -2.18
N LYS A 32 7.57 5.26 -2.22
CA LYS A 32 8.41 4.30 -2.93
C LYS A 32 8.17 2.89 -2.41
N LYS A 33 8.01 2.76 -1.11
CA LYS A 33 7.76 1.48 -0.48
C LYS A 33 6.39 0.94 -0.92
N TYR A 34 5.44 1.86 -1.08
CA TYR A 34 4.08 1.50 -1.48
C TYR A 34 4.09 0.74 -2.81
N GLU A 35 4.96 1.13 -3.72
CA GLU A 35 5.07 0.47 -5.02
C GLU A 35 5.31 -1.02 -4.85
N GLU A 36 6.18 -1.36 -3.90
CA GLU A 36 6.51 -2.75 -3.63
C GLU A 36 5.25 -3.53 -3.23
N LEU A 37 4.37 -2.86 -2.49
CA LEU A 37 3.12 -3.46 -2.04
C LEU A 37 2.27 -3.94 -3.21
N LYS A 38 2.15 -3.11 -4.23
CA LYS A 38 1.35 -3.44 -5.41
C LYS A 38 1.79 -4.77 -6.04
N LYS A 39 3.09 -5.00 -6.07
CA LYS A 39 3.64 -6.22 -6.65
C LYS A 39 3.27 -7.47 -5.85
N LYS A 40 3.24 -7.34 -4.52
CA LYS A 40 2.91 -8.47 -3.65
C LYS A 40 1.50 -8.98 -3.90
N ILE A 41 0.59 -8.06 -4.19
CA ILE A 41 -0.80 -8.42 -4.45
C ILE A 41 -0.93 -9.12 -5.80
N GLU A 42 -0.11 -8.70 -6.75
CA GLU A 42 -0.12 -9.29 -8.08
C GLU A 42 0.23 -10.77 -8.02
N GLU A 43 1.10 -11.13 -7.07
CA GLU A 43 1.51 -12.53 -6.92
C GLU A 43 0.44 -13.34 -6.21
N LEU A 44 -0.37 -12.69 -5.40
CA LEU A 44 -1.43 -13.36 -4.66
C LEU A 44 -2.46 -13.94 -5.62
N GLY A 45 -2.82 -15.21 -5.41
CA GLY A 45 -3.79 -15.86 -6.27
C GLY A 45 -4.95 -16.43 -5.49
N GLY A 46 -5.24 -15.84 -4.34
CA GLY A 46 -6.33 -16.31 -3.51
C GLY A 46 -6.29 -15.74 -2.11
N GLY A 47 -6.75 -16.53 -1.13
CA GLY A 47 -6.75 -16.07 0.24
C GLY A 47 -5.59 -16.64 1.04
N GLY A 48 -5.64 -16.45 2.36
CA GLY A 48 -4.58 -16.96 3.22
C GLY A 48 -3.52 -15.90 3.50
N GLU A 49 -2.83 -15.46 2.45
CA GLU A 49 -1.79 -14.45 2.59
C GLU A 49 -2.33 -13.05 2.33
N VAL A 50 -3.52 -12.97 1.73
CA VAL A 50 -4.14 -11.68 1.42
C VAL A 50 -4.24 -10.81 2.67
N LYS A 51 -4.42 -11.45 3.82
CA LYS A 51 -4.54 -10.74 5.08
C LYS A 51 -3.19 -10.11 5.48
N LYS A 52 -2.11 -10.77 5.10
CA LYS A 52 -0.76 -10.30 5.39
C LYS A 52 -0.45 -9.01 4.63
N VAL A 53 -1.00 -8.91 3.42
CA VAL A 53 -0.77 -7.74 2.57
C VAL A 53 -1.49 -6.50 3.12
N GLU A 54 -2.69 -6.69 3.63
CA GLU A 54 -3.47 -5.58 4.17
C GLU A 54 -2.81 -4.99 5.42
N GLU A 55 -2.16 -5.84 6.20
CA GLU A 55 -1.50 -5.40 7.43
C GLU A 55 -0.26 -4.55 7.16
N GLU A 56 0.51 -4.94 6.14
CA GLU A 56 1.73 -4.22 5.79
C GLU A 56 1.46 -2.79 5.33
N VAL A 57 0.44 -2.62 4.49
CA VAL A 57 0.08 -1.30 3.99
C VAL A 57 -0.41 -0.40 5.12
N LYS A 58 -1.11 -0.99 6.08
CA LYS A 58 -1.63 -0.24 7.22
C LYS A 58 -0.51 0.50 7.94
N LYS A 59 0.67 -0.10 7.95
CA LYS A 59 1.84 0.50 8.60
C LYS A 59 2.30 1.74 7.85
N LEU A 60 2.23 1.70 6.52
CA LEU A 60 2.67 2.82 5.68
C LEU A 60 1.90 4.10 5.99
N GLU A 61 0.59 4.00 6.12
CA GLU A 61 -0.23 5.16 6.42
C GLU A 61 0.03 5.69 7.83
N GLU A 62 0.31 4.78 8.75
CA GLU A 62 0.57 5.15 10.14
C GLU A 62 1.73 6.14 10.23
N GLU A 63 2.74 5.93 9.39
CA GLU A 63 3.90 6.82 9.37
C GLU A 63 3.49 8.20 8.88
N ILE A 64 2.52 8.22 7.97
CA ILE A 64 2.02 9.47 7.42
C ILE A 64 1.41 10.36 8.51
N LYS A 65 0.81 9.72 9.51
CA LYS A 65 0.19 10.45 10.61
C LYS A 65 1.24 11.07 11.53
N LYS A 66 2.35 10.35 11.70
CA LYS A 66 3.44 10.82 12.54
C LYS A 66 4.09 12.07 11.95
N LEU A 67 4.01 12.21 10.64
CA LEU A 67 4.60 13.36 9.95
C LEU A 67 3.53 14.41 9.64
N GLY A 1 -9.53 -14.72 -10.21
CA GLY A 1 -9.25 -13.63 -9.23
C GLY A 1 -10.44 -12.71 -9.05
N SER A 2 -10.53 -12.10 -7.86
CA SER A 2 -11.62 -11.19 -7.55
C SER A 2 -11.44 -10.56 -6.17
N ARG A 3 -11.20 -11.40 -5.17
CA ARG A 3 -11.00 -10.93 -3.81
C ARG A 3 -9.60 -10.34 -3.63
N VAL A 4 -8.62 -10.97 -4.26
CA VAL A 4 -7.24 -10.51 -4.17
C VAL A 4 -7.05 -9.23 -4.98
N LYS A 5 -7.59 -9.20 -6.19
CA LYS A 5 -7.49 -8.03 -7.05
C LYS A 5 -8.05 -6.79 -6.36
N ALA A 6 -9.19 -6.96 -5.72
CA ALA A 6 -9.83 -5.85 -5.01
C ALA A 6 -8.87 -5.27 -3.98
N LEU A 7 -8.08 -6.15 -3.37
CA LEU A 7 -7.10 -5.75 -2.37
C LEU A 7 -6.12 -4.74 -2.95
N GLU A 8 -5.69 -5.00 -4.18
CA GLU A 8 -4.74 -4.12 -4.87
C GLU A 8 -5.35 -2.73 -5.11
N GLU A 9 -6.65 -2.68 -5.32
CA GLU A 9 -7.35 -1.43 -5.59
C GLU A 9 -7.31 -0.48 -4.39
N LYS A 10 -7.43 -1.04 -3.19
CA LYS A 10 -7.42 -0.23 -1.97
C LYS A 10 -6.03 0.32 -1.67
N VAL A 11 -5.00 -0.46 -1.99
CA VAL A 11 -3.62 -0.08 -1.75
C VAL A 11 -3.24 1.18 -2.54
N LYS A 12 -3.68 1.24 -3.78
CA LYS A 12 -3.39 2.37 -4.66
C LYS A 12 -4.12 3.62 -4.21
N ALA A 13 -5.35 3.45 -3.74
CA ALA A 13 -6.14 4.58 -3.29
C ALA A 13 -5.38 5.32 -2.19
N LEU A 14 -4.67 4.56 -1.36
CA LEU A 14 -3.88 5.15 -0.29
C LEU A 14 -2.67 5.86 -0.88
N GLU A 15 -2.18 5.34 -2.01
CA GLU A 15 -1.03 5.92 -2.68
C GLU A 15 -1.23 7.40 -2.98
N GLU A 16 -2.45 7.74 -3.37
CA GLU A 16 -2.81 9.11 -3.71
C GLU A 16 -2.74 10.03 -2.50
N LYS A 17 -3.07 9.48 -1.34
CA LYS A 17 -3.06 10.26 -0.10
C LYS A 17 -1.63 10.61 0.31
N VAL A 18 -0.68 9.74 -0.04
CA VAL A 18 0.71 9.94 0.31
C VAL A 18 1.35 11.10 -0.46
N LYS A 19 1.12 11.13 -1.77
CA LYS A 19 1.67 12.19 -2.61
C LYS A 19 0.97 13.52 -2.33
N ALA A 20 -0.25 13.45 -1.80
CA ALA A 20 -1.02 14.63 -1.50
C ALA A 20 -0.44 15.42 -0.33
N LEU A 21 0.02 14.70 0.69
CA LEU A 21 0.60 15.35 1.87
C LEU A 21 1.94 15.99 1.54
N GLY A 22 2.56 15.54 0.45
CA GLY A 22 3.84 16.09 0.05
C GLY A 22 4.63 15.16 -0.85
N GLY A 23 5.89 15.48 -1.08
CA GLY A 23 6.73 14.65 -1.92
C GLY A 23 8.08 15.28 -2.21
N GLY A 24 8.93 15.35 -1.18
CA GLY A 24 10.24 15.94 -1.33
C GLY A 24 11.16 15.60 -0.18
N GLY A 25 11.44 14.31 -0.01
CA GLY A 25 12.32 13.88 1.07
C GLY A 25 11.73 12.75 1.89
N ARG A 26 10.85 13.10 2.83
CA ARG A 26 10.21 12.10 3.68
C ARG A 26 9.04 11.44 2.96
N ILE A 27 8.19 12.26 2.36
CA ILE A 27 7.02 11.78 1.64
C ILE A 27 7.39 11.01 0.38
N GLU A 28 8.46 11.42 -0.28
CA GLU A 28 8.90 10.78 -1.51
C GLU A 28 9.31 9.33 -1.29
N GLU A 29 10.03 9.08 -0.21
CA GLU A 29 10.50 7.73 0.11
C GLU A 29 9.36 6.81 0.53
N LEU A 30 8.40 7.36 1.27
CA LEU A 30 7.27 6.60 1.76
C LEU A 30 6.47 5.95 0.64
N LYS A 31 6.19 6.72 -0.41
CA LYS A 31 5.43 6.22 -1.55
C LYS A 31 6.21 5.16 -2.30
N LYS A 32 7.53 5.31 -2.36
CA LYS A 32 8.38 4.36 -3.07
C LYS A 32 8.18 2.95 -2.53
N LYS A 33 8.04 2.83 -1.21
CA LYS A 33 7.83 1.54 -0.58
C LYS A 33 6.45 0.99 -0.96
N TYR A 34 5.49 1.89 -1.10
CA TYR A 34 4.13 1.51 -1.45
C TYR A 34 4.09 0.73 -2.77
N GLU A 35 4.93 1.12 -3.72
CA GLU A 35 4.98 0.45 -5.01
C GLU A 35 5.25 -1.04 -4.85
N GLU A 36 6.19 -1.37 -3.97
CA GLU A 36 6.53 -2.76 -3.69
C GLU A 36 5.31 -3.55 -3.25
N LEU A 37 4.46 -2.89 -2.46
CA LEU A 37 3.24 -3.51 -1.94
C LEU A 37 2.34 -3.99 -3.06
N LYS A 38 2.16 -3.15 -4.07
CA LYS A 38 1.30 -3.48 -5.21
C LYS A 38 1.76 -4.76 -5.91
N LYS A 39 3.08 -4.93 -6.02
CA LYS A 39 3.64 -6.11 -6.68
C LYS A 39 3.31 -7.40 -5.93
N LYS A 40 3.30 -7.34 -4.61
CA LYS A 40 3.01 -8.52 -3.80
C LYS A 40 1.60 -9.04 -4.03
N ILE A 41 0.64 -8.14 -4.07
CA ILE A 41 -0.76 -8.51 -4.30
C ILE A 41 -0.92 -9.18 -5.65
N GLU A 42 -0.15 -8.73 -6.62
CA GLU A 42 -0.18 -9.28 -7.97
C GLU A 42 0.25 -10.74 -7.93
N GLU A 43 1.16 -11.06 -7.02
CA GLU A 43 1.67 -12.42 -6.88
C GLU A 43 0.64 -13.31 -6.19
N LEU A 44 -0.17 -12.72 -5.32
CA LEU A 44 -1.19 -13.45 -4.60
C LEU A 44 -2.19 -14.10 -5.56
N GLY A 45 -1.89 -15.33 -5.98
CA GLY A 45 -2.77 -16.03 -6.89
C GLY A 45 -3.99 -16.59 -6.21
N GLY A 46 -3.78 -17.37 -5.16
CA GLY A 46 -4.89 -17.97 -4.43
C GLY A 46 -5.53 -16.99 -3.47
N GLY A 47 -5.93 -17.49 -2.30
CA GLY A 47 -6.56 -16.65 -1.30
C GLY A 47 -6.19 -17.03 0.11
N GLY A 48 -5.08 -16.48 0.61
CA GLY A 48 -4.63 -16.79 1.95
C GLY A 48 -3.75 -15.70 2.53
N GLU A 49 -2.78 -15.24 1.74
CA GLU A 49 -1.87 -14.19 2.18
C GLU A 49 -2.48 -12.81 1.98
N VAL A 50 -3.70 -12.75 1.44
CA VAL A 50 -4.38 -11.49 1.19
C VAL A 50 -4.49 -10.67 2.47
N LYS A 51 -4.72 -11.36 3.58
CA LYS A 51 -4.86 -10.69 4.88
C LYS A 51 -3.51 -10.11 5.32
N LYS A 52 -2.43 -10.79 4.97
CA LYS A 52 -1.09 -10.34 5.32
C LYS A 52 -0.73 -9.05 4.60
N VAL A 53 -1.23 -8.91 3.37
CA VAL A 53 -0.96 -7.72 2.56
C VAL A 53 -1.64 -6.48 3.14
N GLU A 54 -2.86 -6.65 3.64
CA GLU A 54 -3.61 -5.54 4.20
C GLU A 54 -2.95 -5.02 5.48
N GLU A 55 -2.32 -5.91 6.23
CA GLU A 55 -1.66 -5.54 7.48
C GLU A 55 -0.41 -4.70 7.26
N GLU A 56 0.37 -5.04 6.23
CA GLU A 56 1.61 -4.33 5.94
C GLU A 56 1.38 -2.90 5.45
N VAL A 57 0.34 -2.70 4.65
CA VAL A 57 0.03 -1.37 4.12
C VAL A 57 -0.48 -0.44 5.22
N LYS A 58 -1.25 -1.00 6.15
CA LYS A 58 -1.80 -0.21 7.25
C LYS A 58 -0.68 0.51 8.02
N LYS A 59 0.48 -0.13 8.08
CA LYS A 59 1.64 0.44 8.77
C LYS A 59 2.17 1.66 8.03
N LEU A 60 2.15 1.60 6.70
CA LEU A 60 2.65 2.69 5.87
C LEU A 60 1.92 4.00 6.14
N GLU A 61 0.59 3.95 6.23
CA GLU A 61 -0.21 5.15 6.48
C GLU A 61 0.02 5.67 7.90
N GLU A 62 0.24 4.75 8.83
CA GLU A 62 0.48 5.12 10.22
C GLU A 62 1.66 6.07 10.35
N GLU A 63 2.69 5.84 9.53
CA GLU A 63 3.87 6.69 9.54
C GLU A 63 3.52 8.07 9.02
N ILE A 64 2.57 8.13 8.09
CA ILE A 64 2.13 9.39 7.52
C ILE A 64 1.63 10.34 8.60
N LYS A 65 0.85 9.81 9.53
CA LYS A 65 0.30 10.62 10.62
C LYS A 65 1.41 11.10 11.56
N LYS A 66 2.50 10.33 11.62
CA LYS A 66 3.62 10.69 12.47
C LYS A 66 4.38 11.89 11.91
N LEU A 67 4.29 12.09 10.60
CA LEU A 67 4.98 13.19 9.94
C LEU A 67 4.01 14.33 9.64
N GLY A 1 -11.07 -14.40 -8.35
CA GLY A 1 -10.07 -13.49 -7.73
C GLY A 1 -10.59 -12.08 -7.57
N SER A 2 -11.71 -11.94 -6.88
CA SER A 2 -12.31 -10.63 -6.65
C SER A 2 -11.85 -10.04 -5.33
N ARG A 3 -11.56 -10.90 -4.37
CA ARG A 3 -11.10 -10.46 -3.05
C ARG A 3 -9.65 -10.01 -3.10
N VAL A 4 -8.83 -10.74 -3.85
CA VAL A 4 -7.41 -10.41 -3.97
C VAL A 4 -7.21 -9.16 -4.82
N LYS A 5 -7.91 -9.08 -5.94
CA LYS A 5 -7.80 -7.93 -6.82
C LYS A 5 -8.31 -6.68 -6.12
N ALA A 6 -9.40 -6.82 -5.38
CA ALA A 6 -9.98 -5.72 -4.63
C ALA A 6 -8.95 -5.12 -3.69
N LEU A 7 -8.09 -5.99 -3.15
CA LEU A 7 -7.05 -5.58 -2.23
C LEU A 7 -6.11 -4.57 -2.90
N GLU A 8 -5.78 -4.83 -4.15
CA GLU A 8 -4.88 -3.95 -4.91
C GLU A 8 -5.51 -2.58 -5.14
N GLU A 9 -6.83 -2.54 -5.25
CA GLU A 9 -7.55 -1.30 -5.50
C GLU A 9 -7.46 -0.33 -4.33
N LYS A 10 -7.51 -0.87 -3.10
CA LYS A 10 -7.45 -0.03 -1.90
C LYS A 10 -6.04 0.52 -1.68
N VAL A 11 -5.03 -0.27 -2.03
CA VAL A 11 -3.64 0.15 -1.85
C VAL A 11 -3.30 1.38 -2.69
N LYS A 12 -3.78 1.40 -3.92
CA LYS A 12 -3.51 2.52 -4.83
C LYS A 12 -4.23 3.77 -4.39
N ALA A 13 -5.45 3.61 -3.89
CA ALA A 13 -6.23 4.74 -3.43
C ALA A 13 -5.45 5.51 -2.37
N LEU A 14 -4.73 4.77 -1.55
CA LEU A 14 -3.90 5.38 -0.52
C LEU A 14 -2.70 6.08 -1.15
N GLU A 15 -2.25 5.54 -2.27
CA GLU A 15 -1.10 6.08 -3.00
C GLU A 15 -1.29 7.55 -3.36
N GLU A 16 -2.52 7.90 -3.73
CA GLU A 16 -2.85 9.27 -4.12
C GLU A 16 -2.73 10.22 -2.94
N LYS A 17 -3.01 9.71 -1.74
CA LYS A 17 -2.94 10.53 -0.54
C LYS A 17 -1.49 10.87 -0.21
N VAL A 18 -0.58 9.96 -0.57
CA VAL A 18 0.85 10.16 -0.30
C VAL A 18 1.44 11.29 -1.15
N LYS A 19 1.13 11.29 -2.43
CA LYS A 19 1.63 12.32 -3.34
C LYS A 19 0.99 13.67 -3.03
N ALA A 20 -0.17 13.63 -2.39
CA ALA A 20 -0.88 14.85 -2.02
C ALA A 20 -0.40 15.39 -0.68
N LEU A 21 0.39 14.58 0.03
CA LEU A 21 0.92 14.96 1.32
C LEU A 21 1.96 16.07 1.18
N GLY A 22 2.68 16.05 0.06
CA GLY A 22 3.69 17.06 -0.19
C GLY A 22 4.76 16.58 -1.15
N GLY A 23 5.16 15.32 -0.99
CA GLY A 23 6.19 14.75 -1.85
C GLY A 23 7.49 15.52 -1.80
N GLY A 24 8.34 15.17 -0.83
CA GLY A 24 9.61 15.85 -0.69
C GLY A 24 10.33 15.46 0.59
N GLY A 25 11.09 14.37 0.54
CA GLY A 25 11.82 13.93 1.71
C GLY A 25 11.17 12.74 2.39
N ARG A 26 10.38 13.00 3.42
CA ARG A 26 9.70 11.95 4.16
C ARG A 26 8.62 11.30 3.31
N ILE A 27 7.81 12.13 2.67
CA ILE A 27 6.71 11.65 1.83
C ILE A 27 7.19 10.91 0.59
N GLU A 28 8.31 11.37 0.03
CA GLU A 28 8.87 10.77 -1.19
C GLU A 28 9.30 9.32 -0.97
N GLU A 29 9.91 9.05 0.17
CA GLU A 29 10.38 7.70 0.49
C GLU A 29 9.23 6.74 0.79
N LEU A 30 8.22 7.25 1.48
CA LEU A 30 7.07 6.46 1.88
C LEU A 30 6.36 5.83 0.69
N LYS A 31 6.12 6.61 -0.36
CA LYS A 31 5.44 6.10 -1.54
C LYS A 31 6.28 5.06 -2.27
N LYS A 32 7.61 5.23 -2.25
CA LYS A 32 8.50 4.30 -2.92
C LYS A 32 8.26 2.89 -2.40
N LYS A 33 8.05 2.78 -1.09
CA LYS A 33 7.78 1.51 -0.45
C LYS A 33 6.42 0.96 -0.91
N TYR A 34 5.49 1.88 -1.12
CA TYR A 34 4.15 1.52 -1.56
C TYR A 34 4.17 0.72 -2.86
N GLU A 35 5.08 1.06 -3.76
CA GLU A 35 5.20 0.35 -5.03
C GLU A 35 5.41 -1.14 -4.81
N GLU A 36 6.28 -1.47 -3.86
CA GLU A 36 6.58 -2.86 -3.54
C GLU A 36 5.31 -3.60 -3.14
N LEU A 37 4.44 -2.90 -2.42
CA LEU A 37 3.18 -3.48 -1.96
C LEU A 37 2.32 -3.97 -3.12
N LYS A 38 2.22 -3.15 -4.16
CA LYS A 38 1.43 -3.49 -5.34
C LYS A 38 1.86 -4.83 -5.94
N LYS A 39 3.16 -5.07 -5.96
CA LYS A 39 3.71 -6.30 -6.52
C LYS A 39 3.29 -7.53 -5.70
N LYS A 40 3.23 -7.38 -4.39
CA LYS A 40 2.86 -8.47 -3.49
C LYS A 40 1.46 -9.00 -3.79
N ILE A 41 0.53 -8.09 -3.97
CA ILE A 41 -0.86 -8.44 -4.25
C ILE A 41 -0.96 -9.17 -5.59
N GLU A 42 -0.12 -8.76 -6.54
CA GLU A 42 -0.08 -9.37 -7.85
C GLU A 42 0.26 -10.85 -7.73
N GLU A 43 1.09 -11.17 -6.74
CA GLU A 43 1.51 -12.55 -6.51
C GLU A 43 0.48 -13.33 -5.70
N LEU A 44 -0.36 -12.60 -4.96
CA LEU A 44 -1.39 -13.23 -4.14
C LEU A 44 -2.26 -14.17 -4.97
N GLY A 45 -2.49 -15.37 -4.47
CA GLY A 45 -3.31 -16.34 -5.18
C GLY A 45 -4.50 -16.81 -4.36
N GLY A 46 -5.04 -15.92 -3.54
CA GLY A 46 -6.18 -16.26 -2.71
C GLY A 46 -5.80 -17.15 -1.54
N GLY A 47 -6.75 -17.36 -0.63
CA GLY A 47 -6.49 -18.19 0.53
C GLY A 47 -6.38 -17.39 1.81
N GLY A 48 -5.35 -17.65 2.59
CA GLY A 48 -5.14 -16.93 3.84
C GLY A 48 -3.89 -16.08 3.83
N GLU A 49 -3.52 -15.59 2.65
CA GLU A 49 -2.34 -14.75 2.51
C GLU A 49 -2.72 -13.30 2.21
N VAL A 50 -3.91 -13.11 1.66
CA VAL A 50 -4.38 -11.77 1.33
C VAL A 50 -4.38 -10.85 2.55
N LYS A 51 -4.56 -11.44 3.72
CA LYS A 51 -4.59 -10.69 4.97
C LYS A 51 -3.19 -10.15 5.31
N LYS A 52 -2.16 -10.85 4.85
CA LYS A 52 -0.78 -10.44 5.11
C LYS A 52 -0.44 -9.15 4.38
N VAL A 53 -0.98 -8.99 3.17
CA VAL A 53 -0.72 -7.79 2.38
C VAL A 53 -1.43 -6.58 2.95
N GLU A 54 -2.66 -6.77 3.44
CA GLU A 54 -3.43 -5.69 4.02
C GLU A 54 -2.71 -5.08 5.22
N GLU A 55 -2.01 -5.93 5.98
CA GLU A 55 -1.27 -5.49 7.15
C GLU A 55 -0.05 -4.66 6.75
N GLU A 56 0.59 -5.05 5.65
CA GLU A 56 1.78 -4.36 5.16
C GLU A 56 1.51 -2.89 4.88
N VAL A 57 0.41 -2.61 4.21
CA VAL A 57 0.05 -1.23 3.88
C VAL A 57 -0.33 -0.44 5.13
N LYS A 58 -0.97 -1.12 6.09
CA LYS A 58 -1.39 -0.49 7.33
C LYS A 58 -0.23 0.19 8.04
N LYS A 59 0.95 -0.38 7.90
CA LYS A 59 2.15 0.18 8.52
C LYS A 59 2.52 1.51 7.87
N LEU A 60 2.34 1.57 6.55
CA LEU A 60 2.67 2.77 5.77
C LEU A 60 1.90 3.99 6.25
N GLU A 61 0.60 3.83 6.48
CA GLU A 61 -0.24 4.94 6.92
C GLU A 61 0.12 5.37 8.34
N GLU A 62 0.52 4.41 9.17
CA GLU A 62 0.89 4.70 10.55
C GLU A 62 1.95 5.78 10.62
N GLU A 63 2.88 5.75 9.67
CA GLU A 63 3.94 6.74 9.60
C GLU A 63 3.40 8.09 9.15
N ILE A 64 2.37 8.03 8.29
CA ILE A 64 1.76 9.25 7.75
C ILE A 64 1.20 10.15 8.86
N LYS A 65 0.66 9.54 9.91
CA LYS A 65 0.09 10.31 11.01
C LYS A 65 1.18 10.95 11.85
N LYS A 66 2.35 10.33 11.88
CA LYS A 66 3.48 10.86 12.64
C LYS A 66 4.09 12.06 11.94
N LEU A 67 3.87 12.17 10.63
CA LEU A 67 4.40 13.27 9.85
C LEU A 67 3.31 14.30 9.54
N GLY A 1 -9.25 -14.66 -10.02
CA GLY A 1 -8.56 -13.62 -9.22
C GLY A 1 -9.34 -12.32 -9.15
N SER A 2 -10.43 -12.33 -8.40
CA SER A 2 -11.26 -11.14 -8.26
C SER A 2 -11.13 -10.53 -6.87
N ARG A 3 -10.88 -11.39 -5.88
CA ARG A 3 -10.73 -10.94 -4.50
C ARG A 3 -9.34 -10.36 -4.26
N VAL A 4 -8.34 -10.97 -4.89
CA VAL A 4 -6.96 -10.51 -4.75
C VAL A 4 -6.75 -9.20 -5.51
N LYS A 5 -7.26 -9.14 -6.73
CA LYS A 5 -7.13 -7.93 -7.54
C LYS A 5 -7.75 -6.73 -6.83
N ALA A 6 -8.94 -6.93 -6.26
CA ALA A 6 -9.62 -5.88 -5.54
C ALA A 6 -8.74 -5.36 -4.41
N LEU A 7 -7.98 -6.28 -3.82
CA LEU A 7 -7.07 -5.94 -2.72
C LEU A 7 -6.06 -4.90 -3.19
N GLU A 8 -5.61 -5.04 -4.42
CA GLU A 8 -4.64 -4.12 -4.99
C GLU A 8 -5.24 -2.72 -5.18
N GLU A 9 -6.54 -2.67 -5.45
CA GLU A 9 -7.24 -1.42 -5.66
C GLU A 9 -7.29 -0.55 -4.40
N LYS A 10 -7.43 -1.19 -3.24
CA LYS A 10 -7.51 -0.46 -1.98
C LYS A 10 -6.15 0.14 -1.59
N VAL A 11 -5.07 -0.57 -1.92
CA VAL A 11 -3.73 -0.11 -1.61
C VAL A 11 -3.36 1.15 -2.38
N LYS A 12 -3.83 1.23 -3.62
CA LYS A 12 -3.55 2.37 -4.49
C LYS A 12 -4.29 3.61 -4.01
N ALA A 13 -5.50 3.42 -3.53
CA ALA A 13 -6.29 4.54 -3.05
C ALA A 13 -5.53 5.29 -1.97
N LEU A 14 -4.78 4.53 -1.16
CA LEU A 14 -3.97 5.14 -0.11
C LEU A 14 -2.79 5.87 -0.72
N GLU A 15 -2.33 5.38 -1.86
CA GLU A 15 -1.20 5.98 -2.56
C GLU A 15 -1.43 7.46 -2.85
N GLU A 16 -2.68 7.78 -3.21
CA GLU A 16 -3.06 9.15 -3.53
C GLU A 16 -2.97 10.07 -2.32
N LYS A 17 -3.26 9.52 -1.14
CA LYS A 17 -3.21 10.30 0.09
C LYS A 17 -1.78 10.65 0.46
N VAL A 18 -0.84 9.79 0.07
CA VAL A 18 0.58 10.01 0.38
C VAL A 18 1.16 11.18 -0.42
N LYS A 19 0.87 11.21 -1.72
CA LYS A 19 1.36 12.27 -2.57
C LYS A 19 0.67 13.59 -2.28
N ALA A 20 -0.51 13.51 -1.68
CA ALA A 20 -1.30 14.69 -1.34
C ALA A 20 -0.68 15.48 -0.19
N LEU A 21 -0.10 14.78 0.78
CA LEU A 21 0.52 15.45 1.92
C LEU A 21 1.78 16.20 1.51
N GLY A 22 2.09 17.25 2.25
CA GLY A 22 3.26 18.07 1.95
C GLY A 22 4.53 17.25 1.82
N GLY A 23 5.10 17.24 0.62
CA GLY A 23 6.33 16.49 0.38
C GLY A 23 7.54 17.17 0.97
N GLY A 24 8.65 16.43 1.07
CA GLY A 24 9.86 16.99 1.63
C GLY A 24 10.93 15.94 1.88
N GLY A 25 11.10 15.03 0.92
CA GLY A 25 12.10 13.99 1.07
C GLY A 25 11.57 12.76 1.78
N ARG A 26 10.93 12.97 2.92
CA ARG A 26 10.37 11.87 3.71
C ARG A 26 9.18 11.24 2.99
N ILE A 27 8.30 12.09 2.48
CA ILE A 27 7.10 11.64 1.78
C ILE A 27 7.41 10.94 0.46
N GLU A 28 8.41 11.42 -0.26
CA GLU A 28 8.78 10.85 -1.56
C GLU A 28 9.25 9.39 -1.42
N GLU A 29 9.98 9.10 -0.36
CA GLU A 29 10.49 7.75 -0.13
C GLU A 29 9.38 6.78 0.27
N LEU A 30 8.45 7.28 1.08
CA LEU A 30 7.34 6.47 1.58
C LEU A 30 6.51 5.87 0.45
N LYS A 31 6.17 6.68 -0.55
CA LYS A 31 5.36 6.22 -1.68
C LYS A 31 6.13 5.19 -2.51
N LYS A 32 7.44 5.37 -2.63
CA LYS A 32 8.27 4.46 -3.41
C LYS A 32 8.10 3.03 -2.90
N LYS A 33 8.01 2.89 -1.58
CA LYS A 33 7.83 1.59 -0.94
C LYS A 33 6.44 1.06 -1.26
N TYR A 34 5.47 1.96 -1.35
CA TYR A 34 4.08 1.59 -1.64
C TYR A 34 3.98 0.81 -2.96
N GLU A 35 4.78 1.19 -3.94
CA GLU A 35 4.76 0.51 -5.24
C GLU A 35 5.11 -0.96 -5.04
N GLU A 36 6.05 -1.22 -4.14
CA GLU A 36 6.47 -2.57 -3.83
C GLU A 36 5.30 -3.39 -3.34
N LEU A 37 4.43 -2.74 -2.56
CA LEU A 37 3.25 -3.39 -2.00
C LEU A 37 2.35 -3.98 -3.08
N LYS A 38 2.11 -3.20 -4.14
CA LYS A 38 1.26 -3.65 -5.24
C LYS A 38 1.76 -4.97 -5.81
N LYS A 39 3.07 -5.11 -5.92
CA LYS A 39 3.68 -6.33 -6.45
C LYS A 39 3.39 -7.54 -5.57
N LYS A 40 3.38 -7.33 -4.25
CA LYS A 40 3.14 -8.41 -3.30
C LYS A 40 1.75 -9.02 -3.50
N ILE A 41 0.78 -8.17 -3.82
CA ILE A 41 -0.59 -8.61 -4.05
C ILE A 41 -0.67 -9.46 -5.31
N GLU A 42 0.14 -9.10 -6.29
CA GLU A 42 0.17 -9.82 -7.56
C GLU A 42 0.63 -11.25 -7.35
N GLU A 43 1.51 -11.45 -6.38
CA GLU A 43 2.05 -12.77 -6.07
C GLU A 43 1.03 -13.65 -5.34
N LEU A 44 0.41 -13.11 -4.30
CA LEU A 44 -0.57 -13.85 -3.52
C LEU A 44 -1.72 -14.33 -4.41
N GLY A 45 -2.04 -15.62 -4.30
CA GLY A 45 -3.13 -16.17 -5.10
C GLY A 45 -4.19 -16.84 -4.24
N GLY A 46 -5.19 -17.42 -4.90
CA GLY A 46 -6.26 -18.09 -4.17
C GLY A 46 -6.96 -17.17 -3.19
N GLY A 47 -6.72 -17.41 -1.90
CA GLY A 47 -7.33 -16.60 -0.86
C GLY A 47 -6.67 -16.78 0.49
N GLY A 48 -6.85 -15.80 1.36
CA GLY A 48 -6.27 -15.87 2.69
C GLY A 48 -5.10 -14.92 2.86
N GLU A 49 -4.12 -15.03 1.97
CA GLU A 49 -2.94 -14.17 2.03
C GLU A 49 -3.31 -12.70 1.89
N VAL A 50 -4.48 -12.45 1.29
CA VAL A 50 -4.95 -11.08 1.08
C VAL A 50 -4.97 -10.30 2.39
N LYS A 51 -5.19 -11.01 3.50
CA LYS A 51 -5.25 -10.38 4.81
C LYS A 51 -3.86 -9.88 5.23
N LYS A 52 -2.83 -10.61 4.82
CA LYS A 52 -1.45 -10.25 5.15
C LYS A 52 -1.04 -8.96 4.45
N VAL A 53 -1.55 -8.75 3.24
CA VAL A 53 -1.23 -7.57 2.47
C VAL A 53 -1.83 -6.31 3.08
N GLU A 54 -3.05 -6.44 3.60
CA GLU A 54 -3.73 -5.30 4.22
C GLU A 54 -3.02 -4.85 5.49
N GLU A 55 -2.43 -5.79 6.20
CA GLU A 55 -1.74 -5.49 7.45
C GLU A 55 -0.44 -4.71 7.25
N GLU A 56 0.33 -5.05 6.22
CA GLU A 56 1.60 -4.38 5.95
C GLU A 56 1.42 -2.94 5.49
N VAL A 57 0.39 -2.68 4.69
CA VAL A 57 0.12 -1.34 4.18
C VAL A 57 -0.35 -0.41 5.29
N LYS A 58 -1.12 -0.95 6.24
CA LYS A 58 -1.63 -0.17 7.35
C LYS A 58 -0.50 0.53 8.09
N LYS A 59 0.66 -0.12 8.13
CA LYS A 59 1.83 0.43 8.81
C LYS A 59 2.36 1.66 8.06
N LEU A 60 2.30 1.61 6.74
CA LEU A 60 2.80 2.70 5.89
C LEU A 60 2.08 4.01 6.18
N GLU A 61 0.76 3.96 6.30
CA GLU A 61 -0.02 5.16 6.57
C GLU A 61 0.23 5.68 7.98
N GLU A 62 0.47 4.77 8.91
CA GLU A 62 0.73 5.12 10.30
C GLU A 62 1.92 6.07 10.40
N GLU A 63 2.94 5.83 9.57
CA GLU A 63 4.12 6.67 9.55
C GLU A 63 3.77 8.06 9.05
N ILE A 64 2.80 8.12 8.15
CA ILE A 64 2.36 9.39 7.59
C ILE A 64 1.77 10.30 8.67
N LYS A 65 1.14 9.70 9.66
CA LYS A 65 0.53 10.45 10.76
C LYS A 65 1.60 11.02 11.68
N LYS A 66 2.75 10.34 11.76
CA LYS A 66 3.85 10.78 12.60
C LYS A 66 4.66 11.89 11.93
N LEU A 67 4.52 12.02 10.61
CA LEU A 67 5.24 13.04 9.86
C LEU A 67 4.35 14.26 9.59
N GLY A 1 -9.58 -15.37 -8.75
CA GLY A 1 -8.73 -14.29 -8.18
C GLY A 1 -9.38 -12.92 -8.26
N SER A 2 -10.47 -12.75 -7.52
CA SER A 2 -11.20 -11.48 -7.53
C SER A 2 -10.98 -10.73 -6.21
N ARG A 3 -10.90 -11.48 -5.12
CA ARG A 3 -10.70 -10.89 -3.81
C ARG A 3 -9.30 -10.31 -3.68
N VAL A 4 -8.33 -10.96 -4.31
CA VAL A 4 -6.95 -10.51 -4.27
C VAL A 4 -6.76 -9.24 -5.11
N LYS A 5 -7.33 -9.26 -6.31
CA LYS A 5 -7.23 -8.11 -7.21
C LYS A 5 -7.86 -6.87 -6.57
N ALA A 6 -9.03 -7.05 -5.97
CA ALA A 6 -9.72 -5.95 -5.32
C ALA A 6 -8.83 -5.35 -4.25
N LEU A 7 -8.05 -6.20 -3.59
CA LEU A 7 -7.13 -5.77 -2.55
C LEU A 7 -6.12 -4.75 -3.10
N GLU A 8 -5.68 -4.99 -4.32
CA GLU A 8 -4.72 -4.11 -4.96
C GLU A 8 -5.31 -2.72 -5.26
N GLU A 9 -6.62 -2.70 -5.53
CA GLU A 9 -7.32 -1.46 -5.84
C GLU A 9 -7.38 -0.52 -4.63
N LYS A 10 -7.56 -1.08 -3.44
CA LYS A 10 -7.65 -0.28 -2.22
C LYS A 10 -6.29 0.31 -1.82
N VAL A 11 -5.23 -0.46 -2.08
CA VAL A 11 -3.89 -0.03 -1.75
C VAL A 11 -3.48 1.21 -2.55
N LYS A 12 -3.90 1.24 -3.80
CA LYS A 12 -3.59 2.36 -4.69
C LYS A 12 -4.32 3.62 -4.27
N ALA A 13 -5.56 3.46 -3.82
CA ALA A 13 -6.35 4.59 -3.38
C ALA A 13 -5.61 5.33 -2.28
N LEU A 14 -4.92 4.58 -1.44
CA LEU A 14 -4.14 5.16 -0.36
C LEU A 14 -2.92 5.88 -0.91
N GLU A 15 -2.41 5.37 -2.02
CA GLU A 15 -1.22 5.95 -2.67
C GLU A 15 -1.41 7.44 -2.97
N GLU A 16 -2.61 7.80 -3.38
CA GLU A 16 -2.92 9.19 -3.73
C GLU A 16 -2.86 10.09 -2.49
N LYS A 17 -3.21 9.54 -1.35
CA LYS A 17 -3.19 10.29 -0.11
C LYS A 17 -1.76 10.60 0.32
N VAL A 18 -0.84 9.71 -0.04
CA VAL A 18 0.57 9.88 0.31
C VAL A 18 1.21 11.06 -0.43
N LYS A 19 0.95 11.14 -1.73
CA LYS A 19 1.49 12.21 -2.55
C LYS A 19 0.84 13.56 -2.21
N ALA A 20 -0.36 13.49 -1.65
CA ALA A 20 -1.10 14.68 -1.28
C ALA A 20 -0.68 15.21 0.09
N LEU A 21 -0.03 14.37 0.89
CA LEU A 21 0.42 14.76 2.22
C LEU A 21 1.68 15.63 2.13
N GLY A 22 2.38 15.56 1.00
CA GLY A 22 3.58 16.36 0.82
C GLY A 22 4.42 15.88 -0.35
N GLY A 23 5.70 16.24 -0.34
CA GLY A 23 6.59 15.85 -1.42
C GLY A 23 7.98 16.44 -1.28
N GLY A 24 8.77 15.90 -0.36
CA GLY A 24 10.11 16.39 -0.15
C GLY A 24 10.92 15.51 0.78
N GLY A 25 11.39 14.38 0.27
CA GLY A 25 12.19 13.47 1.07
C GLY A 25 11.35 12.42 1.78
N ARG A 26 10.99 12.70 3.03
CA ARG A 26 10.18 11.77 3.82
C ARG A 26 8.90 11.38 3.08
N ILE A 27 8.29 12.36 2.41
CA ILE A 27 7.06 12.12 1.67
C ILE A 27 7.29 11.21 0.45
N GLU A 28 8.35 11.49 -0.29
CA GLU A 28 8.67 10.72 -1.51
C GLU A 28 9.12 9.30 -1.20
N GLU A 29 10.02 9.15 -0.24
CA GLU A 29 10.54 7.83 0.13
C GLU A 29 9.41 6.90 0.57
N LEU A 30 8.45 7.46 1.30
CA LEU A 30 7.32 6.69 1.83
C LEU A 30 6.51 6.01 0.74
N LYS A 31 6.20 6.75 -0.33
CA LYS A 31 5.40 6.20 -1.42
C LYS A 31 6.14 5.10 -2.18
N LYS A 32 7.46 5.22 -2.30
CA LYS A 32 8.25 4.23 -3.01
C LYS A 32 8.03 2.84 -2.42
N LYS A 33 7.93 2.77 -1.10
CA LYS A 33 7.68 1.50 -0.43
C LYS A 33 6.33 0.96 -0.84
N TYR A 34 5.38 1.88 -1.04
CA TYR A 34 4.03 1.51 -1.45
C TYR A 34 4.04 0.71 -2.75
N GLU A 35 4.93 1.07 -3.67
CA GLU A 35 5.06 0.38 -4.94
C GLU A 35 5.30 -1.11 -4.71
N GLU A 36 6.12 -1.41 -3.72
CA GLU A 36 6.44 -2.78 -3.37
C GLU A 36 5.17 -3.54 -3.00
N LEU A 37 4.27 -2.85 -2.32
CA LEU A 37 3.00 -3.43 -1.88
C LEU A 37 2.18 -3.96 -3.06
N LYS A 38 2.09 -3.16 -4.11
CA LYS A 38 1.32 -3.54 -5.30
C LYS A 38 1.84 -4.84 -5.92
N LYS A 39 3.17 -4.99 -5.95
CA LYS A 39 3.80 -6.16 -6.54
C LYS A 39 3.43 -7.46 -5.80
N LYS A 40 3.33 -7.38 -4.47
CA LYS A 40 3.02 -8.55 -3.65
C LYS A 40 1.62 -9.09 -3.94
N ILE A 41 0.64 -8.20 -4.00
CA ILE A 41 -0.74 -8.59 -4.26
C ILE A 41 -0.87 -9.27 -5.61
N GLU A 42 -0.07 -8.81 -6.56
CA GLU A 42 -0.06 -9.38 -7.90
C GLU A 42 0.43 -10.82 -7.86
N GLU A 43 1.34 -11.09 -6.95
CA GLU A 43 1.90 -12.44 -6.80
C GLU A 43 0.91 -13.37 -6.11
N LEU A 44 0.05 -12.80 -5.27
CA LEU A 44 -0.95 -13.59 -4.56
C LEU A 44 -1.84 -14.35 -5.54
N GLY A 45 -2.17 -15.59 -5.19
CA GLY A 45 -3.01 -16.41 -6.04
C GLY A 45 -4.49 -16.22 -5.75
N GLY A 46 -5.01 -16.99 -4.80
CA GLY A 46 -6.41 -16.89 -4.45
C GLY A 46 -6.67 -17.17 -2.98
N GLY A 47 -6.75 -16.11 -2.18
CA GLY A 47 -6.98 -16.26 -0.76
C GLY A 47 -5.84 -16.97 -0.06
N GLY A 48 -5.36 -16.37 1.04
CA GLY A 48 -4.27 -16.97 1.78
C GLY A 48 -3.37 -15.92 2.43
N GLU A 49 -2.84 -15.03 1.61
CA GLU A 49 -1.97 -13.97 2.10
C GLU A 49 -2.60 -12.60 1.95
N VAL A 50 -3.81 -12.56 1.38
CA VAL A 50 -4.52 -11.29 1.19
C VAL A 50 -4.65 -10.53 2.50
N LYS A 51 -4.86 -11.27 3.58
CA LYS A 51 -5.01 -10.66 4.90
C LYS A 51 -3.68 -10.06 5.37
N LYS A 52 -2.59 -10.74 5.03
CA LYS A 52 -1.26 -10.29 5.40
C LYS A 52 -0.89 -9.01 4.67
N VAL A 53 -1.38 -8.87 3.44
CA VAL A 53 -1.10 -7.70 2.62
C VAL A 53 -1.75 -6.45 3.21
N GLU A 54 -2.96 -6.59 3.74
CA GLU A 54 -3.67 -5.46 4.32
C GLU A 54 -2.97 -4.93 5.57
N GLU A 55 -2.33 -5.83 6.32
CA GLU A 55 -1.64 -5.46 7.54
C GLU A 55 -0.36 -4.65 7.27
N GLU A 56 0.34 -4.98 6.20
CA GLU A 56 1.59 -4.30 5.85
C GLU A 56 1.36 -2.86 5.40
N VAL A 57 0.31 -2.65 4.60
CA VAL A 57 0.01 -1.31 4.09
C VAL A 57 -0.45 -0.38 5.22
N LYS A 58 -1.18 -0.92 6.18
CA LYS A 58 -1.68 -0.14 7.31
C LYS A 58 -0.52 0.55 8.03
N LYS A 59 0.64 -0.11 8.05
CA LYS A 59 1.81 0.43 8.71
C LYS A 59 2.35 1.66 7.95
N LEU A 60 2.28 1.60 6.62
CA LEU A 60 2.77 2.69 5.79
C LEU A 60 2.07 4.01 6.07
N GLU A 61 0.74 3.97 6.19
CA GLU A 61 -0.03 5.19 6.44
C GLU A 61 0.24 5.71 7.85
N GLU A 62 0.48 4.80 8.79
CA GLU A 62 0.77 5.16 10.17
C GLU A 62 1.96 6.11 10.24
N GLU A 63 2.95 5.86 9.39
CA GLU A 63 4.14 6.70 9.34
C GLU A 63 3.79 8.08 8.84
N ILE A 64 2.81 8.14 7.94
CA ILE A 64 2.36 9.40 7.37
C ILE A 64 1.89 10.36 8.46
N LYS A 65 1.20 9.82 9.46
CA LYS A 65 0.70 10.63 10.57
C LYS A 65 1.84 11.07 11.47
N LYS A 66 2.88 10.25 11.55
CA LYS A 66 4.04 10.55 12.37
C LYS A 66 4.79 11.78 11.85
N LEU A 67 4.66 12.02 10.54
CA LEU A 67 5.33 13.16 9.92
C LEU A 67 4.37 14.35 9.77
N GLY A 1 -9.99 -14.83 -9.48
CA GLY A 1 -9.82 -13.87 -8.35
C GLY A 1 -11.07 -13.05 -8.08
N SER A 2 -11.07 -12.33 -6.97
CA SER A 2 -12.21 -11.51 -6.59
C SER A 2 -11.91 -10.69 -5.33
N ARG A 3 -11.24 -11.33 -4.37
CA ARG A 3 -10.90 -10.66 -3.12
C ARG A 3 -9.46 -10.18 -3.14
N VAL A 4 -8.59 -10.90 -3.85
CA VAL A 4 -7.19 -10.54 -3.95
C VAL A 4 -6.99 -9.32 -4.83
N LYS A 5 -7.67 -9.29 -5.98
CA LYS A 5 -7.57 -8.18 -6.91
C LYS A 5 -8.12 -6.91 -6.26
N ALA A 6 -9.24 -7.04 -5.57
CA ALA A 6 -9.87 -5.91 -4.90
C ALA A 6 -8.87 -5.29 -3.93
N LEU A 7 -8.06 -6.14 -3.31
CA LEU A 7 -7.05 -5.70 -2.35
C LEU A 7 -6.08 -4.71 -3.00
N GLU A 8 -5.72 -4.98 -4.25
CA GLU A 8 -4.79 -4.13 -4.99
C GLU A 8 -5.41 -2.75 -5.28
N GLU A 9 -6.72 -2.71 -5.45
CA GLU A 9 -7.42 -1.47 -5.76
C GLU A 9 -7.38 -0.49 -4.58
N LYS A 10 -7.49 -1.02 -3.37
CA LYS A 10 -7.48 -0.19 -2.17
C LYS A 10 -6.09 0.38 -1.87
N VAL A 11 -5.06 -0.40 -2.18
CA VAL A 11 -3.68 0.01 -1.93
C VAL A 11 -3.30 1.25 -2.74
N LYS A 12 -3.66 1.27 -4.01
CA LYS A 12 -3.34 2.39 -4.89
C LYS A 12 -4.12 3.64 -4.50
N ALA A 13 -5.37 3.46 -4.12
CA ALA A 13 -6.20 4.58 -3.72
C ALA A 13 -5.53 5.36 -2.60
N LEU A 14 -4.86 4.61 -1.72
CA LEU A 14 -4.13 5.22 -0.61
C LEU A 14 -2.91 5.96 -1.12
N GLU A 15 -2.33 5.45 -2.21
CA GLU A 15 -1.15 6.04 -2.81
C GLU A 15 -1.31 7.54 -3.09
N GLU A 16 -2.49 7.92 -3.52
CA GLU A 16 -2.79 9.32 -3.85
C GLU A 16 -2.75 10.20 -2.61
N LYS A 17 -3.15 9.65 -1.47
CA LYS A 17 -3.16 10.39 -0.23
C LYS A 17 -1.73 10.67 0.25
N VAL A 18 -0.82 9.76 -0.09
CA VAL A 18 0.58 9.88 0.31
C VAL A 18 1.26 11.05 -0.38
N LYS A 19 1.06 11.17 -1.69
CA LYS A 19 1.65 12.25 -2.47
C LYS A 19 1.01 13.58 -2.12
N ALA A 20 -0.20 13.54 -1.59
CA ALA A 20 -0.93 14.75 -1.22
C ALA A 20 -0.63 15.16 0.23
N LEU A 21 0.02 14.29 0.98
CA LEU A 21 0.35 14.58 2.37
C LEU A 21 1.51 15.57 2.46
N GLY A 22 2.40 15.52 1.48
CA GLY A 22 3.54 16.43 1.46
C GLY A 22 4.46 16.17 0.29
N GLY A 23 5.69 16.68 0.39
CA GLY A 23 6.65 16.50 -0.67
C GLY A 23 8.08 16.76 -0.23
N GLY A 24 8.80 15.68 0.09
CA GLY A 24 10.17 15.82 0.55
C GLY A 24 10.89 14.48 0.63
N GLY A 25 11.92 14.41 1.47
CA GLY A 25 12.66 13.19 1.63
C GLY A 25 11.89 12.13 2.40
N ARG A 26 10.97 12.58 3.25
CA ARG A 26 10.17 11.66 4.05
C ARG A 26 8.94 11.19 3.28
N ILE A 27 8.28 12.12 2.60
CA ILE A 27 7.09 11.80 1.82
C ILE A 27 7.41 10.94 0.60
N GLU A 28 8.48 11.29 -0.12
CA GLU A 28 8.89 10.58 -1.32
C GLU A 28 9.28 9.13 -1.03
N GLU A 29 9.98 8.91 0.06
CA GLU A 29 10.42 7.56 0.44
C GLU A 29 9.25 6.66 0.80
N LEU A 30 8.26 7.24 1.48
CA LEU A 30 7.08 6.51 1.93
C LEU A 30 6.33 5.87 0.76
N LYS A 31 6.10 6.64 -0.29
CA LYS A 31 5.39 6.15 -1.47
C LYS A 31 6.17 5.07 -2.20
N LYS A 32 7.50 5.20 -2.20
CA LYS A 32 8.35 4.24 -2.87
C LYS A 32 8.09 2.83 -2.33
N LYS A 33 7.90 2.75 -1.02
CA LYS A 33 7.62 1.46 -0.38
C LYS A 33 6.26 0.94 -0.85
N TYR A 34 5.33 1.86 -1.08
CA TYR A 34 3.99 1.51 -1.53
C TYR A 34 4.03 0.71 -2.83
N GLU A 35 4.96 1.06 -3.72
CA GLU A 35 5.09 0.37 -5.00
C GLU A 35 5.28 -1.13 -4.78
N GLU A 36 6.12 -1.46 -3.82
CA GLU A 36 6.40 -2.87 -3.48
C GLU A 36 5.13 -3.58 -3.04
N LEU A 37 4.28 -2.85 -2.30
CA LEU A 37 3.03 -3.41 -1.80
C LEU A 37 2.14 -3.90 -2.93
N LYS A 38 2.13 -3.18 -4.04
CA LYS A 38 1.31 -3.54 -5.20
C LYS A 38 1.76 -4.86 -5.82
N LYS A 39 3.07 -5.07 -5.88
CA LYS A 39 3.64 -6.27 -6.48
C LYS A 39 3.25 -7.54 -5.72
N LYS A 40 3.17 -7.44 -4.40
CA LYS A 40 2.83 -8.59 -3.55
C LYS A 40 1.43 -9.12 -3.86
N ILE A 41 0.51 -8.21 -4.13
CA ILE A 41 -0.87 -8.57 -4.43
C ILE A 41 -0.98 -9.24 -5.80
N GLU A 42 -0.15 -8.80 -6.73
CA GLU A 42 -0.13 -9.32 -8.07
C GLU A 42 0.27 -10.80 -8.08
N GLU A 43 1.15 -11.18 -7.14
CA GLU A 43 1.61 -12.55 -7.05
C GLU A 43 0.62 -13.43 -6.31
N LEU A 44 -0.17 -12.83 -5.43
CA LEU A 44 -1.17 -13.57 -4.66
C LEU A 44 -2.15 -14.28 -5.59
N GLY A 45 -1.91 -15.56 -5.82
CA GLY A 45 -2.79 -16.34 -6.68
C GLY A 45 -4.12 -16.63 -6.03
N GLY A 46 -4.09 -17.17 -4.81
CA GLY A 46 -5.31 -17.50 -4.11
C GLY A 46 -5.44 -16.75 -2.80
N GLY A 47 -6.36 -17.19 -1.95
CA GLY A 47 -6.58 -16.55 -0.67
C GLY A 47 -5.62 -17.04 0.39
N GLY A 48 -5.60 -16.36 1.53
CA GLY A 48 -4.73 -16.76 2.63
C GLY A 48 -3.75 -15.67 3.00
N GLU A 49 -2.80 -15.39 2.11
CA GLU A 49 -1.80 -14.37 2.35
C GLU A 49 -2.36 -12.97 2.10
N VAL A 50 -3.57 -12.90 1.57
CA VAL A 50 -4.22 -11.61 1.30
C VAL A 50 -4.29 -10.75 2.56
N LYS A 51 -4.45 -11.40 3.71
CA LYS A 51 -4.53 -10.70 4.98
C LYS A 51 -3.19 -10.07 5.35
N LYS A 52 -2.10 -10.74 4.95
CA LYS A 52 -0.76 -10.26 5.23
C LYS A 52 -0.49 -8.96 4.50
N VAL A 53 -1.06 -8.82 3.31
CA VAL A 53 -0.89 -7.63 2.50
C VAL A 53 -1.61 -6.43 3.10
N GLU A 54 -2.80 -6.66 3.64
CA GLU A 54 -3.60 -5.58 4.23
C GLU A 54 -2.87 -4.92 5.41
N GLU A 55 -2.20 -5.73 6.22
CA GLU A 55 -1.47 -5.22 7.38
C GLU A 55 -0.25 -4.42 6.96
N GLU A 56 0.40 -4.86 5.89
CA GLU A 56 1.60 -4.21 5.39
C GLU A 56 1.34 -2.74 5.02
N VAL A 57 0.24 -2.49 4.33
CA VAL A 57 -0.12 -1.14 3.93
C VAL A 57 -0.47 -0.28 5.13
N LYS A 58 -1.10 -0.91 6.13
CA LYS A 58 -1.50 -0.20 7.35
C LYS A 58 -0.31 0.50 7.99
N LYS A 59 0.87 -0.09 7.87
CA LYS A 59 2.09 0.48 8.44
C LYS A 59 2.48 1.76 7.70
N LEU A 60 2.30 1.77 6.39
CA LEU A 60 2.65 2.91 5.55
C LEU A 60 1.90 4.18 5.95
N GLU A 61 0.60 4.07 6.17
CA GLU A 61 -0.21 5.22 6.55
C GLU A 61 0.13 5.71 7.95
N GLU A 62 0.50 4.78 8.82
CA GLU A 62 0.86 5.11 10.19
C GLU A 62 1.97 6.16 10.22
N GLU A 63 2.98 5.96 9.40
CA GLU A 63 4.10 6.89 9.33
C GLU A 63 3.62 8.26 8.87
N ILE A 64 2.60 8.27 8.01
CA ILE A 64 2.04 9.51 7.50
C ILE A 64 1.47 10.38 8.63
N LYS A 65 0.95 9.72 9.66
CA LYS A 65 0.38 10.43 10.80
C LYS A 65 1.47 11.07 11.64
N LYS A 66 2.57 10.36 11.82
CA LYS A 66 3.69 10.85 12.62
C LYS A 66 4.28 12.11 11.99
N LEU A 67 4.11 12.26 10.68
CA LEU A 67 4.63 13.42 9.97
C LEU A 67 3.52 14.42 9.69
N GLY A 1 -8.36 -12.24 -9.44
CA GLY A 1 -9.35 -12.81 -8.47
C GLY A 1 -10.44 -11.83 -8.11
N SER A 2 -11.25 -12.20 -7.13
CA SER A 2 -12.34 -11.34 -6.67
C SER A 2 -11.99 -10.67 -5.35
N ARG A 3 -11.21 -11.36 -4.52
CA ARG A 3 -10.80 -10.83 -3.23
C ARG A 3 -9.37 -10.31 -3.28
N VAL A 4 -8.53 -10.98 -4.05
CA VAL A 4 -7.13 -10.58 -4.19
C VAL A 4 -7.01 -9.30 -5.01
N LYS A 5 -7.73 -9.24 -6.13
CA LYS A 5 -7.70 -8.08 -6.99
C LYS A 5 -8.23 -6.85 -6.25
N ALA A 6 -9.31 -7.05 -5.49
CA ALA A 6 -9.91 -5.97 -4.72
C ALA A 6 -8.88 -5.37 -3.78
N LEU A 7 -8.00 -6.22 -3.26
CA LEU A 7 -6.95 -5.80 -2.35
C LEU A 7 -6.05 -4.76 -3.01
N GLU A 8 -5.72 -4.98 -4.27
CA GLU A 8 -4.86 -4.08 -5.02
C GLU A 8 -5.48 -2.70 -5.22
N GLU A 9 -6.80 -2.66 -5.41
CA GLU A 9 -7.49 -1.39 -5.64
C GLU A 9 -7.49 -0.48 -4.40
N LYS A 10 -7.57 -1.07 -3.21
CA LYS A 10 -7.58 -0.30 -1.97
C LYS A 10 -6.21 0.29 -1.66
N VAL A 11 -5.16 -0.44 -1.99
CA VAL A 11 -3.79 0.01 -1.73
C VAL A 11 -3.42 1.23 -2.57
N LYS A 12 -3.87 1.25 -3.81
CA LYS A 12 -3.57 2.35 -4.72
C LYS A 12 -4.30 3.62 -4.29
N ALA A 13 -5.53 3.47 -3.82
CA ALA A 13 -6.31 4.61 -3.37
C ALA A 13 -5.54 5.36 -2.29
N LEU A 14 -4.85 4.60 -1.46
CA LEU A 14 -4.04 5.19 -0.39
C LEU A 14 -2.83 5.89 -0.97
N GLU A 15 -2.33 5.38 -2.10
CA GLU A 15 -1.17 5.94 -2.76
C GLU A 15 -1.38 7.42 -3.11
N GLU A 16 -2.60 7.73 -3.52
CA GLU A 16 -2.96 9.10 -3.90
C GLU A 16 -2.93 10.03 -2.69
N LYS A 17 -3.24 9.49 -1.52
CA LYS A 17 -3.24 10.27 -0.29
C LYS A 17 -1.81 10.65 0.11
N VAL A 18 -0.86 9.79 -0.24
CA VAL A 18 0.54 10.01 0.11
C VAL A 18 1.15 11.17 -0.68
N LYS A 19 0.91 11.19 -1.99
CA LYS A 19 1.44 12.25 -2.84
C LYS A 19 0.74 13.59 -2.57
N ALA A 20 -0.47 13.51 -2.02
CA ALA A 20 -1.24 14.70 -1.70
C ALA A 20 -0.75 15.38 -0.43
N LEU A 21 -0.17 14.59 0.46
CA LEU A 21 0.35 15.13 1.73
C LEU A 21 1.58 15.99 1.48
N GLY A 22 2.25 15.77 0.36
CA GLY A 22 3.44 16.54 0.04
C GLY A 22 4.47 15.74 -0.74
N GLY A 23 5.74 16.09 -0.59
CA GLY A 23 6.80 15.39 -1.29
C GLY A 23 8.16 15.98 -1.01
N GLY A 24 9.02 15.21 -0.34
CA GLY A 24 10.36 15.67 -0.02
C GLY A 24 10.91 15.03 1.23
N GLY A 25 11.60 13.91 1.06
CA GLY A 25 12.18 13.21 2.20
C GLY A 25 11.27 12.13 2.73
N ARG A 26 10.73 12.34 3.93
CA ARG A 26 9.84 11.37 4.55
C ARG A 26 8.65 11.05 3.66
N ILE A 27 8.13 12.08 3.00
CA ILE A 27 6.98 11.92 2.10
C ILE A 27 7.33 11.11 0.86
N GLU A 28 8.48 11.42 0.24
CA GLU A 28 8.91 10.75 -0.98
C GLU A 28 9.31 9.29 -0.75
N GLU A 29 10.10 9.04 0.28
CA GLU A 29 10.57 7.69 0.58
C GLU A 29 9.41 6.74 0.89
N LEU A 30 8.41 7.26 1.59
CA LEU A 30 7.25 6.48 1.99
C LEU A 30 6.50 5.88 0.80
N LYS A 31 6.26 6.68 -0.22
CA LYS A 31 5.53 6.22 -1.40
C LYS A 31 6.34 5.18 -2.18
N LYS A 32 7.66 5.33 -2.18
CA LYS A 32 8.51 4.38 -2.90
C LYS A 32 8.27 2.97 -2.39
N LYS A 33 8.09 2.84 -1.08
CA LYS A 33 7.82 1.55 -0.45
C LYS A 33 6.46 1.03 -0.89
N TYR A 34 5.52 1.96 -1.06
CA TYR A 34 4.16 1.61 -1.45
C TYR A 34 4.13 0.82 -2.77
N GLU A 35 5.01 1.18 -3.70
CA GLU A 35 5.08 0.50 -4.98
C GLU A 35 5.31 -0.99 -4.79
N GLU A 36 6.24 -1.33 -3.89
CA GLU A 36 6.55 -2.71 -3.59
C GLU A 36 5.31 -3.46 -3.12
N LEU A 37 4.48 -2.78 -2.36
CA LEU A 37 3.25 -3.37 -1.82
C LEU A 37 2.33 -3.86 -2.93
N LYS A 38 2.25 -3.08 -4.00
CA LYS A 38 1.37 -3.41 -5.13
C LYS A 38 1.78 -4.72 -5.81
N LYS A 39 3.06 -4.85 -6.13
CA LYS A 39 3.57 -6.04 -6.81
C LYS A 39 3.28 -7.32 -6.03
N LYS A 40 3.38 -7.25 -4.71
CA LYS A 40 3.15 -8.42 -3.86
C LYS A 40 1.75 -8.98 -4.04
N ILE A 41 0.78 -8.09 -4.25
CA ILE A 41 -0.60 -8.51 -4.44
C ILE A 41 -0.79 -9.19 -5.79
N GLU A 42 -0.04 -8.71 -6.78
CA GLU A 42 -0.10 -9.28 -8.12
C GLU A 42 0.31 -10.75 -8.10
N GLU A 43 1.23 -11.08 -7.21
CA GLU A 43 1.71 -12.46 -7.08
C GLU A 43 0.69 -13.33 -6.35
N LEU A 44 -0.07 -12.71 -5.45
CA LEU A 44 -1.07 -13.43 -4.68
C LEU A 44 -2.08 -14.12 -5.60
N GLY A 45 -2.52 -15.31 -5.21
CA GLY A 45 -3.47 -16.05 -6.01
C GLY A 45 -4.79 -16.28 -5.30
N GLY A 46 -4.76 -17.05 -4.22
CA GLY A 46 -5.96 -17.33 -3.45
C GLY A 46 -5.67 -17.98 -2.12
N GLY A 47 -6.05 -17.32 -1.03
CA GLY A 47 -5.81 -17.87 0.29
C GLY A 47 -5.94 -16.82 1.38
N GLY A 48 -5.78 -17.25 2.63
CA GLY A 48 -5.89 -16.33 3.75
C GLY A 48 -4.70 -15.38 3.83
N GLU A 49 -3.65 -15.66 3.08
CA GLU A 49 -2.46 -14.82 3.08
C GLU A 49 -2.78 -13.41 2.61
N VAL A 50 -3.87 -13.27 1.86
CA VAL A 50 -4.29 -11.97 1.35
C VAL A 50 -4.48 -10.97 2.49
N LYS A 51 -4.87 -11.47 3.65
CA LYS A 51 -5.08 -10.63 4.82
C LYS A 51 -3.77 -10.06 5.33
N LYS A 52 -2.69 -10.82 5.16
CA LYS A 52 -1.37 -10.40 5.60
C LYS A 52 -0.94 -9.14 4.86
N VAL A 53 -1.34 -9.04 3.59
CA VAL A 53 -0.99 -7.89 2.77
C VAL A 53 -1.65 -6.61 3.28
N GLU A 54 -2.90 -6.73 3.73
CA GLU A 54 -3.63 -5.58 4.24
C GLU A 54 -2.91 -4.97 5.44
N GLU A 55 -2.26 -5.81 6.23
CA GLU A 55 -1.52 -5.35 7.40
C GLU A 55 -0.27 -4.57 6.98
N GLU A 56 0.35 -5.03 5.91
CA GLU A 56 1.56 -4.41 5.40
C GLU A 56 1.36 -2.94 5.06
N VAL A 57 0.27 -2.63 4.37
CA VAL A 57 -0.03 -1.27 3.96
C VAL A 57 -0.40 -0.38 5.15
N LYS A 58 -1.09 -0.97 6.13
CA LYS A 58 -1.52 -0.22 7.30
C LYS A 58 -0.34 0.48 7.97
N LYS A 59 0.83 -0.14 7.92
CA LYS A 59 2.03 0.43 8.53
C LYS A 59 2.49 1.68 7.78
N LEU A 60 2.35 1.64 6.44
CA LEU A 60 2.76 2.76 5.59
C LEU A 60 2.04 4.06 5.93
N GLU A 61 0.72 3.98 6.13
CA GLU A 61 -0.07 5.16 6.46
C GLU A 61 0.26 5.67 7.85
N GLU A 62 0.57 4.74 8.76
CA GLU A 62 0.90 5.09 10.14
C GLU A 62 2.04 6.11 10.18
N GLU A 63 3.02 5.91 9.31
CA GLU A 63 4.17 6.81 9.23
C GLU A 63 3.72 8.18 8.74
N ILE A 64 2.71 8.18 7.87
CA ILE A 64 2.18 9.42 7.32
C ILE A 64 1.65 10.32 8.42
N LYS A 65 1.12 9.72 9.49
CA LYS A 65 0.59 10.48 10.61
C LYS A 65 1.70 11.20 11.36
N LYS A 66 2.91 10.64 11.30
CA LYS A 66 4.06 11.23 11.97
C LYS A 66 4.63 12.40 11.17
N LEU A 67 4.35 12.42 9.88
CA LEU A 67 4.84 13.49 9.01
C LEU A 67 3.77 14.58 8.83
N GLY A 1 -7.92 -12.95 -8.75
CA GLY A 1 -9.08 -13.21 -7.85
C GLY A 1 -9.83 -11.93 -7.50
N SER A 2 -11.14 -12.04 -7.34
CA SER A 2 -11.97 -10.90 -6.99
C SER A 2 -11.58 -10.31 -5.65
N ARG A 3 -11.34 -11.19 -4.67
CA ARG A 3 -10.95 -10.76 -3.33
C ARG A 3 -9.54 -10.16 -3.34
N VAL A 4 -8.65 -10.78 -4.09
CA VAL A 4 -7.27 -10.31 -4.18
C VAL A 4 -7.19 -9.02 -4.99
N LYS A 5 -7.88 -8.99 -6.13
CA LYS A 5 -7.88 -7.81 -6.99
C LYS A 5 -8.39 -6.60 -6.22
N ALA A 6 -9.46 -6.79 -5.45
CA ALA A 6 -10.03 -5.71 -4.66
C ALA A 6 -8.97 -5.13 -3.72
N LEU A 7 -8.10 -6.01 -3.24
CA LEU A 7 -7.02 -5.61 -2.34
C LEU A 7 -6.12 -4.58 -3.00
N GLU A 8 -5.85 -4.78 -4.28
CA GLU A 8 -5.00 -3.88 -5.04
C GLU A 8 -5.64 -2.50 -5.20
N GLU A 9 -6.97 -2.46 -5.27
CA GLU A 9 -7.70 -1.21 -5.44
C GLU A 9 -7.56 -0.30 -4.22
N LYS A 10 -7.56 -0.88 -3.03
CA LYS A 10 -7.45 -0.12 -1.79
C LYS A 10 -6.05 0.45 -1.60
N VAL A 11 -5.05 -0.30 -2.03
CA VAL A 11 -3.66 0.10 -1.90
C VAL A 11 -3.36 1.37 -2.71
N LYS A 12 -3.90 1.44 -3.92
CA LYS A 12 -3.69 2.58 -4.80
C LYS A 12 -4.39 3.82 -4.26
N ALA A 13 -5.58 3.64 -3.70
CA ALA A 13 -6.32 4.76 -3.16
C ALA A 13 -5.47 5.49 -2.12
N LEU A 14 -4.70 4.72 -1.37
CA LEU A 14 -3.81 5.29 -0.36
C LEU A 14 -2.65 6.01 -1.02
N GLU A 15 -2.26 5.51 -2.20
CA GLU A 15 -1.15 6.09 -2.95
C GLU A 15 -1.37 7.58 -3.22
N GLU A 16 -2.61 7.95 -3.49
CA GLU A 16 -2.97 9.33 -3.78
C GLU A 16 -2.79 10.23 -2.57
N LYS A 17 -3.06 9.69 -1.39
CA LYS A 17 -2.92 10.46 -0.16
C LYS A 17 -1.45 10.78 0.12
N VAL A 18 -0.56 9.89 -0.31
CA VAL A 18 0.87 10.06 -0.10
C VAL A 18 1.43 11.21 -0.93
N LYS A 19 1.07 11.26 -2.20
CA LYS A 19 1.53 12.31 -3.10
C LYS A 19 0.95 13.66 -2.69
N ALA A 20 -0.18 13.61 -1.99
CA ALA A 20 -0.85 14.82 -1.52
C ALA A 20 -0.27 15.29 -0.19
N LEU A 21 0.57 14.45 0.42
CA LEU A 21 1.19 14.78 1.69
C LEU A 21 2.23 15.87 1.51
N GLY A 22 2.89 15.88 0.35
CA GLY A 22 3.90 16.87 0.08
C GLY A 22 4.78 16.49 -1.10
N GLY A 23 6.01 16.08 -0.81
CA GLY A 23 6.93 15.68 -1.87
C GLY A 23 8.27 16.36 -1.74
N GLY A 24 9.30 15.59 -1.40
CA GLY A 24 10.63 16.14 -1.25
C GLY A 24 11.21 15.92 0.13
N GLY A 25 11.20 14.67 0.59
CA GLY A 25 11.72 14.36 1.90
C GLY A 25 11.23 13.02 2.43
N ARG A 26 10.30 13.06 3.37
CA ARG A 26 9.74 11.85 3.96
C ARG A 26 8.60 11.30 3.11
N ILE A 27 7.91 12.17 2.40
CA ILE A 27 6.79 11.79 1.55
C ILE A 27 7.23 10.94 0.35
N GLU A 28 8.34 11.33 -0.27
CA GLU A 28 8.85 10.63 -1.46
C GLU A 28 9.29 9.20 -1.17
N GLU A 29 9.99 9.00 -0.06
CA GLU A 29 10.48 7.67 0.31
C GLU A 29 9.34 6.72 0.68
N LEU A 30 8.34 7.26 1.37
CA LEU A 30 7.20 6.48 1.81
C LEU A 30 6.46 5.82 0.64
N LYS A 31 6.20 6.60 -0.41
CA LYS A 31 5.51 6.08 -1.57
C LYS A 31 6.33 5.03 -2.30
N LYS A 32 7.65 5.20 -2.31
CA LYS A 32 8.54 4.25 -2.98
C LYS A 32 8.31 2.84 -2.45
N LYS A 33 8.12 2.74 -1.14
CA LYS A 33 7.86 1.47 -0.49
C LYS A 33 6.52 0.93 -0.95
N TYR A 34 5.57 1.83 -1.15
CA TYR A 34 4.23 1.46 -1.58
C TYR A 34 4.27 0.65 -2.87
N GLU A 35 5.17 1.01 -3.79
CA GLU A 35 5.29 0.29 -5.05
C GLU A 35 5.51 -1.19 -4.81
N GLU A 36 6.33 -1.50 -3.82
CA GLU A 36 6.62 -2.89 -3.46
C GLU A 36 5.34 -3.62 -3.09
N LEU A 37 4.44 -2.90 -2.42
CA LEU A 37 3.17 -3.46 -1.97
C LEU A 37 2.35 -3.98 -3.16
N LYS A 38 2.29 -3.19 -4.22
CA LYS A 38 1.54 -3.56 -5.41
C LYS A 38 2.01 -4.88 -5.98
N LYS A 39 3.32 -5.10 -5.96
CA LYS A 39 3.92 -6.32 -6.49
C LYS A 39 3.48 -7.57 -5.72
N LYS A 40 3.35 -7.45 -4.41
CA LYS A 40 2.96 -8.58 -3.56
C LYS A 40 1.54 -9.08 -3.88
N ILE A 41 0.61 -8.15 -4.00
CA ILE A 41 -0.78 -8.49 -4.30
C ILE A 41 -0.89 -9.20 -5.64
N GLU A 42 -0.05 -8.79 -6.57
CA GLU A 42 -0.02 -9.38 -7.91
C GLU A 42 0.40 -10.85 -7.82
N GLU A 43 1.28 -11.13 -6.86
CA GLU A 43 1.77 -12.49 -6.67
C GLU A 43 0.69 -13.38 -6.02
N LEU A 44 -0.17 -12.75 -5.23
CA LEU A 44 -1.24 -13.47 -4.56
C LEU A 44 -2.20 -14.10 -5.57
N GLY A 45 -1.83 -15.27 -6.07
CA GLY A 45 -2.66 -15.96 -7.04
C GLY A 45 -3.93 -16.51 -6.43
N GLY A 46 -3.79 -17.19 -5.29
CA GLY A 46 -4.95 -17.76 -4.62
C GLY A 46 -5.44 -16.89 -3.48
N GLY A 47 -5.91 -17.52 -2.41
CA GLY A 47 -6.40 -16.79 -1.26
C GLY A 47 -5.86 -17.32 0.04
N GLY A 48 -4.88 -16.61 0.61
CA GLY A 48 -4.29 -17.03 1.87
C GLY A 48 -3.41 -15.95 2.48
N GLU A 49 -2.64 -15.29 1.63
CA GLU A 49 -1.75 -14.23 2.09
C GLU A 49 -2.39 -12.85 1.92
N VAL A 50 -3.62 -12.83 1.40
CA VAL A 50 -4.35 -11.58 1.19
C VAL A 50 -4.42 -10.75 2.47
N LYS A 51 -4.64 -11.44 3.59
CA LYS A 51 -4.74 -10.77 4.88
C LYS A 51 -3.38 -10.21 5.32
N LYS A 52 -2.32 -10.89 4.92
CA LYS A 52 -0.96 -10.47 5.26
C LYS A 52 -0.60 -9.18 4.54
N VAL A 53 -1.12 -9.02 3.33
CA VAL A 53 -0.84 -7.83 2.52
C VAL A 53 -1.51 -6.58 3.10
N GLU A 54 -2.73 -6.75 3.61
CA GLU A 54 -3.48 -5.64 4.18
C GLU A 54 -2.79 -5.08 5.42
N GLU A 55 -2.12 -5.95 6.17
CA GLU A 55 -1.43 -5.55 7.39
C GLU A 55 -0.19 -4.70 7.10
N GLU A 56 0.61 -5.13 6.12
CA GLU A 56 1.84 -4.43 5.77
C GLU A 56 1.59 -2.99 5.33
N VAL A 57 0.54 -2.78 4.55
CA VAL A 57 0.21 -1.44 4.07
C VAL A 57 -0.28 -0.55 5.21
N LYS A 58 -1.00 -1.15 6.15
CA LYS A 58 -1.54 -0.41 7.29
C LYS A 58 -0.43 0.34 8.04
N LYS A 59 0.76 -0.25 8.09
CA LYS A 59 1.89 0.37 8.76
C LYS A 59 2.36 1.63 8.03
N LEU A 60 2.32 1.57 6.70
CA LEU A 60 2.75 2.69 5.86
C LEU A 60 1.96 3.96 6.15
N GLU A 61 0.64 3.84 6.26
CA GLU A 61 -0.20 5.00 6.52
C GLU A 61 0.01 5.53 7.94
N GLU A 62 0.30 4.62 8.87
CA GLU A 62 0.55 5.00 10.26
C GLU A 62 1.67 6.01 10.36
N GLU A 63 2.68 5.84 9.51
CA GLU A 63 3.83 6.74 9.49
C GLU A 63 3.40 8.11 8.97
N ILE A 64 2.44 8.10 8.06
CA ILE A 64 1.94 9.33 7.46
C ILE A 64 1.36 10.26 8.53
N LYS A 65 0.72 9.67 9.54
CA LYS A 65 0.12 10.44 10.62
C LYS A 65 1.20 11.05 11.51
N LYS A 66 2.31 10.34 11.65
CA LYS A 66 3.42 10.80 12.47
C LYS A 66 4.11 12.02 11.85
N LEU A 67 3.97 12.16 10.53
CA LEU A 67 4.57 13.27 9.81
C LEU A 67 3.53 14.32 9.45
N GLY A 1 -8.72 -12.59 -10.22
CA GLY A 1 -8.92 -12.56 -8.75
C GLY A 1 -10.12 -11.72 -8.35
N SER A 2 -10.79 -12.13 -7.28
CA SER A 2 -11.97 -11.41 -6.79
C SER A 2 -11.67 -10.73 -5.46
N ARG A 3 -10.89 -11.40 -4.61
CA ARG A 3 -10.54 -10.86 -3.31
C ARG A 3 -9.14 -10.27 -3.32
N VAL A 4 -8.24 -10.91 -4.07
CA VAL A 4 -6.86 -10.44 -4.15
C VAL A 4 -6.77 -9.17 -5.00
N LYS A 5 -7.46 -9.17 -6.13
CA LYS A 5 -7.46 -8.01 -7.02
C LYS A 5 -8.03 -6.79 -6.31
N ALA A 6 -9.13 -6.99 -5.60
CA ALA A 6 -9.77 -5.90 -4.86
C ALA A 6 -8.79 -5.28 -3.89
N LEU A 7 -7.93 -6.12 -3.32
CA LEU A 7 -6.92 -5.69 -2.36
C LEU A 7 -6.00 -4.64 -3.00
N GLU A 8 -5.64 -4.88 -4.26
CA GLU A 8 -4.76 -3.98 -4.99
C GLU A 8 -5.41 -2.62 -5.22
N GLU A 9 -6.73 -2.61 -5.37
CA GLU A 9 -7.48 -1.37 -5.61
C GLU A 9 -7.43 -0.43 -4.41
N LYS A 10 -7.49 -0.99 -3.21
CA LYS A 10 -7.49 -0.19 -1.99
C LYS A 10 -6.11 0.41 -1.72
N VAL A 11 -5.06 -0.33 -2.07
CA VAL A 11 -3.69 0.12 -1.85
C VAL A 11 -3.36 1.36 -2.67
N LYS A 12 -3.81 1.39 -3.91
CA LYS A 12 -3.55 2.52 -4.81
C LYS A 12 -4.30 3.76 -4.38
N ALA A 13 -5.54 3.58 -3.96
CA ALA A 13 -6.36 4.71 -3.53
C ALA A 13 -5.64 5.46 -2.42
N LEU A 14 -4.95 4.72 -1.57
CA LEU A 14 -4.18 5.33 -0.48
C LEU A 14 -2.96 6.04 -1.04
N GLU A 15 -2.45 5.52 -2.15
CA GLU A 15 -1.28 6.07 -2.82
C GLU A 15 -1.43 7.56 -3.12
N GLU A 16 -2.63 7.95 -3.51
CA GLU A 16 -2.93 9.33 -3.85
C GLU A 16 -2.83 10.25 -2.63
N LYS A 17 -3.20 9.73 -1.48
CA LYS A 17 -3.16 10.51 -0.24
C LYS A 17 -1.71 10.77 0.16
N VAL A 18 -0.82 9.85 -0.17
CA VAL A 18 0.60 9.99 0.17
C VAL A 18 1.27 11.13 -0.59
N LYS A 19 1.01 11.20 -1.90
CA LYS A 19 1.59 12.25 -2.73
C LYS A 19 0.99 13.61 -2.41
N ALA A 20 -0.21 13.60 -1.84
CA ALA A 20 -0.90 14.83 -1.50
C ALA A 20 -0.54 15.31 -0.10
N LEU A 21 0.10 14.44 0.69
CA LEU A 21 0.47 14.79 2.05
C LEU A 21 1.61 15.81 2.06
N GLY A 22 2.51 15.68 1.09
CA GLY A 22 3.65 16.60 1.00
C GLY A 22 4.65 16.17 -0.05
N GLY A 23 5.92 16.46 0.21
CA GLY A 23 6.98 16.10 -0.72
C GLY A 23 8.33 16.61 -0.28
N GLY A 24 9.04 15.82 0.51
CA GLY A 24 10.36 16.21 0.98
C GLY A 24 11.07 15.13 1.75
N GLY A 25 11.68 14.20 1.03
CA GLY A 25 12.41 13.11 1.67
C GLY A 25 11.49 12.06 2.25
N ARG A 26 11.04 12.27 3.48
CA ARG A 26 10.15 11.33 4.15
C ARG A 26 8.92 11.04 3.32
N ILE A 27 8.40 12.06 2.65
CA ILE A 27 7.22 11.92 1.81
C ILE A 27 7.48 11.05 0.58
N GLU A 28 8.60 11.31 -0.09
CA GLU A 28 8.96 10.57 -1.31
C GLU A 28 9.31 9.11 -1.04
N GLU A 29 10.12 8.87 -0.03
CA GLU A 29 10.54 7.51 0.31
C GLU A 29 9.35 6.63 0.68
N LEU A 30 8.38 7.21 1.37
CA LEU A 30 7.20 6.50 1.83
C LEU A 30 6.40 5.88 0.67
N LYS A 31 6.15 6.66 -0.37
CA LYS A 31 5.39 6.14 -1.52
C LYS A 31 6.14 5.05 -2.25
N LYS A 32 7.46 5.16 -2.31
CA LYS A 32 8.28 4.16 -2.99
C LYS A 32 8.02 2.78 -2.41
N LYS A 33 7.88 2.72 -1.09
CA LYS A 33 7.59 1.46 -0.41
C LYS A 33 6.23 0.95 -0.83
N TYR A 34 5.30 1.88 -1.05
CA TYR A 34 3.94 1.53 -1.45
C TYR A 34 3.93 0.71 -2.73
N GLU A 35 4.83 1.04 -3.66
CA GLU A 35 4.92 0.31 -4.93
C GLU A 35 5.15 -1.17 -4.68
N GLU A 36 6.02 -1.46 -3.71
CA GLU A 36 6.32 -2.84 -3.35
C GLU A 36 5.06 -3.57 -2.89
N LEU A 37 4.21 -2.85 -2.17
CA LEU A 37 2.98 -3.39 -1.64
C LEU A 37 2.07 -3.93 -2.75
N LYS A 38 2.01 -3.20 -3.87
CA LYS A 38 1.17 -3.58 -5.00
C LYS A 38 1.62 -4.89 -5.66
N LYS A 39 2.92 -5.00 -5.94
CA LYS A 39 3.46 -6.18 -6.58
C LYS A 39 3.16 -7.46 -5.79
N LYS A 40 3.19 -7.37 -4.47
CA LYS A 40 2.93 -8.52 -3.61
C LYS A 40 1.53 -9.08 -3.86
N ILE A 41 0.59 -8.20 -4.17
CA ILE A 41 -0.78 -8.59 -4.43
C ILE A 41 -0.88 -9.33 -5.77
N GLU A 42 -0.06 -8.89 -6.71
CA GLU A 42 -0.04 -9.49 -8.05
C GLU A 42 0.36 -10.96 -7.96
N GLU A 43 1.22 -11.28 -7.00
CA GLU A 43 1.68 -12.65 -6.80
C GLU A 43 0.64 -13.49 -6.07
N LEU A 44 -0.13 -12.83 -5.21
CA LEU A 44 -1.17 -13.50 -4.44
C LEU A 44 -2.18 -14.17 -5.37
N GLY A 45 -2.30 -15.49 -5.26
CA GLY A 45 -3.23 -16.22 -6.09
C GLY A 45 -4.38 -16.81 -5.30
N GLY A 46 -4.06 -17.62 -4.30
CA GLY A 46 -5.09 -18.23 -3.48
C GLY A 46 -4.56 -18.72 -2.15
N GLY A 47 -5.31 -18.48 -1.09
CA GLY A 47 -4.89 -18.92 0.23
C GLY A 47 -5.24 -17.90 1.31
N GLY A 48 -4.49 -17.93 2.40
CA GLY A 48 -4.73 -16.99 3.49
C GLY A 48 -3.58 -16.03 3.70
N GLU A 49 -2.89 -15.68 2.61
CA GLU A 49 -1.76 -14.77 2.68
C GLU A 49 -2.20 -13.34 2.35
N VAL A 50 -3.32 -13.20 1.65
CA VAL A 50 -3.84 -11.90 1.26
C VAL A 50 -3.99 -10.98 2.47
N LYS A 51 -4.25 -11.57 3.63
CA LYS A 51 -4.40 -10.81 4.87
C LYS A 51 -3.08 -10.17 5.28
N LYS A 52 -1.98 -10.80 4.91
CA LYS A 52 -0.65 -10.30 5.24
C LYS A 52 -0.36 -8.99 4.53
N VAL A 53 -0.88 -8.85 3.32
CA VAL A 53 -0.68 -7.65 2.52
C VAL A 53 -1.50 -6.48 3.04
N GLU A 54 -2.72 -6.75 3.48
CA GLU A 54 -3.61 -5.71 4.00
C GLU A 54 -2.98 -5.01 5.20
N GLU A 55 -2.34 -5.79 6.07
CA GLU A 55 -1.71 -5.25 7.27
C GLU A 55 -0.46 -4.43 6.92
N GLU A 56 0.25 -4.89 5.90
CA GLU A 56 1.48 -4.22 5.46
C GLU A 56 1.23 -2.77 5.07
N VAL A 57 0.11 -2.51 4.41
CA VAL A 57 -0.23 -1.16 3.99
C VAL A 57 -0.62 -0.28 5.17
N LYS A 58 -1.29 -0.88 6.16
CA LYS A 58 -1.71 -0.14 7.34
C LYS A 58 -0.53 0.56 8.01
N LYS A 59 0.64 -0.08 7.94
CA LYS A 59 1.85 0.48 8.53
C LYS A 59 2.29 1.74 7.78
N LEU A 60 2.15 1.72 6.46
CA LEU A 60 2.55 2.83 5.61
C LEU A 60 1.84 4.13 5.98
N GLU A 61 0.53 4.06 6.20
CA GLU A 61 -0.26 5.24 6.54
C GLU A 61 0.10 5.73 7.94
N GLU A 62 0.41 4.80 8.84
CA GLU A 62 0.76 5.14 10.21
C GLU A 62 1.93 6.12 10.25
N GLU A 63 2.90 5.91 9.37
CA GLU A 63 4.07 6.78 9.30
C GLU A 63 3.64 8.17 8.83
N ILE A 64 2.62 8.21 7.98
CA ILE A 64 2.11 9.48 7.45
C ILE A 64 1.58 10.36 8.58
N LYS A 65 1.03 9.74 9.62
CA LYS A 65 0.49 10.48 10.74
C LYS A 65 1.61 11.07 11.60
N LYS A 66 2.67 10.31 11.77
CA LYS A 66 3.81 10.76 12.57
C LYS A 66 4.47 11.99 11.95
N LEU A 67 4.31 12.14 10.63
CA LEU A 67 4.89 13.27 9.92
C LEU A 67 3.83 14.34 9.66
N GLY A 1 -8.90 -14.03 -9.68
CA GLY A 1 -9.00 -13.58 -8.26
C GLY A 1 -9.79 -12.29 -8.11
N SER A 2 -10.95 -12.37 -7.47
CA SER A 2 -11.79 -11.20 -7.27
C SER A 2 -11.46 -10.52 -5.95
N ARG A 3 -11.26 -11.33 -4.91
CA ARG A 3 -10.94 -10.81 -3.58
C ARG A 3 -9.51 -10.28 -3.54
N VAL A 4 -8.62 -10.94 -4.28
CA VAL A 4 -7.22 -10.53 -4.31
C VAL A 4 -7.05 -9.24 -5.12
N LYS A 5 -7.71 -9.18 -6.27
CA LYS A 5 -7.64 -8.00 -7.13
C LYS A 5 -8.18 -6.77 -6.38
N ALA A 6 -9.27 -6.97 -5.66
CA ALA A 6 -9.87 -5.89 -4.89
C ALA A 6 -8.84 -5.30 -3.91
N LEU A 7 -8.00 -6.18 -3.40
CA LEU A 7 -6.95 -5.79 -2.46
C LEU A 7 -6.02 -4.75 -3.08
N GLU A 8 -5.67 -4.98 -4.34
CA GLU A 8 -4.78 -4.07 -5.07
C GLU A 8 -5.41 -2.69 -5.24
N GLU A 9 -6.74 -2.66 -5.36
CA GLU A 9 -7.47 -1.42 -5.55
C GLU A 9 -7.39 -0.50 -4.33
N LYS A 10 -7.42 -1.10 -3.14
CA LYS A 10 -7.37 -0.33 -1.90
C LYS A 10 -5.98 0.27 -1.64
N VAL A 11 -4.94 -0.47 -2.03
CA VAL A 11 -3.57 -0.02 -1.82
C VAL A 11 -3.25 1.25 -2.63
N LYS A 12 -3.72 1.29 -3.87
CA LYS A 12 -3.47 2.43 -4.74
C LYS A 12 -4.22 3.66 -4.27
N ALA A 13 -5.45 3.46 -3.80
CA ALA A 13 -6.27 4.57 -3.31
C ALA A 13 -5.53 5.29 -2.21
N LEU A 14 -4.81 4.54 -1.41
CA LEU A 14 -4.01 5.11 -0.32
C LEU A 14 -2.82 5.86 -0.90
N GLU A 15 -2.34 5.38 -2.04
CA GLU A 15 -1.20 5.98 -2.72
C GLU A 15 -1.44 7.47 -2.99
N GLU A 16 -2.67 7.79 -3.35
CA GLU A 16 -3.07 9.16 -3.66
C GLU A 16 -3.00 10.04 -2.43
N LYS A 17 -3.27 9.46 -1.27
CA LYS A 17 -3.23 10.21 -0.01
C LYS A 17 -1.79 10.59 0.34
N VAL A 18 -0.84 9.75 -0.06
CA VAL A 18 0.57 9.99 0.24
C VAL A 18 1.12 11.19 -0.53
N LYS A 19 0.83 11.25 -1.82
CA LYS A 19 1.31 12.35 -2.66
C LYS A 19 0.58 13.65 -2.32
N ALA A 20 -0.60 13.53 -1.73
CA ALA A 20 -1.42 14.69 -1.38
C ALA A 20 -0.84 15.46 -0.19
N LEU A 21 -0.24 14.74 0.75
CA LEU A 21 0.33 15.37 1.93
C LEU A 21 1.58 16.18 1.56
N GLY A 22 1.87 17.20 2.36
CA GLY A 22 3.03 18.05 2.11
C GLY A 22 4.30 17.25 1.89
N GLY A 23 4.79 17.25 0.65
CA GLY A 23 6.01 16.53 0.34
C GLY A 23 7.23 17.13 1.01
N GLY A 24 8.37 16.45 0.89
CA GLY A 24 9.60 16.94 1.49
C GLY A 24 10.59 15.84 1.77
N GLY A 25 10.88 15.03 0.75
CA GLY A 25 11.82 13.94 0.91
C GLY A 25 11.24 12.76 1.67
N ARG A 26 10.84 13.00 2.92
CA ARG A 26 10.26 11.95 3.75
C ARG A 26 9.07 11.30 3.05
N ILE A 27 8.20 12.13 2.50
CA ILE A 27 6.99 11.64 1.82
C ILE A 27 7.34 10.89 0.53
N GLU A 28 8.38 11.33 -0.15
CA GLU A 28 8.79 10.71 -1.41
C GLU A 28 9.25 9.27 -1.21
N GLU A 29 10.10 9.06 -0.21
CA GLU A 29 10.63 7.72 0.08
C GLU A 29 9.52 6.75 0.48
N LEU A 30 8.55 7.25 1.24
CA LEU A 30 7.44 6.45 1.72
C LEU A 30 6.66 5.81 0.58
N LYS A 31 6.35 6.60 -0.44
CA LYS A 31 5.59 6.09 -1.59
C LYS A 31 6.38 5.06 -2.37
N LYS A 32 7.70 5.21 -2.44
CA LYS A 32 8.53 4.25 -3.17
C LYS A 32 8.29 2.84 -2.63
N LYS A 33 8.17 2.75 -1.31
CA LYS A 33 7.92 1.46 -0.66
C LYS A 33 6.54 0.94 -1.04
N TYR A 34 5.60 1.87 -1.19
CA TYR A 34 4.23 1.52 -1.53
C TYR A 34 4.16 0.73 -2.84
N GLU A 35 5.01 1.07 -3.80
CA GLU A 35 5.05 0.38 -5.08
C GLU A 35 5.31 -1.11 -4.88
N GLU A 36 6.23 -1.42 -3.97
CA GLU A 36 6.59 -2.80 -3.67
C GLU A 36 5.35 -3.58 -3.21
N LEU A 37 4.49 -2.90 -2.45
CA LEU A 37 3.28 -3.50 -1.93
C LEU A 37 2.39 -4.00 -3.06
N LYS A 38 2.22 -3.18 -4.08
CA LYS A 38 1.40 -3.53 -5.23
C LYS A 38 1.87 -4.81 -5.89
N LYS A 39 3.19 -4.98 -5.97
CA LYS A 39 3.79 -6.16 -6.58
C LYS A 39 3.40 -7.44 -5.84
N LYS A 40 3.34 -7.36 -4.51
CA LYS A 40 2.99 -8.52 -3.69
C LYS A 40 1.59 -9.03 -4.01
N ILE A 41 0.64 -8.12 -4.15
CA ILE A 41 -0.73 -8.47 -4.46
C ILE A 41 -0.80 -9.19 -5.80
N GLU A 42 0.07 -8.80 -6.72
CA GLU A 42 0.13 -9.41 -8.03
C GLU A 42 0.54 -10.87 -7.91
N GLU A 43 1.38 -11.16 -6.91
CA GLU A 43 1.87 -12.52 -6.68
C GLU A 43 0.94 -13.30 -5.76
N LEU A 44 -0.03 -12.62 -5.15
CA LEU A 44 -0.97 -13.27 -4.24
C LEU A 44 -1.68 -14.43 -4.94
N GLY A 45 -2.07 -15.43 -4.16
CA GLY A 45 -2.76 -16.59 -4.71
C GLY A 45 -4.25 -16.37 -4.82
N GLY A 46 -4.96 -16.68 -3.74
CA GLY A 46 -6.41 -16.51 -3.74
C GLY A 46 -7.01 -16.66 -2.36
N GLY A 47 -6.34 -16.08 -1.36
CA GLY A 47 -6.84 -16.16 0.01
C GLY A 47 -5.78 -16.64 0.98
N GLY A 48 -5.93 -16.28 2.24
CA GLY A 48 -4.99 -16.68 3.26
C GLY A 48 -3.88 -15.65 3.46
N GLU A 49 -3.31 -15.19 2.35
CA GLU A 49 -2.24 -14.20 2.42
C GLU A 49 -2.77 -12.79 2.14
N VAL A 50 -3.95 -12.71 1.51
CA VAL A 50 -4.55 -11.43 1.19
C VAL A 50 -4.68 -10.55 2.42
N LYS A 51 -4.98 -11.17 3.57
CA LYS A 51 -5.12 -10.44 4.81
C LYS A 51 -3.77 -9.91 5.29
N LYS A 52 -2.72 -10.67 5.03
CA LYS A 52 -1.36 -10.28 5.43
C LYS A 52 -0.91 -9.03 4.69
N VAL A 53 -1.36 -8.89 3.43
CA VAL A 53 -0.99 -7.75 2.61
C VAL A 53 -1.66 -6.46 3.11
N GLU A 54 -2.91 -6.58 3.55
CA GLU A 54 -3.65 -5.43 4.04
C GLU A 54 -3.02 -4.86 5.31
N GLU A 55 -2.42 -5.74 6.12
CA GLU A 55 -1.79 -5.32 7.37
C GLU A 55 -0.51 -4.52 7.13
N GLU A 56 0.31 -4.98 6.20
CA GLU A 56 1.59 -4.31 5.90
C GLU A 56 1.37 -2.86 5.44
N VAL A 57 0.39 -2.65 4.57
CA VAL A 57 0.10 -1.30 4.07
C VAL A 57 -0.38 -0.40 5.19
N LYS A 58 -1.13 -0.96 6.12
CA LYS A 58 -1.67 -0.21 7.25
C LYS A 58 -0.53 0.48 8.01
N LYS A 59 0.62 -0.16 8.05
CA LYS A 59 1.79 0.39 8.73
C LYS A 59 2.32 1.62 8.00
N LEU A 60 2.27 1.59 6.67
CA LEU A 60 2.78 2.68 5.85
C LEU A 60 2.05 4.00 6.14
N GLU A 61 0.73 3.95 6.24
CA GLU A 61 -0.05 5.16 6.52
C GLU A 61 0.19 5.66 7.94
N GLU A 62 0.41 4.72 8.86
CA GLU A 62 0.66 5.07 10.25
C GLU A 62 1.81 6.05 10.38
N GLU A 63 2.88 5.81 9.63
CA GLU A 63 4.04 6.70 9.65
C GLU A 63 3.67 8.07 9.13
N ILE A 64 2.73 8.10 8.19
CA ILE A 64 2.28 9.35 7.61
C ILE A 64 1.66 10.27 8.67
N LYS A 65 1.03 9.65 9.67
CA LYS A 65 0.40 10.41 10.75
C LYS A 65 1.45 11.10 11.61
N LYS A 66 2.61 10.47 11.75
CA LYS A 66 3.70 11.02 12.54
C LYS A 66 4.37 12.18 11.81
N LEU A 67 4.25 12.21 10.49
CA LEU A 67 4.86 13.26 9.69
C LEU A 67 3.83 14.33 9.34
N GLY A 1 -9.93 -15.02 -8.87
CA GLY A 1 -9.37 -13.81 -8.21
C GLY A 1 -10.43 -12.99 -7.50
N SER A 2 -10.69 -11.78 -8.01
CA SER A 2 -11.69 -10.90 -7.44
C SER A 2 -11.24 -10.38 -6.08
N ARG A 3 -11.16 -11.28 -5.10
CA ARG A 3 -10.75 -10.91 -3.75
C ARG A 3 -9.33 -10.34 -3.75
N VAL A 4 -8.47 -10.93 -4.55
CA VAL A 4 -7.08 -10.47 -4.65
C VAL A 4 -7.00 -9.14 -5.40
N LYS A 5 -7.71 -9.05 -6.52
CA LYS A 5 -7.72 -7.83 -7.32
C LYS A 5 -8.25 -6.66 -6.51
N ALA A 6 -9.34 -6.89 -5.78
CA ALA A 6 -9.93 -5.85 -4.94
C ALA A 6 -8.91 -5.31 -3.95
N LEU A 7 -8.05 -6.21 -3.48
CA LEU A 7 -7.01 -5.85 -2.53
C LEU A 7 -6.09 -4.78 -3.10
N GLU A 8 -5.77 -4.94 -4.39
CA GLU A 8 -4.89 -4.00 -5.08
C GLU A 8 -5.54 -2.62 -5.21
N GLU A 9 -6.86 -2.59 -5.31
CA GLU A 9 -7.60 -1.34 -5.46
C GLU A 9 -7.53 -0.47 -4.21
N LYS A 10 -7.55 -1.09 -3.04
CA LYS A 10 -7.50 -0.36 -1.77
C LYS A 10 -6.13 0.25 -1.50
N VAL A 11 -5.07 -0.46 -1.92
CA VAL A 11 -3.70 0.01 -1.70
C VAL A 11 -3.38 1.26 -2.50
N LYS A 12 -3.83 1.30 -3.75
CA LYS A 12 -3.58 2.44 -4.63
C LYS A 12 -4.34 3.67 -4.19
N ALA A 13 -5.56 3.47 -3.72
CA ALA A 13 -6.38 4.58 -3.26
C ALA A 13 -5.65 5.35 -2.18
N LEU A 14 -4.91 4.63 -1.35
CA LEU A 14 -4.13 5.26 -0.30
C LEU A 14 -2.95 6.02 -0.89
N GLU A 15 -2.44 5.52 -2.02
CA GLU A 15 -1.32 6.12 -2.70
C GLU A 15 -1.53 7.61 -2.96
N GLU A 16 -2.76 7.97 -3.30
CA GLU A 16 -3.11 9.36 -3.61
C GLU A 16 -2.95 10.25 -2.39
N LYS A 17 -3.29 9.73 -1.22
CA LYS A 17 -3.17 10.49 0.02
C LYS A 17 -1.71 10.77 0.36
N VAL A 18 -0.83 9.86 -0.03
CA VAL A 18 0.60 10.00 0.24
C VAL A 18 1.21 11.17 -0.52
N LYS A 19 0.90 11.28 -1.80
CA LYS A 19 1.43 12.35 -2.63
C LYS A 19 0.81 13.70 -2.24
N ALA A 20 -0.37 13.64 -1.62
CA ALA A 20 -1.07 14.84 -1.21
C ALA A 20 -0.63 15.29 0.19
N LEU A 21 0.10 14.42 0.89
CA LEU A 21 0.57 14.74 2.24
C LEU A 21 1.76 15.68 2.20
N GLY A 22 2.48 15.68 1.08
CA GLY A 22 3.64 16.55 0.93
C GLY A 22 4.70 15.94 0.04
N GLY A 23 4.36 15.71 -1.23
CA GLY A 23 5.31 15.13 -2.16
C GLY A 23 6.63 15.88 -2.19
N GLY A 24 7.64 15.33 -1.51
CA GLY A 24 8.94 15.95 -1.47
C GLY A 24 9.69 15.69 -0.18
N GLY A 25 10.70 14.83 -0.24
CA GLY A 25 11.46 14.52 0.94
C GLY A 25 11.01 13.22 1.60
N ARG A 26 10.61 13.30 2.86
CA ARG A 26 10.16 12.14 3.60
C ARG A 26 9.00 11.45 2.88
N ILE A 27 8.14 12.25 2.27
CA ILE A 27 6.98 11.73 1.54
C ILE A 27 7.39 10.95 0.28
N GLU A 28 8.46 11.39 -0.36
CA GLU A 28 8.93 10.76 -1.59
C GLU A 28 9.37 9.31 -1.36
N GLU A 29 10.06 9.06 -0.25
CA GLU A 29 10.54 7.71 0.07
C GLU A 29 9.41 6.78 0.49
N LEU A 30 8.45 7.32 1.23
CA LEU A 30 7.32 6.55 1.73
C LEU A 30 6.53 5.88 0.61
N LYS A 31 6.24 6.63 -0.45
CA LYS A 31 5.47 6.11 -1.58
C LYS A 31 6.25 5.03 -2.32
N LYS A 32 7.57 5.17 -2.38
CA LYS A 32 8.40 4.19 -3.07
C LYS A 32 8.17 2.80 -2.48
N LYS A 33 8.04 2.74 -1.17
CA LYS A 33 7.79 1.49 -0.47
C LYS A 33 6.43 0.94 -0.88
N TYR A 34 5.47 1.84 -1.09
CA TYR A 34 4.12 1.46 -1.49
C TYR A 34 4.13 0.63 -2.76
N GLU A 35 5.02 0.97 -3.70
CA GLU A 35 5.13 0.24 -4.96
C GLU A 35 5.38 -1.25 -4.69
N GLU A 36 6.23 -1.52 -3.71
CA GLU A 36 6.56 -2.89 -3.34
C GLU A 36 5.30 -3.64 -2.92
N LEU A 37 4.41 -2.94 -2.24
CA LEU A 37 3.16 -3.52 -1.76
C LEU A 37 2.33 -4.08 -2.91
N LYS A 38 2.21 -3.31 -3.98
CA LYS A 38 1.44 -3.71 -5.15
C LYS A 38 1.98 -5.02 -5.73
N LYS A 39 3.30 -5.15 -5.75
CA LYS A 39 3.95 -6.35 -6.29
C LYS A 39 3.55 -7.61 -5.53
N LYS A 40 3.40 -7.50 -4.21
CA LYS A 40 3.04 -8.64 -3.37
C LYS A 40 1.66 -9.17 -3.70
N ILE A 41 0.69 -8.27 -3.83
CA ILE A 41 -0.69 -8.64 -4.16
C ILE A 41 -0.72 -9.42 -5.46
N GLU A 42 0.16 -9.05 -6.38
CA GLU A 42 0.26 -9.70 -7.67
C GLU A 42 0.75 -11.14 -7.51
N GLU A 43 1.60 -11.35 -6.51
CA GLU A 43 2.16 -12.66 -6.24
C GLU A 43 1.09 -13.62 -5.69
N LEU A 44 0.36 -13.17 -4.68
CA LEU A 44 -0.69 -13.99 -4.07
C LEU A 44 -1.84 -14.20 -5.04
N GLY A 45 -2.25 -15.46 -5.20
CA GLY A 45 -3.35 -15.78 -6.09
C GLY A 45 -4.56 -16.31 -5.36
N GLY A 46 -4.72 -15.89 -4.11
CA GLY A 46 -5.85 -16.34 -3.32
C GLY A 46 -5.43 -16.90 -1.97
N GLY A 47 -6.33 -17.65 -1.34
CA GLY A 47 -6.03 -18.24 -0.05
C GLY A 47 -6.05 -17.21 1.07
N GLY A 48 -5.39 -17.53 2.18
CA GLY A 48 -5.34 -16.62 3.31
C GLY A 48 -4.10 -15.76 3.32
N GLU A 49 -3.71 -15.27 2.14
CA GLU A 49 -2.53 -14.43 2.01
C GLU A 49 -2.93 -12.96 1.83
N VAL A 50 -4.08 -12.74 1.23
CA VAL A 50 -4.58 -11.39 0.98
C VAL A 50 -4.61 -10.57 2.27
N LYS A 51 -4.81 -11.24 3.39
CA LYS A 51 -4.87 -10.57 4.69
C LYS A 51 -3.49 -10.03 5.09
N LYS A 52 -2.44 -10.72 4.65
CA LYS A 52 -1.07 -10.31 4.97
C LYS A 52 -0.70 -9.01 4.28
N VAL A 53 -1.23 -8.80 3.08
CA VAL A 53 -0.95 -7.59 2.31
C VAL A 53 -1.66 -6.38 2.89
N GLU A 54 -2.88 -6.55 3.36
CA GLU A 54 -3.66 -5.45 3.92
C GLU A 54 -3.00 -4.89 5.17
N GLU A 55 -2.41 -5.76 5.98
CA GLU A 55 -1.76 -5.34 7.22
C GLU A 55 -0.47 -4.58 6.90
N GLU A 56 0.23 -5.01 5.86
CA GLU A 56 1.48 -4.40 5.44
C GLU A 56 1.31 -2.92 5.10
N VAL A 57 0.23 -2.60 4.40
CA VAL A 57 -0.04 -1.22 4.00
C VAL A 57 -0.46 -0.34 5.18
N LYS A 58 -1.20 -0.92 6.12
CA LYS A 58 -1.68 -0.17 7.28
C LYS A 58 -0.52 0.51 8.02
N LYS A 59 0.64 -0.14 8.01
CA LYS A 59 1.82 0.42 8.67
C LYS A 59 2.33 1.66 7.94
N LEU A 60 2.25 1.62 6.60
CA LEU A 60 2.73 2.73 5.78
C LEU A 60 2.01 4.05 6.09
N GLU A 61 0.68 4.00 6.23
CA GLU A 61 -0.10 5.19 6.52
C GLU A 61 0.18 5.69 7.94
N GLU A 62 0.42 4.76 8.85
CA GLU A 62 0.70 5.10 10.24
C GLU A 62 1.88 6.06 10.33
N GLU A 63 2.88 5.84 9.48
CA GLU A 63 4.07 6.68 9.45
C GLU A 63 3.70 8.07 8.95
N ILE A 64 2.73 8.13 8.05
CA ILE A 64 2.28 9.40 7.49
C ILE A 64 1.76 10.33 8.58
N LYS A 65 1.12 9.76 9.59
CA LYS A 65 0.57 10.54 10.69
C LYS A 65 1.69 11.06 11.59
N LYS A 66 2.80 10.33 11.64
CA LYS A 66 3.94 10.73 12.46
C LYS A 66 4.64 11.94 11.87
N LEU A 67 4.54 12.11 10.55
CA LEU A 67 5.16 13.23 9.87
C LEU A 67 4.16 14.35 9.63
N GLY A 1 -7.77 -12.49 -7.92
CA GLY A 1 -8.89 -13.47 -7.86
C GLY A 1 -10.06 -12.96 -7.05
N SER A 2 -10.67 -11.87 -7.53
CA SER A 2 -11.83 -11.27 -6.86
C SER A 2 -11.41 -10.64 -5.54
N ARG A 3 -11.05 -11.49 -4.57
CA ARG A 3 -10.64 -11.02 -3.26
C ARG A 3 -9.25 -10.39 -3.32
N VAL A 4 -8.37 -10.97 -4.13
CA VAL A 4 -7.02 -10.47 -4.28
C VAL A 4 -7.00 -9.17 -5.06
N LYS A 5 -7.74 -9.13 -6.17
CA LYS A 5 -7.81 -7.95 -7.01
C LYS A 5 -8.32 -6.75 -6.21
N ALA A 6 -9.37 -6.97 -5.43
CA ALA A 6 -9.95 -5.90 -4.62
C ALA A 6 -8.88 -5.31 -3.70
N LEU A 7 -8.00 -6.18 -3.22
CA LEU A 7 -6.92 -5.77 -2.34
C LEU A 7 -6.04 -4.71 -3.00
N GLU A 8 -5.76 -4.92 -4.29
CA GLU A 8 -4.93 -4.00 -5.06
C GLU A 8 -5.59 -2.63 -5.21
N GLU A 9 -6.92 -2.62 -5.27
CA GLU A 9 -7.66 -1.37 -5.44
C GLU A 9 -7.53 -0.45 -4.23
N LYS A 10 -7.54 -1.04 -3.03
CA LYS A 10 -7.44 -0.26 -1.80
C LYS A 10 -6.03 0.32 -1.59
N VAL A 11 -5.02 -0.43 -2.00
CA VAL A 11 -3.63 0.00 -1.83
C VAL A 11 -3.29 1.25 -2.64
N LYS A 12 -3.75 1.28 -3.89
CA LYS A 12 -3.48 2.40 -4.78
C LYS A 12 -4.24 3.65 -4.35
N ALA A 13 -5.46 3.46 -3.87
CA ALA A 13 -6.27 4.57 -3.42
C ALA A 13 -5.53 5.33 -2.34
N LEU A 14 -4.82 4.58 -1.50
CA LEU A 14 -4.03 5.20 -0.43
C LEU A 14 -2.83 5.93 -1.01
N GLU A 15 -2.33 5.42 -2.12
CA GLU A 15 -1.17 6.00 -2.80
C GLU A 15 -1.38 7.49 -3.10
N GLU A 16 -2.59 7.83 -3.49
CA GLU A 16 -2.94 9.20 -3.84
C GLU A 16 -2.88 10.12 -2.63
N LYS A 17 -3.23 9.59 -1.46
CA LYS A 17 -3.22 10.37 -0.24
C LYS A 17 -1.79 10.69 0.19
N VAL A 18 -0.86 9.81 -0.14
CA VAL A 18 0.55 10.00 0.21
C VAL A 18 1.19 11.15 -0.55
N LYS A 19 0.96 11.19 -1.87
CA LYS A 19 1.53 12.25 -2.70
C LYS A 19 0.87 13.59 -2.41
N ALA A 20 -0.34 13.55 -1.88
CA ALA A 20 -1.08 14.77 -1.55
C ALA A 20 -0.66 15.33 -0.20
N LEU A 21 -0.07 14.49 0.64
CA LEU A 21 0.37 14.91 1.96
C LEU A 21 1.64 15.75 1.88
N GLY A 22 2.36 15.63 0.76
CA GLY A 22 3.58 16.39 0.57
C GLY A 22 4.38 15.90 -0.63
N GLY A 23 5.70 16.05 -0.55
CA GLY A 23 6.55 15.62 -1.63
C GLY A 23 7.91 16.31 -1.62
N GLY A 24 8.90 15.67 -1.01
CA GLY A 24 10.22 16.24 -0.95
C GLY A 24 11.06 15.66 0.18
N GLY A 25 11.30 14.35 0.13
CA GLY A 25 12.09 13.70 1.17
C GLY A 25 11.33 12.60 1.87
N ARG A 26 10.81 12.92 3.05
CA ARG A 26 10.05 11.95 3.84
C ARG A 26 8.87 11.39 3.05
N ILE A 27 8.19 12.27 2.33
CA ILE A 27 7.03 11.89 1.53
C ILE A 27 7.41 10.99 0.34
N GLU A 28 8.52 11.32 -0.32
CA GLU A 28 8.97 10.57 -1.49
C GLU A 28 9.40 9.13 -1.15
N GLU A 29 10.06 8.96 -0.02
CA GLU A 29 10.53 7.64 0.41
C GLU A 29 9.37 6.73 0.80
N LEU A 30 8.37 7.30 1.45
CA LEU A 30 7.21 6.57 1.91
C LEU A 30 6.46 5.90 0.77
N LYS A 31 6.22 6.66 -0.30
CA LYS A 31 5.50 6.13 -1.46
C LYS A 31 6.31 5.06 -2.17
N LYS A 32 7.62 5.19 -2.18
CA LYS A 32 8.49 4.23 -2.85
C LYS A 32 8.24 2.83 -2.30
N LYS A 33 8.05 2.74 -0.99
CA LYS A 33 7.78 1.46 -0.35
C LYS A 33 6.43 0.93 -0.81
N TYR A 34 5.48 1.83 -1.00
CA TYR A 34 4.13 1.48 -1.44
C TYR A 34 4.16 0.69 -2.74
N GLU A 35 5.06 1.05 -3.65
CA GLU A 35 5.18 0.36 -4.93
C GLU A 35 5.42 -1.13 -4.74
N GLU A 36 6.29 -1.47 -3.78
CA GLU A 36 6.60 -2.85 -3.49
C GLU A 36 5.34 -3.62 -3.11
N LEU A 37 4.46 -2.94 -2.38
CA LEU A 37 3.20 -3.54 -1.93
C LEU A 37 2.36 -4.01 -3.11
N LYS A 38 2.26 -3.18 -4.13
CA LYS A 38 1.48 -3.49 -5.32
C LYS A 38 1.92 -4.81 -5.95
N LYS A 39 3.23 -5.05 -5.98
CA LYS A 39 3.80 -6.25 -6.56
C LYS A 39 3.40 -7.51 -5.79
N LYS A 40 3.35 -7.41 -4.47
CA LYS A 40 3.02 -8.56 -3.62
C LYS A 40 1.60 -9.06 -3.90
N ILE A 41 0.70 -8.13 -4.17
CA ILE A 41 -0.69 -8.46 -4.45
C ILE A 41 -0.83 -9.15 -5.81
N GLU A 42 0.01 -8.71 -6.75
CA GLU A 42 0.01 -9.27 -8.09
C GLU A 42 0.36 -10.74 -8.07
N GLU A 43 1.23 -11.13 -7.13
CA GLU A 43 1.66 -12.52 -7.01
C GLU A 43 0.59 -13.36 -6.32
N LEU A 44 -0.22 -12.71 -5.48
CA LEU A 44 -1.27 -13.40 -4.76
C LEU A 44 -2.31 -13.98 -5.72
N GLY A 45 -2.58 -15.27 -5.60
CA GLY A 45 -3.54 -15.91 -6.47
C GLY A 45 -4.75 -16.43 -5.72
N GLY A 46 -4.58 -17.54 -5.01
CA GLY A 46 -5.67 -18.12 -4.25
C GLY A 46 -6.08 -17.27 -3.06
N GLY A 47 -5.28 -17.34 -1.99
CA GLY A 47 -5.57 -16.57 -0.80
C GLY A 47 -4.66 -16.92 0.35
N GLY A 48 -5.06 -16.55 1.56
CA GLY A 48 -4.25 -16.84 2.74
C GLY A 48 -3.29 -15.72 3.06
N GLU A 49 -2.55 -15.26 2.05
CA GLU A 49 -1.58 -14.19 2.24
C GLU A 49 -2.21 -12.82 1.99
N VAL A 50 -3.38 -12.81 1.35
CA VAL A 50 -4.08 -11.56 1.06
C VAL A 50 -4.28 -10.74 2.33
N LYS A 51 -4.53 -11.42 3.44
CA LYS A 51 -4.74 -10.74 4.72
C LYS A 51 -3.44 -10.11 5.21
N LYS A 52 -2.34 -10.82 5.00
CA LYS A 52 -1.02 -10.34 5.41
C LYS A 52 -0.67 -9.04 4.69
N VAL A 53 -1.13 -8.93 3.45
CA VAL A 53 -0.86 -7.75 2.63
C VAL A 53 -1.61 -6.52 3.15
N GLU A 54 -2.84 -6.73 3.61
CA GLU A 54 -3.66 -5.63 4.13
C GLU A 54 -3.01 -4.95 5.34
N GLU A 55 -2.46 -5.75 6.24
CA GLU A 55 -1.81 -5.23 7.44
C GLU A 55 -0.54 -4.45 7.10
N GLU A 56 0.18 -4.92 6.09
CA GLU A 56 1.43 -4.29 5.67
C GLU A 56 1.22 -2.83 5.27
N VAL A 57 0.19 -2.57 4.48
CA VAL A 57 -0.12 -1.21 4.03
C VAL A 57 -0.55 -0.33 5.19
N LYS A 58 -1.27 -0.92 6.15
CA LYS A 58 -1.75 -0.18 7.32
C LYS A 58 -0.60 0.51 8.03
N LYS A 59 0.58 -0.13 8.01
CA LYS A 59 1.76 0.43 8.66
C LYS A 59 2.25 1.67 7.92
N LEU A 60 2.15 1.64 6.60
CA LEU A 60 2.61 2.75 5.76
C LEU A 60 1.89 4.07 6.09
N GLU A 61 0.57 4.01 6.24
CA GLU A 61 -0.21 5.20 6.56
C GLU A 61 0.09 5.70 7.97
N GLU A 62 0.34 4.76 8.88
CA GLU A 62 0.65 5.11 10.27
C GLU A 62 1.82 6.07 10.35
N GLU A 63 2.80 5.86 9.47
CA GLU A 63 3.97 6.72 9.41
C GLU A 63 3.59 8.11 8.91
N ILE A 64 2.61 8.15 8.02
CA ILE A 64 2.14 9.41 7.44
C ILE A 64 1.68 10.37 8.54
N LYS A 65 1.01 9.83 9.55
CA LYS A 65 0.51 10.65 10.66
C LYS A 65 1.65 11.09 11.57
N LYS A 66 2.72 10.30 11.61
CA LYS A 66 3.88 10.62 12.43
C LYS A 66 4.68 11.78 11.85
N LEU A 67 4.50 12.04 10.56
CA LEU A 67 5.21 13.12 9.89
C LEU A 67 4.30 14.33 9.70
N GLY A 1 -8.55 -14.21 -9.51
CA GLY A 1 -8.85 -13.78 -8.11
C GLY A 1 -9.71 -12.54 -8.06
N SER A 2 -10.84 -12.63 -7.36
CA SER A 2 -11.75 -11.50 -7.23
C SER A 2 -11.53 -10.76 -5.91
N ARG A 3 -11.07 -11.50 -4.90
CA ARG A 3 -10.82 -10.92 -3.59
C ARG A 3 -9.41 -10.35 -3.50
N VAL A 4 -8.46 -11.02 -4.17
CA VAL A 4 -7.07 -10.59 -4.17
C VAL A 4 -6.90 -9.32 -5.00
N LYS A 5 -7.50 -9.30 -6.19
CA LYS A 5 -7.41 -8.15 -7.08
C LYS A 5 -7.99 -6.91 -6.39
N ALA A 6 -9.11 -7.10 -5.70
CA ALA A 6 -9.76 -6.01 -4.99
C ALA A 6 -8.81 -5.38 -4.00
N LEU A 7 -7.96 -6.22 -3.41
CA LEU A 7 -6.97 -5.78 -2.44
C LEU A 7 -6.03 -4.75 -3.04
N GLU A 8 -5.63 -4.99 -4.28
CA GLU A 8 -4.73 -4.09 -4.99
C GLU A 8 -5.37 -2.73 -5.25
N GLU A 9 -6.68 -2.73 -5.44
CA GLU A 9 -7.43 -1.50 -5.72
C GLU A 9 -7.43 -0.55 -4.52
N LYS A 10 -7.53 -1.11 -3.32
CA LYS A 10 -7.55 -0.29 -2.10
C LYS A 10 -6.18 0.32 -1.81
N VAL A 11 -5.13 -0.42 -2.12
CA VAL A 11 -3.77 0.06 -1.87
C VAL A 11 -3.45 1.31 -2.68
N LYS A 12 -3.89 1.33 -3.93
CA LYS A 12 -3.65 2.47 -4.81
C LYS A 12 -4.41 3.70 -4.35
N ALA A 13 -5.63 3.48 -3.89
CA ALA A 13 -6.46 4.58 -3.42
C ALA A 13 -5.73 5.34 -2.32
N LEU A 14 -4.99 4.60 -1.50
CA LEU A 14 -4.21 5.19 -0.43
C LEU A 14 -3.02 5.96 -1.00
N GLU A 15 -2.52 5.49 -2.14
CA GLU A 15 -1.38 6.12 -2.80
C GLU A 15 -1.60 7.61 -3.00
N GLU A 16 -2.83 7.97 -3.34
CA GLU A 16 -3.20 9.37 -3.58
C GLU A 16 -3.10 10.20 -2.31
N LYS A 17 -3.36 9.57 -1.16
CA LYS A 17 -3.29 10.28 0.10
C LYS A 17 -1.84 10.62 0.45
N VAL A 18 -0.91 9.77 0.00
CA VAL A 18 0.51 9.97 0.28
C VAL A 18 1.06 11.20 -0.46
N LYS A 19 0.74 11.31 -1.74
CA LYS A 19 1.19 12.43 -2.55
C LYS A 19 0.51 13.73 -2.12
N ALA A 20 -0.65 13.59 -1.49
CA ALA A 20 -1.42 14.73 -1.05
C ALA A 20 -0.79 15.39 0.18
N LEU A 21 -0.13 14.59 1.00
CA LEU A 21 0.53 15.11 2.21
C LEU A 21 1.74 15.95 1.84
N GLY A 22 2.23 15.77 0.61
CA GLY A 22 3.38 16.53 0.16
C GLY A 22 4.32 15.71 -0.71
N GLY A 23 5.60 16.04 -0.69
CA GLY A 23 6.57 15.32 -1.49
C GLY A 23 7.97 15.89 -1.38
N GLY A 24 8.89 15.11 -0.84
CA GLY A 24 10.26 15.58 -0.69
C GLY A 24 10.97 14.92 0.46
N GLY A 25 11.70 13.85 0.18
CA GLY A 25 12.44 13.14 1.21
C GLY A 25 11.57 12.14 1.96
N ARG A 26 11.15 12.49 3.17
CA ARG A 26 10.32 11.61 3.98
C ARG A 26 9.05 11.21 3.23
N ILE A 27 8.40 12.18 2.60
CA ILE A 27 7.18 11.93 1.85
C ILE A 27 7.42 11.09 0.60
N GLU A 28 8.48 11.43 -0.14
CA GLU A 28 8.81 10.72 -1.38
C GLU A 28 9.24 9.28 -1.15
N GLU A 29 10.13 9.07 -0.19
CA GLU A 29 10.62 7.73 0.12
C GLU A 29 9.48 6.79 0.54
N LEU A 30 8.54 7.34 1.29
CA LEU A 30 7.40 6.57 1.79
C LEU A 30 6.59 5.94 0.67
N LYS A 31 6.29 6.70 -0.37
CA LYS A 31 5.51 6.18 -1.50
C LYS A 31 6.26 5.10 -2.26
N LYS A 32 7.58 5.23 -2.34
CA LYS A 32 8.40 4.26 -3.05
C LYS A 32 8.16 2.86 -2.49
N LYS A 33 8.04 2.79 -1.17
CA LYS A 33 7.79 1.52 -0.50
C LYS A 33 6.42 0.98 -0.92
N TYR A 34 5.48 1.90 -1.12
CA TYR A 34 4.13 1.55 -1.53
C TYR A 34 4.13 0.73 -2.83
N GLU A 35 5.03 1.09 -3.74
CA GLU A 35 5.13 0.38 -5.01
C GLU A 35 5.39 -1.11 -4.80
N GLU A 36 6.28 -1.42 -3.86
CA GLU A 36 6.62 -2.79 -3.54
C GLU A 36 5.38 -3.57 -3.10
N LEU A 37 4.51 -2.90 -2.35
CA LEU A 37 3.29 -3.52 -1.85
C LEU A 37 2.41 -4.04 -2.98
N LYS A 38 2.24 -3.23 -4.01
CA LYS A 38 1.42 -3.59 -5.16
C LYS A 38 1.90 -4.88 -5.81
N LYS A 39 3.22 -5.03 -5.91
CA LYS A 39 3.83 -6.20 -6.52
C LYS A 39 3.50 -7.48 -5.76
N LYS A 40 3.45 -7.41 -4.44
CA LYS A 40 3.18 -8.57 -3.60
C LYS A 40 1.78 -9.14 -3.85
N ILE A 41 0.80 -8.24 -3.91
CA ILE A 41 -0.58 -8.65 -4.15
C ILE A 41 -0.72 -9.35 -5.50
N GLU A 42 0.07 -8.88 -6.46
CA GLU A 42 0.08 -9.46 -7.79
C GLU A 42 0.54 -10.91 -7.73
N GLU A 43 1.45 -11.19 -6.81
CA GLU A 43 1.99 -12.53 -6.63
C GLU A 43 1.01 -13.42 -5.87
N LEU A 44 0.14 -12.80 -5.07
CA LEU A 44 -0.84 -13.53 -4.30
C LEU A 44 -1.71 -14.41 -5.19
N GLY A 45 -1.40 -15.71 -5.22
CA GLY A 45 -2.15 -16.64 -6.05
C GLY A 45 -3.42 -17.12 -5.36
N GLY A 46 -3.40 -17.12 -4.03
CA GLY A 46 -4.56 -17.57 -3.28
C GLY A 46 -4.19 -18.27 -1.99
N GLY A 47 -5.06 -18.17 -0.99
CA GLY A 47 -4.80 -18.80 0.29
C GLY A 47 -5.11 -17.89 1.46
N GLY A 48 -4.15 -17.72 2.36
CA GLY A 48 -4.35 -16.87 3.51
C GLY A 48 -3.30 -15.79 3.63
N GLU A 49 -2.92 -15.22 2.49
CA GLU A 49 -1.91 -14.16 2.47
C GLU A 49 -2.53 -12.81 2.12
N VAL A 50 -3.71 -12.83 1.52
CA VAL A 50 -4.40 -11.61 1.14
C VAL A 50 -4.56 -10.67 2.34
N LYS A 51 -4.91 -11.24 3.48
CA LYS A 51 -5.09 -10.46 4.71
C LYS A 51 -3.76 -9.92 5.20
N LYS A 52 -2.69 -10.67 4.95
CA LYS A 52 -1.36 -10.28 5.36
C LYS A 52 -0.91 -9.00 4.65
N VAL A 53 -1.36 -8.85 3.41
CA VAL A 53 -1.01 -7.69 2.61
C VAL A 53 -1.74 -6.44 3.10
N GLU A 54 -2.99 -6.60 3.51
CA GLU A 54 -3.79 -5.47 4.00
C GLU A 54 -3.13 -4.83 5.21
N GLU A 55 -2.54 -5.65 6.08
CA GLU A 55 -1.87 -5.17 7.28
C GLU A 55 -0.58 -4.43 6.94
N GLU A 56 0.11 -4.92 5.91
CA GLU A 56 1.37 -4.33 5.48
C GLU A 56 1.20 -2.85 5.11
N VAL A 57 0.12 -2.54 4.40
CA VAL A 57 -0.14 -1.18 3.97
C VAL A 57 -0.55 -0.29 5.15
N LYS A 58 -1.29 -0.88 6.09
CA LYS A 58 -1.75 -0.14 7.27
C LYS A 58 -0.58 0.51 8.00
N LYS A 59 0.57 -0.15 7.97
CA LYS A 59 1.76 0.37 8.62
C LYS A 59 2.27 1.61 7.90
N LEU A 60 2.17 1.61 6.58
CA LEU A 60 2.64 2.74 5.76
C LEU A 60 1.95 4.05 6.12
N GLU A 61 0.62 4.01 6.28
CA GLU A 61 -0.14 5.21 6.62
C GLU A 61 0.19 5.68 8.04
N GLU A 62 0.46 4.72 8.93
CA GLU A 62 0.78 5.04 10.30
C GLU A 62 1.99 5.98 10.37
N GLU A 63 2.93 5.77 9.46
CA GLU A 63 4.13 6.59 9.40
C GLU A 63 3.80 7.97 8.86
N ILE A 64 2.81 8.04 7.96
CA ILE A 64 2.41 9.30 7.35
C ILE A 64 2.02 10.35 8.40
N LYS A 65 1.20 9.94 9.37
CA LYS A 65 0.76 10.86 10.41
C LYS A 65 1.92 11.24 11.34
N LYS A 66 2.93 10.37 11.39
CA LYS A 66 4.10 10.62 12.23
C LYS A 66 4.99 11.71 11.63
N LEU A 67 4.86 11.91 10.33
CA LEU A 67 5.66 12.93 9.64
C LEU A 67 4.87 14.22 9.46
N GLY A 1 -10.17 -12.80 -10.84
CA GLY A 1 -10.00 -12.41 -9.42
C GLY A 1 -11.17 -11.60 -8.89
N SER A 2 -11.31 -11.57 -7.56
CA SER A 2 -12.40 -10.84 -6.94
C SER A 2 -11.95 -10.27 -5.59
N ARG A 3 -11.48 -11.13 -4.70
CA ARG A 3 -11.03 -10.72 -3.38
C ARG A 3 -9.61 -10.17 -3.44
N VAL A 4 -8.76 -10.81 -4.24
CA VAL A 4 -7.38 -10.38 -4.38
C VAL A 4 -7.28 -9.08 -5.18
N LYS A 5 -8.02 -9.01 -6.28
CA LYS A 5 -8.02 -7.82 -7.12
C LYS A 5 -8.51 -6.61 -6.33
N ALA A 6 -9.59 -6.81 -5.58
CA ALA A 6 -10.15 -5.73 -4.76
C ALA A 6 -9.09 -5.19 -3.81
N LEU A 7 -8.24 -6.09 -3.32
CA LEU A 7 -7.17 -5.72 -2.40
C LEU A 7 -6.24 -4.70 -3.04
N GLU A 8 -5.95 -4.89 -4.32
CA GLU A 8 -5.06 -3.99 -5.05
C GLU A 8 -5.68 -2.59 -5.19
N GLU A 9 -7.00 -2.54 -5.28
CA GLU A 9 -7.71 -1.27 -5.43
C GLU A 9 -7.59 -0.38 -4.19
N LYS A 10 -7.63 -0.99 -3.01
CA LYS A 10 -7.55 -0.25 -1.75
C LYS A 10 -6.14 0.31 -1.51
N VAL A 11 -5.13 -0.45 -1.91
CA VAL A 11 -3.74 -0.05 -1.71
C VAL A 11 -3.39 1.19 -2.52
N LYS A 12 -3.89 1.26 -3.75
CA LYS A 12 -3.62 2.39 -4.64
C LYS A 12 -4.31 3.65 -4.16
N ALA A 13 -5.52 3.50 -3.63
CA ALA A 13 -6.28 4.63 -3.14
C ALA A 13 -5.45 5.37 -2.09
N LEU A 14 -4.72 4.61 -1.30
CA LEU A 14 -3.86 5.20 -0.28
C LEU A 14 -2.68 5.90 -0.92
N GLU A 15 -2.26 5.37 -2.08
CA GLU A 15 -1.13 5.93 -2.81
C GLU A 15 -1.30 7.42 -3.08
N GLU A 16 -2.54 7.81 -3.39
CA GLU A 16 -2.86 9.20 -3.69
C GLU A 16 -2.70 10.10 -2.48
N LYS A 17 -3.00 9.58 -1.30
CA LYS A 17 -2.88 10.35 -0.08
C LYS A 17 -1.41 10.65 0.24
N VAL A 18 -0.53 9.74 -0.17
CA VAL A 18 0.90 9.91 0.08
C VAL A 18 1.50 11.04 -0.74
N LYS A 19 1.17 11.08 -2.03
CA LYS A 19 1.67 12.13 -2.91
C LYS A 19 1.09 13.48 -2.53
N ALA A 20 -0.06 13.44 -1.85
CA ALA A 20 -0.73 14.65 -1.40
C ALA A 20 -0.15 15.15 -0.08
N LEU A 21 0.66 14.31 0.56
CA LEU A 21 1.28 14.65 1.83
C LEU A 21 2.33 15.74 1.65
N GLY A 22 2.93 15.79 0.46
CA GLY A 22 3.94 16.80 0.19
C GLY A 22 4.83 16.42 -0.99
N GLY A 23 5.77 15.51 -0.74
CA GLY A 23 6.67 15.08 -1.80
C GLY A 23 7.96 15.88 -1.82
N GLY A 24 8.91 15.49 -0.98
CA GLY A 24 10.18 16.19 -0.93
C GLY A 24 10.93 15.92 0.35
N GLY A 25 11.22 14.65 0.63
CA GLY A 25 11.94 14.30 1.84
C GLY A 25 11.51 12.97 2.41
N ARG A 26 10.63 13.02 3.41
CA ARG A 26 10.14 11.80 4.05
C ARG A 26 8.95 11.22 3.29
N ILE A 27 8.16 12.08 2.68
CA ILE A 27 6.99 11.66 1.92
C ILE A 27 7.37 10.90 0.66
N GLU A 28 8.43 11.33 -0.01
CA GLU A 28 8.89 10.70 -1.24
C GLU A 28 9.29 9.24 -1.03
N GLU A 29 10.07 8.99 0.01
CA GLU A 29 10.55 7.64 0.32
C GLU A 29 9.39 6.70 0.67
N LEU A 30 8.41 7.23 1.39
CA LEU A 30 7.26 6.45 1.82
C LEU A 30 6.51 5.82 0.65
N LYS A 31 6.24 6.62 -0.38
CA LYS A 31 5.53 6.13 -1.56
C LYS A 31 6.34 5.09 -2.32
N LYS A 32 7.66 5.26 -2.34
CA LYS A 32 8.53 4.33 -3.05
C LYS A 32 8.32 2.91 -2.54
N LYS A 33 8.15 2.78 -1.24
CA LYS A 33 7.90 1.48 -0.62
C LYS A 33 6.54 0.95 -1.05
N TYR A 34 5.58 1.86 -1.20
CA TYR A 34 4.22 1.49 -1.59
C TYR A 34 4.21 0.71 -2.92
N GLU A 35 5.08 1.09 -3.85
CA GLU A 35 5.15 0.41 -5.14
C GLU A 35 5.39 -1.09 -4.95
N GLU A 36 6.29 -1.41 -4.03
CA GLU A 36 6.62 -2.80 -3.73
C GLU A 36 5.37 -3.56 -3.29
N LEU A 37 4.51 -2.88 -2.54
CA LEU A 37 3.27 -3.48 -2.03
C LEU A 37 2.39 -3.98 -3.17
N LYS A 38 2.23 -3.17 -4.20
CA LYS A 38 1.40 -3.53 -5.35
C LYS A 38 1.84 -4.87 -5.95
N LYS A 39 3.15 -5.06 -6.02
CA LYS A 39 3.72 -6.28 -6.60
C LYS A 39 3.35 -7.52 -5.78
N LYS A 40 3.31 -7.37 -4.46
CA LYS A 40 2.99 -8.48 -3.56
C LYS A 40 1.57 -9.01 -3.79
N ILE A 41 0.64 -8.09 -4.02
CA ILE A 41 -0.76 -8.45 -4.26
C ILE A 41 -0.89 -9.22 -5.56
N GLU A 42 -0.07 -8.85 -6.54
CA GLU A 42 -0.07 -9.50 -7.84
C GLU A 42 0.35 -10.96 -7.71
N GLU A 43 1.25 -11.23 -6.77
CA GLU A 43 1.74 -12.58 -6.55
C GLU A 43 0.65 -13.51 -6.01
N LEU A 44 -0.05 -13.04 -4.98
CA LEU A 44 -1.11 -13.84 -4.38
C LEU A 44 -2.33 -13.92 -5.30
N GLY A 45 -2.97 -15.08 -5.33
CA GLY A 45 -4.14 -15.26 -6.17
C GLY A 45 -5.32 -15.85 -5.41
N GLY A 46 -5.35 -15.60 -4.11
CA GLY A 46 -6.44 -16.10 -3.29
C GLY A 46 -6.33 -15.64 -1.85
N GLY A 47 -6.90 -16.42 -0.93
CA GLY A 47 -6.85 -16.07 0.47
C GLY A 47 -5.59 -16.54 1.14
N GLY A 48 -5.47 -16.27 2.44
CA GLY A 48 -4.29 -16.68 3.19
C GLY A 48 -3.21 -15.62 3.18
N GLU A 49 -2.88 -15.13 2.00
CA GLU A 49 -1.86 -14.10 1.86
C GLU A 49 -2.48 -12.71 1.78
N VAL A 50 -3.74 -12.65 1.33
CA VAL A 50 -4.44 -11.38 1.21
C VAL A 50 -4.43 -10.60 2.52
N LYS A 51 -4.52 -11.32 3.63
CA LYS A 51 -4.51 -10.72 4.95
C LYS A 51 -3.15 -10.12 5.29
N LYS A 52 -2.09 -10.79 4.83
CA LYS A 52 -0.73 -10.33 5.08
C LYS A 52 -0.43 -9.01 4.36
N VAL A 53 -1.03 -8.84 3.19
CA VAL A 53 -0.83 -7.62 2.40
C VAL A 53 -1.50 -6.41 3.04
N GLU A 54 -2.69 -6.61 3.60
CA GLU A 54 -3.43 -5.53 4.22
C GLU A 54 -2.72 -5.00 5.48
N GLU A 55 -2.04 -5.88 6.18
CA GLU A 55 -1.34 -5.51 7.41
C GLU A 55 -0.11 -4.63 7.14
N GLU A 56 0.73 -5.05 6.20
CA GLU A 56 1.95 -4.30 5.88
C GLU A 56 1.65 -2.87 5.45
N VAL A 57 0.67 -2.71 4.55
CA VAL A 57 0.30 -1.40 4.05
C VAL A 57 -0.22 -0.51 5.18
N LYS A 58 -0.93 -1.11 6.13
CA LYS A 58 -1.48 -0.37 7.27
C LYS A 58 -0.40 0.40 8.00
N LYS A 59 0.81 -0.17 8.04
CA LYS A 59 1.93 0.47 8.70
C LYS A 59 2.37 1.73 7.96
N LEU A 60 2.32 1.67 6.63
CA LEU A 60 2.74 2.79 5.78
C LEU A 60 1.93 4.05 6.07
N GLU A 61 0.61 3.90 6.18
CA GLU A 61 -0.26 5.04 6.45
C GLU A 61 -0.05 5.58 7.86
N GLU A 62 0.27 4.69 8.79
CA GLU A 62 0.48 5.08 10.18
C GLU A 62 1.61 6.12 10.28
N GLU A 63 2.62 5.96 9.45
CA GLU A 63 3.75 6.88 9.44
C GLU A 63 3.32 8.23 8.89
N ILE A 64 2.38 8.21 7.95
CA ILE A 64 1.89 9.43 7.33
C ILE A 64 1.31 10.40 8.36
N LYS A 65 0.47 9.89 9.26
CA LYS A 65 -0.15 10.72 10.28
C LYS A 65 0.89 11.23 11.28
N LYS A 66 1.94 10.45 11.48
CA LYS A 66 3.00 10.82 12.40
C LYS A 66 3.86 11.95 11.83
N LEU A 67 3.79 12.14 10.51
CA LEU A 67 4.56 13.18 9.84
C LEU A 67 3.64 14.30 9.34
N GLY A 1 -9.36 -14.47 -6.87
CA GLY A 1 -9.40 -13.49 -7.99
C GLY A 1 -10.26 -12.29 -7.67
N SER A 2 -11.44 -12.54 -7.12
CA SER A 2 -12.37 -11.47 -6.76
C SER A 2 -12.09 -10.93 -5.36
N ARG A 3 -11.00 -11.40 -4.74
CA ARG A 3 -10.63 -10.95 -3.40
C ARG A 3 -9.22 -10.40 -3.38
N VAL A 4 -8.32 -11.03 -4.13
CA VAL A 4 -6.93 -10.59 -4.20
C VAL A 4 -6.79 -9.29 -4.99
N LYS A 5 -7.47 -9.23 -6.14
CA LYS A 5 -7.43 -8.04 -6.98
C LYS A 5 -8.00 -6.84 -6.24
N ALA A 6 -9.12 -7.04 -5.55
CA ALA A 6 -9.75 -5.97 -4.80
C ALA A 6 -8.78 -5.38 -3.79
N LEU A 7 -7.94 -6.25 -3.23
CA LEU A 7 -6.95 -5.85 -2.25
C LEU A 7 -6.01 -4.80 -2.84
N GLU A 8 -5.62 -5.01 -4.09
CA GLU A 8 -4.72 -4.10 -4.79
C GLU A 8 -5.36 -2.73 -5.00
N GLU A 9 -6.68 -2.71 -5.16
CA GLU A 9 -7.42 -1.47 -5.39
C GLU A 9 -7.39 -0.55 -4.17
N LYS A 10 -7.46 -1.13 -2.97
CA LYS A 10 -7.47 -0.35 -1.73
C LYS A 10 -6.10 0.26 -1.44
N VAL A 11 -5.05 -0.47 -1.78
CA VAL A 11 -3.68 -0.03 -1.55
C VAL A 11 -3.33 1.20 -2.40
N LYS A 12 -3.82 1.22 -3.63
CA LYS A 12 -3.57 2.31 -4.56
C LYS A 12 -4.28 3.58 -4.14
N ALA A 13 -5.49 3.42 -3.62
CA ALA A 13 -6.27 4.56 -3.18
C ALA A 13 -5.48 5.36 -2.15
N LEU A 14 -4.74 4.65 -1.32
CA LEU A 14 -3.90 5.29 -0.31
C LEU A 14 -2.72 5.98 -0.97
N GLU A 15 -2.28 5.41 -2.10
CA GLU A 15 -1.14 5.96 -2.84
C GLU A 15 -1.35 7.44 -3.17
N GLU A 16 -2.57 7.80 -3.51
CA GLU A 16 -2.92 9.16 -3.88
C GLU A 16 -2.80 10.12 -2.69
N LYS A 17 -3.08 9.62 -1.49
CA LYS A 17 -3.01 10.44 -0.30
C LYS A 17 -1.56 10.78 0.04
N VAL A 18 -0.65 9.89 -0.33
CA VAL A 18 0.78 10.09 -0.06
C VAL A 18 1.38 11.19 -0.94
N LYS A 19 1.06 11.17 -2.23
CA LYS A 19 1.58 12.17 -3.17
C LYS A 19 0.98 13.53 -2.87
N ALA A 20 -0.20 13.54 -2.25
CA ALA A 20 -0.89 14.77 -1.89
C ALA A 20 -0.32 15.34 -0.59
N LEU A 21 0.50 14.55 0.10
CA LEU A 21 1.10 14.97 1.35
C LEU A 21 2.15 16.04 1.11
N GLY A 22 2.91 15.89 0.03
CA GLY A 22 3.94 16.86 -0.30
C GLY A 22 5.29 16.22 -0.53
N GLY A 23 5.45 15.56 -1.67
CA GLY A 23 6.70 14.91 -1.99
C GLY A 23 7.88 15.85 -1.93
N GLY A 24 8.81 15.56 -1.03
CA GLY A 24 10.00 16.40 -0.88
C GLY A 24 10.98 15.84 0.14
N GLY A 25 11.08 14.52 0.20
CA GLY A 25 11.99 13.90 1.15
C GLY A 25 11.35 12.77 1.93
N ARG A 26 10.72 13.11 3.05
CA ARG A 26 10.07 12.11 3.88
C ARG A 26 8.90 11.45 3.14
N ILE A 27 8.05 12.27 2.55
CA ILE A 27 6.88 11.78 1.82
C ILE A 27 7.28 11.03 0.55
N GLU A 28 8.36 11.48 -0.09
CA GLU A 28 8.82 10.86 -1.33
C GLU A 28 9.25 9.41 -1.14
N GLU A 29 9.95 9.14 -0.04
CA GLU A 29 10.44 7.79 0.26
C GLU A 29 9.30 6.84 0.67
N LEU A 30 8.35 7.37 1.42
CA LEU A 30 7.23 6.58 1.91
C LEU A 30 6.43 5.95 0.77
N LYS A 31 6.13 6.73 -0.25
CA LYS A 31 5.37 6.24 -1.39
C LYS A 31 6.15 5.19 -2.18
N LYS A 32 7.47 5.35 -2.22
CA LYS A 32 8.32 4.41 -2.95
C LYS A 32 8.11 2.99 -2.42
N LYS A 33 7.97 2.89 -1.10
CA LYS A 33 7.72 1.60 -0.46
C LYS A 33 6.37 1.05 -0.88
N TYR A 34 5.41 1.95 -1.06
CA TYR A 34 4.06 1.57 -1.47
C TYR A 34 4.07 0.79 -2.79
N GLU A 35 4.96 1.18 -3.70
CA GLU A 35 5.06 0.50 -4.99
C GLU A 35 5.32 -0.99 -4.79
N GLU A 36 6.18 -1.30 -3.83
CA GLU A 36 6.53 -2.68 -3.52
C GLU A 36 5.27 -3.45 -3.12
N LEU A 37 4.38 -2.79 -2.40
CA LEU A 37 3.14 -3.40 -1.94
C LEU A 37 2.29 -3.91 -3.12
N LYS A 38 2.17 -3.09 -4.14
CA LYS A 38 1.38 -3.44 -5.33
C LYS A 38 1.89 -4.74 -5.97
N LYS A 39 3.20 -4.89 -6.01
CA LYS A 39 3.82 -6.07 -6.62
C LYS A 39 3.48 -7.36 -5.88
N LYS A 40 3.40 -7.29 -4.56
CA LYS A 40 3.10 -8.47 -3.74
C LYS A 40 1.70 -9.02 -4.02
N ILE A 41 0.72 -8.13 -4.07
CA ILE A 41 -0.66 -8.52 -4.33
C ILE A 41 -0.79 -9.18 -5.69
N GLU A 42 0.00 -8.70 -6.63
CA GLU A 42 0.02 -9.24 -7.98
C GLU A 42 0.49 -10.69 -7.97
N GLU A 43 1.39 -10.99 -7.04
CA GLU A 43 1.93 -12.35 -6.92
C GLU A 43 0.91 -13.27 -6.27
N LEU A 44 0.09 -12.72 -5.38
CA LEU A 44 -0.94 -13.51 -4.70
C LEU A 44 -1.90 -14.14 -5.70
N GLY A 45 -2.32 -15.37 -5.42
CA GLY A 45 -3.23 -16.06 -6.30
C GLY A 45 -4.57 -16.35 -5.63
N GLY A 46 -4.51 -16.90 -4.42
CA GLY A 46 -5.72 -17.22 -3.69
C GLY A 46 -5.44 -17.93 -2.38
N GLY A 47 -6.27 -17.68 -1.38
CA GLY A 47 -6.10 -18.31 -0.09
C GLY A 47 -6.22 -17.32 1.05
N GLY A 48 -5.75 -17.73 2.23
CA GLY A 48 -5.81 -16.86 3.39
C GLY A 48 -4.54 -16.06 3.60
N GLU A 49 -3.99 -15.54 2.51
CA GLU A 49 -2.77 -14.75 2.57
C GLU A 49 -3.05 -13.29 2.28
N VAL A 50 -4.13 -13.02 1.56
CA VAL A 50 -4.51 -11.65 1.21
C VAL A 50 -4.64 -10.79 2.45
N LYS A 51 -5.02 -11.41 3.57
CA LYS A 51 -5.19 -10.69 4.82
C LYS A 51 -3.85 -10.12 5.31
N LYS A 52 -2.76 -10.83 5.01
CA LYS A 52 -1.44 -10.39 5.42
C LYS A 52 -1.02 -9.13 4.68
N VAL A 53 -1.45 -9.00 3.44
CA VAL A 53 -1.12 -7.84 2.62
C VAL A 53 -1.80 -6.57 3.14
N GLU A 54 -3.04 -6.70 3.59
CA GLU A 54 -3.79 -5.56 4.10
C GLU A 54 -3.09 -4.96 5.31
N GLU A 55 -2.46 -5.81 6.12
CA GLU A 55 -1.74 -5.37 7.31
C GLU A 55 -0.48 -4.60 6.94
N GLU A 56 0.17 -5.03 5.87
CA GLU A 56 1.41 -4.41 5.40
C GLU A 56 1.21 -2.94 5.07
N VAL A 57 0.14 -2.63 4.35
CA VAL A 57 -0.16 -1.26 3.95
C VAL A 57 -0.56 -0.38 5.15
N LYS A 58 -1.28 -0.97 6.10
CA LYS A 58 -1.73 -0.23 7.27
C LYS A 58 -0.55 0.44 7.99
N LYS A 59 0.61 -0.21 7.95
CA LYS A 59 1.81 0.32 8.59
C LYS A 59 2.31 1.57 7.87
N LEU A 60 2.20 1.57 6.54
CA LEU A 60 2.66 2.68 5.72
C LEU A 60 1.96 3.98 6.08
N GLU A 61 0.64 3.93 6.24
CA GLU A 61 -0.14 5.12 6.57
C GLU A 61 0.18 5.59 7.99
N GLU A 62 0.46 4.66 8.88
CA GLU A 62 0.79 4.98 10.26
C GLU A 62 1.96 5.96 10.32
N GLU A 63 2.94 5.73 9.46
CA GLU A 63 4.12 6.60 9.39
C GLU A 63 3.72 8.00 8.93
N ILE A 64 2.71 8.05 8.06
CA ILE A 64 2.22 9.32 7.55
C ILE A 64 1.71 10.22 8.67
N LYS A 65 1.15 9.59 9.70
CA LYS A 65 0.63 10.33 10.85
C LYS A 65 1.76 10.91 11.68
N LYS A 66 2.88 10.21 11.70
CA LYS A 66 4.04 10.65 12.47
C LYS A 66 4.61 11.95 11.88
N LEU A 67 4.43 12.13 10.58
CA LEU A 67 4.92 13.32 9.90
C LEU A 67 3.79 14.34 9.71
N GLY A 1 -10.54 -14.81 -9.23
CA GLY A 1 -9.37 -14.01 -8.75
C GLY A 1 -9.71 -12.54 -8.60
N SER A 2 -10.87 -12.26 -8.02
CA SER A 2 -11.31 -10.88 -7.82
C SER A 2 -10.92 -10.39 -6.44
N ARG A 3 -10.88 -11.30 -5.48
CA ARG A 3 -10.51 -10.96 -4.10
C ARG A 3 -9.12 -10.37 -4.04
N VAL A 4 -8.19 -10.97 -4.80
CA VAL A 4 -6.81 -10.50 -4.82
C VAL A 4 -6.70 -9.17 -5.57
N LYS A 5 -7.35 -9.09 -6.72
CA LYS A 5 -7.32 -7.88 -7.54
C LYS A 5 -7.90 -6.70 -6.76
N ALA A 6 -9.03 -6.95 -6.09
CA ALA A 6 -9.69 -5.92 -5.30
C ALA A 6 -8.74 -5.36 -4.25
N LEU A 7 -7.89 -6.24 -3.72
CA LEU A 7 -6.92 -5.86 -2.70
C LEU A 7 -5.98 -4.78 -3.23
N GLU A 8 -5.55 -4.93 -4.46
CA GLU A 8 -4.65 -3.98 -5.09
C GLU A 8 -5.31 -2.61 -5.27
N GLU A 9 -6.62 -2.62 -5.48
CA GLU A 9 -7.38 -1.38 -5.68
C GLU A 9 -7.41 -0.51 -4.43
N LYS A 10 -7.50 -1.14 -3.26
CA LYS A 10 -7.56 -0.39 -2.00
C LYS A 10 -6.21 0.24 -1.65
N VAL A 11 -5.13 -0.44 -1.99
CA VAL A 11 -3.78 0.05 -1.70
C VAL A 11 -3.47 1.32 -2.48
N LYS A 12 -3.92 1.37 -3.73
CA LYS A 12 -3.68 2.52 -4.59
C LYS A 12 -4.48 3.74 -4.12
N ALA A 13 -5.69 3.50 -3.66
CA ALA A 13 -6.54 4.58 -3.18
C ALA A 13 -5.83 5.35 -2.09
N LEU A 14 -5.07 4.63 -1.27
CA LEU A 14 -4.31 5.25 -0.20
C LEU A 14 -3.14 6.05 -0.77
N GLU A 15 -2.63 5.59 -1.90
CA GLU A 15 -1.51 6.24 -2.58
C GLU A 15 -1.78 7.73 -2.82
N GLU A 16 -3.03 8.03 -3.17
CA GLU A 16 -3.44 9.41 -3.45
C GLU A 16 -3.27 10.30 -2.22
N LYS A 17 -3.54 9.75 -1.05
CA LYS A 17 -3.42 10.50 0.19
C LYS A 17 -1.96 10.79 0.51
N VAL A 18 -1.08 9.89 0.10
CA VAL A 18 0.36 10.05 0.36
C VAL A 18 0.94 11.27 -0.34
N LYS A 19 0.62 11.42 -1.63
CA LYS A 19 1.12 12.56 -2.40
C LYS A 19 0.46 13.86 -1.94
N ALA A 20 -0.74 13.73 -1.38
CA ALA A 20 -1.50 14.89 -0.92
C ALA A 20 -1.05 15.33 0.47
N LEU A 21 -0.28 14.50 1.16
CA LEU A 21 0.20 14.83 2.49
C LEU A 21 1.32 15.89 2.43
N GLY A 22 2.06 15.89 1.33
CA GLY A 22 3.14 16.84 1.17
C GLY A 22 4.14 16.41 0.11
N GLY A 23 5.37 16.87 0.24
CA GLY A 23 6.41 16.54 -0.72
C GLY A 23 7.80 16.87 -0.22
N GLY A 24 8.66 15.86 -0.14
CA GLY A 24 10.02 16.08 0.33
C GLY A 24 10.84 14.80 0.33
N GLY A 25 11.72 14.67 1.32
CA GLY A 25 12.55 13.48 1.42
C GLY A 25 11.83 12.32 2.06
N ARG A 26 10.98 12.61 3.04
CA ARG A 26 10.23 11.57 3.74
C ARG A 26 8.98 11.18 2.94
N ILE A 27 8.39 12.15 2.27
CA ILE A 27 7.18 11.91 1.47
C ILE A 27 7.45 11.02 0.26
N GLU A 28 8.53 11.31 -0.46
CA GLU A 28 8.89 10.58 -1.68
C GLU A 28 9.33 9.15 -1.40
N GLU A 29 10.06 8.96 -0.31
CA GLU A 29 10.56 7.62 0.05
C GLU A 29 9.43 6.70 0.48
N LEU A 30 8.46 7.26 1.20
CA LEU A 30 7.32 6.51 1.70
C LEU A 30 6.49 5.89 0.58
N LYS A 31 6.20 6.68 -0.45
CA LYS A 31 5.40 6.17 -1.58
C LYS A 31 6.17 5.09 -2.34
N LYS A 32 7.48 5.24 -2.43
CA LYS A 32 8.31 4.27 -3.14
C LYS A 32 8.09 2.88 -2.54
N LYS A 33 7.98 2.82 -1.23
CA LYS A 33 7.74 1.57 -0.54
C LYS A 33 6.38 1.01 -0.92
N TYR A 34 5.42 1.91 -1.13
CA TYR A 34 4.06 1.52 -1.51
C TYR A 34 4.06 0.69 -2.80
N GLU A 35 4.95 1.04 -3.73
CA GLU A 35 5.04 0.30 -4.99
C GLU A 35 5.32 -1.17 -4.71
N GLU A 36 6.15 -1.43 -3.70
CA GLU A 36 6.49 -2.78 -3.30
C GLU A 36 5.27 -3.53 -2.81
N LEU A 37 4.40 -2.80 -2.11
CA LEU A 37 3.18 -3.38 -1.55
C LEU A 37 2.30 -3.97 -2.65
N LYS A 38 2.26 -3.32 -3.80
CA LYS A 38 1.46 -3.78 -4.92
C LYS A 38 1.97 -5.12 -5.45
N LYS A 39 3.29 -5.27 -5.50
CA LYS A 39 3.92 -6.49 -5.98
C LYS A 39 3.51 -7.70 -5.14
N LYS A 40 3.39 -7.50 -3.84
CA LYS A 40 3.02 -8.58 -2.92
C LYS A 40 1.65 -9.15 -3.26
N ILE A 41 0.76 -8.29 -3.75
CA ILE A 41 -0.59 -8.69 -4.12
C ILE A 41 -0.56 -9.54 -5.38
N GLU A 42 0.38 -9.21 -6.27
CA GLU A 42 0.54 -9.93 -7.52
C GLU A 42 0.94 -11.38 -7.27
N GLU A 43 1.72 -11.59 -6.22
CA GLU A 43 2.20 -12.94 -5.88
C GLU A 43 1.09 -13.81 -5.31
N LEU A 44 0.35 -13.28 -4.34
CA LEU A 44 -0.74 -14.03 -3.72
C LEU A 44 -1.84 -14.33 -4.72
N GLY A 45 -2.53 -15.45 -4.53
CA GLY A 45 -3.60 -15.84 -5.44
C GLY A 45 -4.93 -15.99 -4.73
N GLY A 46 -4.90 -16.50 -3.50
CA GLY A 46 -6.11 -16.69 -2.74
C GLY A 46 -5.87 -17.38 -1.41
N GLY A 47 -6.94 -17.84 -0.79
CA GLY A 47 -6.82 -18.51 0.49
C GLY A 47 -6.92 -17.56 1.67
N GLY A 48 -5.78 -17.24 2.27
CA GLY A 48 -5.76 -16.34 3.40
C GLY A 48 -4.53 -15.47 3.43
N GLU A 49 -3.99 -15.16 2.25
CA GLU A 49 -2.80 -14.33 2.13
C GLU A 49 -3.17 -12.87 1.90
N VAL A 50 -4.32 -12.65 1.26
CA VAL A 50 -4.78 -11.30 0.97
C VAL A 50 -4.82 -10.44 2.23
N LYS A 51 -5.08 -11.09 3.37
CA LYS A 51 -5.14 -10.39 4.65
C LYS A 51 -3.77 -9.87 5.07
N LYS A 52 -2.73 -10.61 4.71
CA LYS A 52 -1.36 -10.24 5.06
C LYS A 52 -0.93 -8.96 4.35
N VAL A 53 -1.42 -8.78 3.12
CA VAL A 53 -1.08 -7.60 2.33
C VAL A 53 -1.76 -6.34 2.85
N GLU A 54 -3.01 -6.48 3.28
CA GLU A 54 -3.78 -5.34 3.81
C GLU A 54 -3.10 -4.75 5.04
N GLU A 55 -2.55 -5.61 5.89
CA GLU A 55 -1.89 -5.17 7.11
C GLU A 55 -0.58 -4.45 6.78
N GLU A 56 0.10 -4.94 5.76
CA GLU A 56 1.38 -4.38 5.34
C GLU A 56 1.24 -2.90 4.96
N VAL A 57 0.14 -2.56 4.30
CA VAL A 57 -0.12 -1.19 3.88
C VAL A 57 -0.47 -0.30 5.07
N LYS A 58 -1.18 -0.87 6.04
CA LYS A 58 -1.59 -0.13 7.22
C LYS A 58 -0.39 0.53 7.91
N LYS A 59 0.75 -0.13 7.85
CA LYS A 59 1.98 0.39 8.46
C LYS A 59 2.47 1.62 7.71
N LEU A 60 2.33 1.61 6.39
CA LEU A 60 2.78 2.72 5.55
C LEU A 60 2.10 4.04 5.91
N GLU A 61 0.78 4.01 6.10
CA GLU A 61 0.04 5.21 6.46
C GLU A 61 0.39 5.68 7.86
N GLU A 62 0.68 4.73 8.75
CA GLU A 62 1.04 5.05 10.13
C GLU A 62 2.22 6.02 10.17
N GLU A 63 3.18 5.79 9.29
CA GLU A 63 4.37 6.65 9.22
C GLU A 63 3.96 8.05 8.77
N ILE A 64 2.94 8.11 7.93
CA ILE A 64 2.45 9.38 7.42
C ILE A 64 1.95 10.26 8.56
N LYS A 65 1.41 9.64 9.60
CA LYS A 65 0.90 10.38 10.74
C LYS A 65 2.04 10.95 11.59
N LYS A 66 3.17 10.26 11.57
CA LYS A 66 4.34 10.69 12.32
C LYS A 66 4.98 11.92 11.70
N LEU A 67 4.79 12.09 10.38
CA LEU A 67 5.33 13.22 9.67
C LEU A 67 4.28 14.31 9.48
N GLY A 1 -9.64 -14.52 -9.67
CA GLY A 1 -9.28 -13.77 -8.44
C GLY A 1 -9.99 -12.45 -8.33
N SER A 2 -10.86 -12.33 -7.33
CA SER A 2 -11.61 -11.10 -7.12
C SER A 2 -11.25 -10.46 -5.77
N ARG A 3 -11.10 -11.30 -4.76
CA ARG A 3 -10.75 -10.82 -3.42
C ARG A 3 -9.33 -10.28 -3.38
N VAL A 4 -8.43 -10.94 -4.11
CA VAL A 4 -7.03 -10.52 -4.15
C VAL A 4 -6.88 -9.24 -4.97
N LYS A 5 -7.53 -9.19 -6.13
CA LYS A 5 -7.45 -8.02 -6.99
C LYS A 5 -8.01 -6.80 -6.27
N ALA A 6 -9.15 -6.97 -5.60
CA ALA A 6 -9.78 -5.88 -4.88
C ALA A 6 -8.81 -5.31 -3.85
N LEU A 7 -8.00 -6.17 -3.27
CA LEU A 7 -7.01 -5.78 -2.28
C LEU A 7 -6.04 -4.76 -2.87
N GLU A 8 -5.64 -5.00 -4.11
CA GLU A 8 -4.70 -4.12 -4.80
C GLU A 8 -5.31 -2.73 -5.03
N GLU A 9 -6.62 -2.69 -5.22
CA GLU A 9 -7.32 -1.43 -5.47
C GLU A 9 -7.29 -0.50 -4.25
N LYS A 10 -7.43 -1.07 -3.06
CA LYS A 10 -7.43 -0.28 -1.84
C LYS A 10 -6.04 0.29 -1.51
N VAL A 11 -5.01 -0.48 -1.82
CA VAL A 11 -3.64 -0.07 -1.56
C VAL A 11 -3.24 1.16 -2.38
N LYS A 12 -3.70 1.18 -3.62
CA LYS A 12 -3.41 2.28 -4.53
C LYS A 12 -4.10 3.57 -4.11
N ALA A 13 -5.34 3.43 -3.63
CA ALA A 13 -6.10 4.59 -3.19
C ALA A 13 -5.33 5.35 -2.14
N LEU A 14 -4.62 4.62 -1.29
CA LEU A 14 -3.79 5.24 -0.26
C LEU A 14 -2.59 5.92 -0.91
N GLU A 15 -2.13 5.36 -2.02
CA GLU A 15 -0.98 5.88 -2.75
C GLU A 15 -1.18 7.35 -3.12
N GLU A 16 -2.40 7.69 -3.50
CA GLU A 16 -2.75 9.05 -3.90
C GLU A 16 -2.64 10.03 -2.74
N LYS A 17 -2.98 9.57 -1.54
CA LYS A 17 -2.91 10.42 -0.37
C LYS A 17 -1.47 10.77 -0.02
N VAL A 18 -0.55 9.85 -0.34
CA VAL A 18 0.87 10.06 -0.05
C VAL A 18 1.48 11.15 -0.93
N LYS A 19 1.19 11.10 -2.23
CA LYS A 19 1.72 12.09 -3.16
C LYS A 19 1.10 13.46 -2.90
N ALA A 20 -0.07 13.46 -2.27
CA ALA A 20 -0.76 14.69 -1.93
C ALA A 20 -0.26 15.28 -0.62
N LEU A 21 0.54 14.49 0.10
CA LEU A 21 1.10 14.93 1.38
C LEU A 21 2.14 16.02 1.17
N GLY A 22 2.89 15.92 0.07
CA GLY A 22 3.90 16.90 -0.24
C GLY A 22 4.93 16.39 -1.21
N GLY A 23 5.94 15.68 -0.71
CA GLY A 23 6.98 15.15 -1.57
C GLY A 23 8.27 15.94 -1.48
N GLY A 24 8.83 16.02 -0.28
CA GLY A 24 10.07 16.75 -0.08
C GLY A 24 11.10 15.96 0.70
N GLY A 25 11.00 14.63 0.62
CA GLY A 25 11.94 13.78 1.32
C GLY A 25 11.25 12.67 2.09
N ARG A 26 10.67 13.02 3.23
CA ARG A 26 9.97 12.03 4.06
C ARG A 26 8.82 11.40 3.30
N ILE A 27 7.99 12.23 2.67
CA ILE A 27 6.84 11.76 1.91
C ILE A 27 7.25 10.98 0.67
N GLU A 28 8.36 11.40 0.05
CA GLU A 28 8.84 10.75 -1.17
C GLU A 28 9.23 9.29 -0.94
N GLU A 29 9.98 9.04 0.12
CA GLU A 29 10.44 7.69 0.44
C GLU A 29 9.28 6.77 0.81
N LEU A 30 8.30 7.32 1.52
CA LEU A 30 7.15 6.56 1.98
C LEU A 30 6.37 5.91 0.82
N LYS A 31 6.12 6.70 -0.23
CA LYS A 31 5.37 6.20 -1.38
C LYS A 31 6.15 5.13 -2.14
N LYS A 32 7.47 5.26 -2.19
CA LYS A 32 8.30 4.30 -2.91
C LYS A 32 8.07 2.88 -2.38
N LYS A 33 7.92 2.75 -1.08
CA LYS A 33 7.67 1.45 -0.46
C LYS A 33 6.31 0.90 -0.90
N TYR A 34 5.36 1.82 -1.06
CA TYR A 34 4.01 1.46 -1.47
C TYR A 34 4.01 0.71 -2.80
N GLU A 35 4.88 1.13 -3.72
CA GLU A 35 4.98 0.49 -5.03
C GLU A 35 5.23 -1.01 -4.89
N GLU A 36 6.12 -1.38 -3.98
CA GLU A 36 6.44 -2.78 -3.73
C GLU A 36 5.19 -3.55 -3.34
N LEU A 37 4.33 -2.91 -2.57
CA LEU A 37 3.09 -3.53 -2.10
C LEU A 37 2.21 -3.98 -3.26
N LYS A 38 2.06 -3.12 -4.25
CA LYS A 38 1.23 -3.42 -5.42
C LYS A 38 1.69 -4.70 -6.12
N LYS A 39 3.00 -4.88 -6.22
CA LYS A 39 3.57 -6.05 -6.88
C LYS A 39 3.23 -7.35 -6.16
N LYS A 40 3.21 -7.33 -4.83
CA LYS A 40 2.93 -8.52 -4.03
C LYS A 40 1.52 -9.04 -4.28
N ILE A 41 0.56 -8.14 -4.31
CA ILE A 41 -0.84 -8.50 -4.53
C ILE A 41 -1.03 -9.13 -5.90
N GLU A 42 -0.27 -8.62 -6.87
CA GLU A 42 -0.33 -9.13 -8.23
C GLU A 42 0.11 -10.59 -8.26
N GLU A 43 1.05 -10.94 -7.39
CA GLU A 43 1.56 -12.30 -7.32
C GLU A 43 0.61 -13.20 -6.53
N LEU A 44 -0.11 -12.62 -5.59
CA LEU A 44 -1.05 -13.37 -4.76
C LEU A 44 -2.11 -14.06 -5.62
N GLY A 45 -2.30 -15.35 -5.39
CA GLY A 45 -3.29 -16.10 -6.15
C GLY A 45 -4.52 -16.44 -5.33
N GLY A 46 -4.36 -17.37 -4.39
CA GLY A 46 -5.47 -17.77 -3.55
C GLY A 46 -5.02 -18.45 -2.27
N GLY A 47 -5.41 -17.87 -1.13
CA GLY A 47 -5.03 -18.45 0.14
C GLY A 47 -5.25 -17.48 1.30
N GLY A 48 -4.59 -17.75 2.42
CA GLY A 48 -4.74 -16.89 3.58
C GLY A 48 -3.59 -15.92 3.73
N GLU A 49 -3.07 -15.44 2.60
CA GLU A 49 -1.97 -14.49 2.60
C GLU A 49 -2.45 -13.08 2.34
N VAL A 50 -3.60 -12.96 1.67
CA VAL A 50 -4.17 -11.66 1.36
C VAL A 50 -4.32 -10.79 2.61
N LYS A 51 -4.60 -11.44 3.73
CA LYS A 51 -4.76 -10.73 5.00
C LYS A 51 -3.43 -10.12 5.44
N LYS A 52 -2.34 -10.81 5.13
CA LYS A 52 -1.01 -10.33 5.49
C LYS A 52 -0.67 -9.05 4.75
N VAL A 53 -1.15 -8.94 3.52
CA VAL A 53 -0.89 -7.78 2.68
C VAL A 53 -1.60 -6.53 3.23
N GLU A 54 -2.81 -6.71 3.74
CA GLU A 54 -3.58 -5.59 4.28
C GLU A 54 -2.91 -5.02 5.53
N GLU A 55 -2.27 -5.89 6.30
CA GLU A 55 -1.60 -5.47 7.54
C GLU A 55 -0.36 -4.62 7.27
N GLU A 56 0.40 -4.97 6.24
CA GLU A 56 1.63 -4.25 5.90
C GLU A 56 1.35 -2.82 5.45
N VAL A 57 0.32 -2.64 4.63
CA VAL A 57 -0.03 -1.32 4.13
C VAL A 57 -0.50 -0.42 5.26
N LYS A 58 -1.22 -1.01 6.22
CA LYS A 58 -1.72 -0.26 7.37
C LYS A 58 -0.59 0.48 8.08
N LYS A 59 0.59 -0.14 8.08
CA LYS A 59 1.76 0.45 8.71
C LYS A 59 2.23 1.69 7.95
N LEU A 60 2.15 1.63 6.63
CA LEU A 60 2.59 2.74 5.78
C LEU A 60 1.86 4.04 6.08
N GLU A 61 0.54 3.96 6.23
CA GLU A 61 -0.27 5.15 6.53
C GLU A 61 0.02 5.67 7.94
N GLU A 62 0.29 4.74 8.85
CA GLU A 62 0.59 5.11 10.24
C GLU A 62 1.76 6.09 10.30
N GLU A 63 2.73 5.88 9.43
CA GLU A 63 3.91 6.75 9.38
C GLU A 63 3.50 8.13 8.88
N ILE A 64 2.51 8.16 7.99
CA ILE A 64 2.03 9.41 7.43
C ILE A 64 1.56 10.37 8.52
N LYS A 65 0.87 9.82 9.52
CA LYS A 65 0.37 10.63 10.62
C LYS A 65 1.51 11.16 11.48
N LYS A 66 2.52 10.33 11.69
CA LYS A 66 3.68 10.71 12.48
C LYS A 66 4.40 11.91 11.85
N LEU A 67 4.22 12.09 10.55
CA LEU A 67 4.85 13.19 9.84
C LEU A 67 3.83 14.26 9.47
N GLY A 1 -8.47 -13.99 -7.89
CA GLY A 1 -8.61 -12.99 -8.99
C GLY A 1 -9.67 -11.94 -8.69
N SER A 2 -10.86 -12.40 -8.32
CA SER A 2 -11.96 -11.49 -8.00
C SER A 2 -11.85 -10.97 -6.56
N ARG A 3 -10.90 -11.51 -5.81
CA ARG A 3 -10.71 -11.08 -4.41
C ARG A 3 -9.33 -10.46 -4.22
N VAL A 4 -8.33 -11.03 -4.87
CA VAL A 4 -6.96 -10.53 -4.77
C VAL A 4 -6.80 -9.21 -5.51
N LYS A 5 -7.35 -9.14 -6.72
CA LYS A 5 -7.28 -7.93 -7.53
C LYS A 5 -7.89 -6.75 -6.78
N ALA A 6 -9.04 -6.98 -6.16
CA ALA A 6 -9.72 -5.93 -5.40
C ALA A 6 -8.78 -5.39 -4.33
N LEU A 7 -7.99 -6.28 -3.76
CA LEU A 7 -7.03 -5.92 -2.72
C LEU A 7 -6.05 -4.86 -3.23
N GLU A 8 -5.65 -5.00 -4.48
CA GLU A 8 -4.71 -4.07 -5.10
C GLU A 8 -5.34 -2.68 -5.28
N GLU A 9 -6.66 -2.66 -5.50
CA GLU A 9 -7.38 -1.41 -5.72
C GLU A 9 -7.42 -0.54 -4.47
N LYS A 10 -7.53 -1.17 -3.30
CA LYS A 10 -7.60 -0.43 -2.04
C LYS A 10 -6.24 0.18 -1.66
N VAL A 11 -5.16 -0.54 -1.99
CA VAL A 11 -3.82 -0.07 -1.69
C VAL A 11 -3.46 1.20 -2.46
N LYS A 12 -3.91 1.26 -3.71
CA LYS A 12 -3.64 2.40 -4.58
C LYS A 12 -4.40 3.63 -4.11
N ALA A 13 -5.62 3.43 -3.65
CA ALA A 13 -6.44 4.53 -3.18
C ALA A 13 -5.70 5.29 -2.09
N LEU A 14 -4.95 4.56 -1.28
CA LEU A 14 -4.16 5.17 -0.22
C LEU A 14 -3.00 5.95 -0.82
N GLU A 15 -2.51 5.48 -1.95
CA GLU A 15 -1.39 6.11 -2.64
C GLU A 15 -1.61 7.60 -2.88
N GLU A 16 -2.84 7.95 -3.20
CA GLU A 16 -3.21 9.35 -3.47
C GLU A 16 -3.09 10.22 -2.24
N LYS A 17 -3.40 9.65 -1.08
CA LYS A 17 -3.34 10.40 0.18
C LYS A 17 -1.88 10.70 0.55
N VAL A 18 -0.98 9.82 0.15
CA VAL A 18 0.44 9.99 0.45
C VAL A 18 1.04 11.17 -0.29
N LYS A 19 0.75 11.27 -1.58
CA LYS A 19 1.26 12.36 -2.40
C LYS A 19 0.62 13.70 -2.03
N ALA A 20 -0.57 13.62 -1.43
CA ALA A 20 -1.30 14.81 -1.02
C ALA A 20 -0.80 15.36 0.32
N LEU A 21 -0.15 14.50 1.09
CA LEU A 21 0.37 14.91 2.41
C LEU A 21 1.55 15.87 2.25
N GLY A 22 2.36 15.65 1.23
CA GLY A 22 3.51 16.50 1.00
C GLY A 22 4.31 16.09 -0.23
N GLY A 23 5.60 16.39 -0.23
CA GLY A 23 6.45 16.04 -1.35
C GLY A 23 7.77 16.76 -1.33
N GLY A 24 8.81 16.09 -0.82
CA GLY A 24 10.12 16.69 -0.75
C GLY A 24 11.07 15.93 0.15
N GLY A 25 11.21 14.63 -0.11
CA GLY A 25 12.11 13.81 0.69
C GLY A 25 11.38 12.71 1.43
N ARG A 26 11.01 12.99 2.68
CA ARG A 26 10.30 12.01 3.51
C ARG A 26 9.05 11.50 2.81
N ILE A 27 8.32 12.41 2.16
CA ILE A 27 7.10 12.05 1.45
C ILE A 27 7.38 11.18 0.22
N GLU A 28 8.39 11.57 -0.56
CA GLU A 28 8.74 10.86 -1.78
C GLU A 28 9.18 9.41 -1.52
N GLU A 29 10.06 9.22 -0.54
CA GLU A 29 10.57 7.89 -0.22
C GLU A 29 9.45 6.97 0.26
N LEU A 30 8.52 7.52 1.04
CA LEU A 30 7.42 6.77 1.60
C LEU A 30 6.57 6.09 0.52
N LYS A 31 6.23 6.83 -0.52
CA LYS A 31 5.41 6.29 -1.60
C LYS A 31 6.16 5.21 -2.36
N LYS A 32 7.48 5.37 -2.50
CA LYS A 32 8.30 4.39 -3.21
C LYS A 32 8.12 3.01 -2.59
N LYS A 33 8.04 2.96 -1.28
CA LYS A 33 7.84 1.71 -0.57
C LYS A 33 6.47 1.12 -0.94
N TYR A 34 5.50 2.00 -1.13
CA TYR A 34 4.15 1.60 -1.49
C TYR A 34 4.14 0.77 -2.76
N GLU A 35 5.01 1.12 -3.72
CA GLU A 35 5.10 0.39 -4.97
C GLU A 35 5.40 -1.08 -4.71
N GLU A 36 6.28 -1.33 -3.76
CA GLU A 36 6.65 -2.69 -3.38
C GLU A 36 5.42 -3.48 -2.96
N LEU A 37 4.52 -2.80 -2.26
CA LEU A 37 3.28 -3.40 -1.77
C LEU A 37 2.45 -3.98 -2.90
N LYS A 38 2.31 -3.20 -3.98
CA LYS A 38 1.52 -3.62 -5.14
C LYS A 38 2.01 -4.97 -5.67
N LYS A 39 3.31 -5.09 -5.83
CA LYS A 39 3.92 -6.33 -6.34
C LYS A 39 3.55 -7.53 -5.48
N LYS A 40 3.49 -7.32 -4.17
CA LYS A 40 3.16 -8.39 -3.23
C LYS A 40 1.79 -8.99 -3.52
N ILE A 41 0.81 -8.13 -3.73
CA ILE A 41 -0.55 -8.56 -4.02
C ILE A 41 -0.57 -9.42 -5.27
N GLU A 42 0.29 -9.10 -6.21
CA GLU A 42 0.39 -9.84 -7.45
C GLU A 42 0.84 -11.26 -7.17
N GLU A 43 1.68 -11.42 -6.14
CA GLU A 43 2.20 -12.73 -5.77
C GLU A 43 1.14 -13.59 -5.08
N LEU A 44 0.46 -13.02 -4.10
CA LEU A 44 -0.57 -13.75 -3.36
C LEU A 44 -1.65 -14.27 -4.31
N GLY A 45 -2.12 -15.48 -4.05
CA GLY A 45 -3.16 -16.08 -4.88
C GLY A 45 -4.51 -16.10 -4.19
N GLY A 46 -5.29 -17.14 -4.46
CA GLY A 46 -6.60 -17.26 -3.86
C GLY A 46 -6.56 -17.94 -2.50
N GLY A 47 -6.87 -17.17 -1.45
CA GLY A 47 -6.86 -17.72 -0.11
C GLY A 47 -6.99 -16.65 0.95
N GLY A 48 -6.62 -16.99 2.18
CA GLY A 48 -6.70 -16.03 3.28
C GLY A 48 -5.43 -15.20 3.43
N GLU A 49 -4.56 -15.25 2.42
CA GLU A 49 -3.32 -14.50 2.46
C GLU A 49 -3.57 -13.02 2.16
N VAL A 50 -4.66 -12.74 1.45
CA VAL A 50 -5.01 -11.36 1.10
C VAL A 50 -5.09 -10.48 2.34
N LYS A 51 -5.45 -11.08 3.47
CA LYS A 51 -5.56 -10.34 4.73
C LYS A 51 -4.19 -9.88 5.21
N LYS A 52 -3.16 -10.70 4.95
CA LYS A 52 -1.81 -10.38 5.37
C LYS A 52 -1.30 -9.12 4.66
N VAL A 53 -1.67 -8.97 3.40
CA VAL A 53 -1.26 -7.82 2.60
C VAL A 53 -1.90 -6.54 3.13
N GLU A 54 -3.15 -6.62 3.55
CA GLU A 54 -3.86 -5.45 4.07
C GLU A 54 -3.12 -4.87 5.27
N GLU A 55 -2.52 -5.73 6.06
CA GLU A 55 -1.77 -5.32 7.25
C GLU A 55 -0.49 -4.60 6.85
N GLU A 56 0.13 -5.08 5.77
CA GLU A 56 1.38 -4.51 5.28
C GLU A 56 1.25 -3.02 4.95
N VAL A 57 0.16 -2.66 4.29
CA VAL A 57 -0.08 -1.27 3.89
C VAL A 57 -0.43 -0.39 5.09
N LYS A 58 -1.15 -0.95 6.06
CA LYS A 58 -1.56 -0.21 7.24
C LYS A 58 -0.35 0.42 7.95
N LYS A 59 0.79 -0.26 7.89
CA LYS A 59 2.00 0.25 8.52
C LYS A 59 2.52 1.49 7.82
N LEU A 60 2.41 1.52 6.49
CA LEU A 60 2.89 2.65 5.70
C LEU A 60 2.18 3.96 6.04
N GLU A 61 0.86 3.91 6.16
CA GLU A 61 0.08 5.10 6.49
C GLU A 61 0.39 5.58 7.90
N GLU A 62 0.66 4.64 8.80
CA GLU A 62 1.00 4.96 10.19
C GLU A 62 2.14 5.96 10.24
N GLU A 63 3.17 5.72 9.43
CA GLU A 63 4.32 6.59 9.38
C GLU A 63 3.91 8.00 8.92
N ILE A 64 2.90 8.04 8.05
CA ILE A 64 2.40 9.31 7.54
C ILE A 64 1.89 10.20 8.66
N LYS A 65 1.30 9.58 9.69
CA LYS A 65 0.77 10.30 10.83
C LYS A 65 1.90 10.90 11.67
N LYS A 66 3.03 10.21 11.70
CA LYS A 66 4.18 10.65 12.46
C LYS A 66 4.79 11.90 11.84
N LEU A 67 4.63 12.05 10.52
CA LEU A 67 5.17 13.20 9.80
C LEU A 67 4.09 14.25 9.56
N GLY A 1 -10.55 -13.74 -10.00
CA GLY A 1 -9.86 -12.69 -9.21
C GLY A 1 -10.80 -11.56 -8.81
N SER A 2 -11.54 -11.77 -7.72
CA SER A 2 -12.47 -10.77 -7.23
C SER A 2 -12.01 -10.22 -5.88
N ARG A 3 -11.43 -11.08 -5.06
CA ARG A 3 -10.95 -10.68 -3.74
C ARG A 3 -9.50 -10.20 -3.80
N VAL A 4 -8.71 -10.84 -4.66
CA VAL A 4 -7.30 -10.47 -4.81
C VAL A 4 -7.16 -9.15 -5.54
N LYS A 5 -7.92 -8.98 -6.62
CA LYS A 5 -7.87 -7.75 -7.40
C LYS A 5 -8.38 -6.57 -6.58
N ALA A 6 -9.47 -6.80 -5.85
CA ALA A 6 -10.05 -5.75 -5.01
C ALA A 6 -8.99 -5.24 -4.02
N LEU A 7 -8.15 -6.16 -3.55
CA LEU A 7 -7.10 -5.83 -2.61
C LEU A 7 -6.16 -4.78 -3.19
N GLU A 8 -5.82 -4.93 -4.47
CA GLU A 8 -4.93 -4.00 -5.15
C GLU A 8 -5.54 -2.60 -5.25
N GLU A 9 -6.87 -2.55 -5.36
CA GLU A 9 -7.57 -1.28 -5.49
C GLU A 9 -7.50 -0.44 -4.22
N LYS A 10 -7.54 -1.08 -3.07
CA LYS A 10 -7.50 -0.37 -1.79
C LYS A 10 -6.12 0.20 -1.49
N VAL A 11 -5.08 -0.53 -1.89
CA VAL A 11 -3.70 -0.10 -1.64
C VAL A 11 -3.34 1.15 -2.45
N LYS A 12 -3.82 1.21 -3.68
CA LYS A 12 -3.53 2.34 -4.57
C LYS A 12 -4.23 3.60 -4.09
N ALA A 13 -5.44 3.46 -3.59
CA ALA A 13 -6.20 4.59 -3.11
C ALA A 13 -5.41 5.31 -2.03
N LEU A 14 -4.69 4.53 -1.23
CA LEU A 14 -3.85 5.09 -0.18
C LEU A 14 -2.64 5.80 -0.77
N GLU A 15 -2.18 5.30 -1.91
CA GLU A 15 -1.02 5.86 -2.60
C GLU A 15 -1.23 7.35 -2.90
N GLU A 16 -2.45 7.69 -3.28
CA GLU A 16 -2.81 9.06 -3.64
C GLU A 16 -2.74 9.98 -2.42
N LYS A 17 -3.06 9.43 -1.25
CA LYS A 17 -3.04 10.20 -0.02
C LYS A 17 -1.60 10.55 0.39
N VAL A 18 -0.67 9.69 0.03
CA VAL A 18 0.74 9.89 0.37
C VAL A 18 1.35 11.05 -0.41
N LYS A 19 1.11 11.09 -1.72
CA LYS A 19 1.64 12.13 -2.57
C LYS A 19 0.95 13.48 -2.29
N ALA A 20 -0.25 13.40 -1.73
CA ALA A 20 -1.02 14.59 -1.42
C ALA A 20 -0.44 15.36 -0.24
N LEU A 21 0.29 14.66 0.63
CA LEU A 21 0.88 15.31 1.80
C LEU A 21 2.25 15.90 1.46
N GLY A 22 2.61 16.97 2.17
CA GLY A 22 3.88 17.63 1.95
C GLY A 22 4.18 17.85 0.47
N GLY A 23 5.04 16.99 -0.08
CA GLY A 23 5.40 17.11 -1.48
C GLY A 23 6.88 17.42 -1.67
N GLY A 24 7.72 16.42 -1.45
CA GLY A 24 9.16 16.61 -1.61
C GLY A 24 9.91 16.40 -0.32
N GLY A 25 10.58 15.24 -0.20
CA GLY A 25 11.33 14.95 1.00
C GLY A 25 11.00 13.58 1.56
N ARG A 26 10.49 13.55 2.80
CA ARG A 26 10.12 12.31 3.45
C ARG A 26 8.94 11.65 2.75
N ILE A 27 8.09 12.46 2.14
CA ILE A 27 6.91 11.97 1.43
C ILE A 27 7.28 11.18 0.18
N GLU A 28 8.35 11.60 -0.50
CA GLU A 28 8.78 10.95 -1.74
C GLU A 28 9.22 9.50 -1.51
N GLU A 29 10.04 9.29 -0.50
CA GLU A 29 10.55 7.95 -0.18
C GLU A 29 9.43 7.01 0.27
N LEU A 30 8.49 7.55 1.04
CA LEU A 30 7.37 6.78 1.57
C LEU A 30 6.55 6.11 0.47
N LYS A 31 6.23 6.87 -0.57
CA LYS A 31 5.44 6.34 -1.68
C LYS A 31 6.21 5.27 -2.44
N LYS A 32 7.53 5.45 -2.55
CA LYS A 32 8.36 4.50 -3.27
C LYS A 32 8.20 3.09 -2.70
N LYS A 33 8.11 3.00 -1.38
CA LYS A 33 7.93 1.72 -0.72
C LYS A 33 6.58 1.13 -1.06
N TYR A 34 5.59 2.00 -1.19
CA TYR A 34 4.23 1.59 -1.51
C TYR A 34 4.20 0.79 -2.81
N GLU A 35 5.02 1.18 -3.78
CA GLU A 35 5.08 0.49 -5.07
C GLU A 35 5.38 -0.99 -4.84
N GLU A 36 6.27 -1.26 -3.89
CA GLU A 36 6.64 -2.63 -3.55
C GLU A 36 5.41 -3.42 -3.10
N LEU A 37 4.52 -2.73 -2.38
CA LEU A 37 3.31 -3.35 -1.88
C LEU A 37 2.45 -3.92 -3.01
N LYS A 38 2.29 -3.14 -4.07
CA LYS A 38 1.49 -3.56 -5.22
C LYS A 38 1.98 -4.90 -5.77
N LYS A 39 3.30 -5.07 -5.79
CA LYS A 39 3.91 -6.30 -6.30
C LYS A 39 3.52 -7.51 -5.45
N LYS A 40 3.44 -7.31 -4.14
CA LYS A 40 3.09 -8.40 -3.21
C LYS A 40 1.69 -8.94 -3.50
N ILE A 41 0.77 -8.05 -3.82
CA ILE A 41 -0.61 -8.44 -4.12
C ILE A 41 -0.66 -9.28 -5.39
N GLU A 42 0.23 -8.95 -6.33
CA GLU A 42 0.31 -9.67 -7.59
C GLU A 42 0.72 -11.12 -7.36
N GLU A 43 1.55 -11.33 -6.34
CA GLU A 43 2.04 -12.67 -6.00
C GLU A 43 0.92 -13.56 -5.48
N LEU A 44 0.16 -13.04 -4.52
CA LEU A 44 -0.94 -13.81 -3.93
C LEU A 44 -1.97 -14.20 -4.99
N GLY A 45 -2.38 -15.46 -4.98
CA GLY A 45 -3.36 -15.94 -5.94
C GLY A 45 -4.69 -16.25 -5.29
N GLY A 46 -4.66 -16.59 -4.01
CA GLY A 46 -5.89 -16.91 -3.30
C GLY A 46 -5.64 -17.31 -1.86
N GLY A 47 -6.63 -17.93 -1.23
CA GLY A 47 -6.49 -18.35 0.15
C GLY A 47 -6.55 -17.20 1.12
N GLY A 48 -6.06 -17.42 2.33
CA GLY A 48 -6.07 -16.38 3.34
C GLY A 48 -4.78 -15.57 3.36
N GLU A 49 -4.29 -15.21 2.18
CA GLU A 49 -3.06 -14.44 2.07
C GLU A 49 -3.36 -12.95 1.89
N VAL A 50 -4.50 -12.66 1.27
CA VAL A 50 -4.91 -11.27 1.03
C VAL A 50 -4.93 -10.47 2.32
N LYS A 51 -5.21 -11.15 3.43
CA LYS A 51 -5.26 -10.50 4.74
C LYS A 51 -3.88 -10.03 5.18
N LYS A 52 -2.84 -10.79 4.80
CA LYS A 52 -1.48 -10.46 5.16
C LYS A 52 -1.01 -9.18 4.45
N VAL A 53 -1.49 -8.99 3.22
CA VAL A 53 -1.13 -7.82 2.43
C VAL A 53 -1.73 -6.55 3.03
N GLU A 54 -2.95 -6.64 3.53
CA GLU A 54 -3.63 -5.49 4.12
C GLU A 54 -2.92 -5.04 5.40
N GLU A 55 -2.33 -5.98 6.12
CA GLU A 55 -1.65 -5.68 7.38
C GLU A 55 -0.33 -4.91 7.14
N GLU A 56 0.38 -5.25 6.08
CA GLU A 56 1.66 -4.61 5.78
C GLU A 56 1.50 -3.15 5.35
N VAL A 57 0.45 -2.87 4.57
CA VAL A 57 0.20 -1.51 4.10
C VAL A 57 -0.25 -0.59 5.23
N LYS A 58 -1.01 -1.14 6.17
CA LYS A 58 -1.52 -0.36 7.30
C LYS A 58 -0.39 0.35 8.04
N LYS A 59 0.78 -0.28 8.10
CA LYS A 59 1.92 0.30 8.78
C LYS A 59 2.44 1.55 8.05
N LEU A 60 2.40 1.51 6.72
CA LEU A 60 2.88 2.62 5.90
C LEU A 60 2.09 3.90 6.17
N GLU A 61 0.77 3.81 6.23
CA GLU A 61 -0.08 4.97 6.47
C GLU A 61 0.10 5.53 7.88
N GLU A 62 0.37 4.65 8.85
CA GLU A 62 0.55 5.08 10.22
C GLU A 62 1.71 6.06 10.33
N GLU A 63 2.78 5.79 9.58
CA GLU A 63 3.96 6.66 9.58
C GLU A 63 3.58 8.03 9.05
N ILE A 64 2.63 8.06 8.12
CA ILE A 64 2.17 9.31 7.53
C ILE A 64 1.60 10.25 8.59
N LYS A 65 0.91 9.66 9.57
CA LYS A 65 0.31 10.44 10.64
C LYS A 65 1.37 10.95 11.61
N LYS A 66 2.51 10.28 11.65
CA LYS A 66 3.60 10.67 12.53
C LYS A 66 4.40 11.85 11.95
N LEU A 67 4.30 12.03 10.63
CA LEU A 67 5.02 13.12 9.98
C LEU A 67 4.07 14.29 9.68
N GLY A 1 -9.78 -15.59 -7.80
CA GLY A 1 -9.76 -14.11 -7.94
C GLY A 1 -10.98 -13.45 -7.33
N SER A 2 -11.35 -12.30 -7.86
CA SER A 2 -12.51 -11.57 -7.37
C SER A 2 -12.33 -11.21 -5.89
N ARG A 3 -11.09 -11.03 -5.47
CA ARG A 3 -10.78 -10.68 -4.09
C ARG A 3 -9.38 -10.10 -3.97
N VAL A 4 -8.43 -10.71 -4.68
CA VAL A 4 -7.05 -10.24 -4.67
C VAL A 4 -6.91 -8.93 -5.43
N LYS A 5 -7.56 -8.86 -6.60
CA LYS A 5 -7.51 -7.66 -7.42
C LYS A 5 -8.09 -6.47 -6.65
N ALA A 6 -9.21 -6.70 -5.97
CA ALA A 6 -9.85 -5.66 -5.18
C ALA A 6 -8.87 -5.11 -4.15
N LEU A 7 -8.04 -6.00 -3.63
CA LEU A 7 -7.03 -5.64 -2.63
C LEU A 7 -6.09 -4.56 -3.18
N GLU A 8 -5.73 -4.72 -4.45
CA GLU A 8 -4.83 -3.79 -5.13
C GLU A 8 -5.48 -2.40 -5.28
N GLU A 9 -6.80 -2.39 -5.43
CA GLU A 9 -7.54 -1.14 -5.61
C GLU A 9 -7.51 -0.26 -4.36
N LYS A 10 -7.57 -0.89 -3.18
CA LYS A 10 -7.56 -0.15 -1.92
C LYS A 10 -6.18 0.46 -1.63
N VAL A 11 -5.13 -0.26 -2.02
CA VAL A 11 -3.76 0.19 -1.80
C VAL A 11 -3.46 1.46 -2.59
N LYS A 12 -4.00 1.53 -3.80
CA LYS A 12 -3.78 2.67 -4.68
C LYS A 12 -4.49 3.91 -4.16
N ALA A 13 -5.68 3.72 -3.61
CA ALA A 13 -6.44 4.84 -3.08
C ALA A 13 -5.62 5.59 -2.05
N LEU A 14 -4.85 4.83 -1.27
CA LEU A 14 -3.98 5.42 -0.27
C LEU A 14 -2.81 6.14 -0.93
N GLU A 15 -2.41 5.60 -2.09
CA GLU A 15 -1.30 6.16 -2.86
C GLU A 15 -1.50 7.63 -3.18
N GLU A 16 -2.74 8.00 -3.49
CA GLU A 16 -3.09 9.38 -3.84
C GLU A 16 -2.92 10.32 -2.65
N LYS A 17 -3.15 9.79 -1.45
CA LYS A 17 -3.01 10.60 -0.25
C LYS A 17 -1.55 10.93 0.02
N VAL A 18 -0.66 10.02 -0.39
CA VAL A 18 0.77 10.21 -0.18
C VAL A 18 1.34 11.33 -1.06
N LYS A 19 0.97 11.33 -2.33
CA LYS A 19 1.43 12.36 -3.26
C LYS A 19 0.85 13.71 -2.90
N ALA A 20 -0.29 13.69 -2.21
CA ALA A 20 -0.95 14.92 -1.78
C ALA A 20 -0.33 15.45 -0.49
N LEU A 21 0.52 14.62 0.13
CA LEU A 21 1.18 15.01 1.37
C LEU A 21 2.22 16.10 1.10
N GLY A 22 2.84 16.06 -0.07
CA GLY A 22 3.84 17.05 -0.42
C GLY A 22 4.85 16.52 -1.43
N GLY A 23 5.79 15.70 -0.96
CA GLY A 23 6.80 15.15 -1.84
C GLY A 23 8.01 16.05 -1.96
N GLY A 24 8.93 15.93 -1.00
CA GLY A 24 10.13 16.75 -1.03
C GLY A 24 11.24 16.19 -0.14
N GLY A 25 11.23 14.87 0.05
CA GLY A 25 12.25 14.25 0.88
C GLY A 25 11.72 13.10 1.70
N ARG A 26 10.80 13.40 2.61
CA ARG A 26 10.21 12.39 3.48
C ARG A 26 9.04 11.69 2.79
N ILE A 27 8.16 12.48 2.21
CA ILE A 27 6.97 11.95 1.53
C ILE A 27 7.33 11.16 0.27
N GLU A 28 8.37 11.58 -0.43
CA GLU A 28 8.79 10.91 -1.66
C GLU A 28 9.17 9.45 -1.42
N GLU A 29 9.97 9.21 -0.39
CA GLU A 29 10.43 7.86 -0.05
C GLU A 29 9.28 6.97 0.41
N LEU A 30 8.35 7.55 1.16
CA LEU A 30 7.22 6.81 1.72
C LEU A 30 6.39 6.13 0.63
N LYS A 31 6.07 6.85 -0.44
CA LYS A 31 5.27 6.28 -1.52
C LYS A 31 6.02 5.18 -2.24
N LYS A 32 7.34 5.31 -2.35
CA LYS A 32 8.15 4.30 -3.03
C LYS A 32 7.94 2.94 -2.40
N LYS A 33 7.83 2.91 -1.07
CA LYS A 33 7.60 1.68 -0.35
C LYS A 33 6.26 1.09 -0.74
N TYR A 34 5.28 1.96 -0.99
CA TYR A 34 3.95 1.55 -1.38
C TYR A 34 3.99 0.71 -2.65
N GLU A 35 4.87 1.08 -3.58
CA GLU A 35 5.00 0.33 -4.83
C GLU A 35 5.26 -1.15 -4.56
N GLU A 36 6.10 -1.42 -3.57
CA GLU A 36 6.43 -2.77 -3.19
C GLU A 36 5.18 -3.51 -2.71
N LEU A 37 4.32 -2.78 -2.01
CA LEU A 37 3.09 -3.34 -1.48
C LEU A 37 2.21 -3.92 -2.59
N LYS A 38 2.24 -3.27 -3.76
CA LYS A 38 1.46 -3.71 -4.90
C LYS A 38 1.94 -5.06 -5.41
N LYS A 39 3.26 -5.24 -5.41
CA LYS A 39 3.87 -6.48 -5.88
C LYS A 39 3.42 -7.68 -5.04
N LYS A 40 3.26 -7.48 -3.74
CA LYS A 40 2.86 -8.55 -2.83
C LYS A 40 1.47 -9.08 -3.19
N ILE A 41 0.61 -8.20 -3.66
CA ILE A 41 -0.76 -8.56 -4.03
C ILE A 41 -0.76 -9.40 -5.31
N GLU A 42 0.17 -9.08 -6.20
CA GLU A 42 0.31 -9.77 -7.47
C GLU A 42 0.73 -11.23 -7.28
N GLU A 43 1.52 -11.47 -6.24
CA GLU A 43 2.02 -12.82 -5.96
C GLU A 43 0.96 -13.71 -5.31
N LEU A 44 0.10 -13.11 -4.50
CA LEU A 44 -0.95 -13.86 -3.82
C LEU A 44 -2.18 -14.06 -4.72
N GLY A 45 -2.84 -15.19 -4.56
CA GLY A 45 -4.01 -15.48 -5.37
C GLY A 45 -5.15 -16.03 -4.54
N GLY A 46 -4.84 -16.96 -3.64
CA GLY A 46 -5.86 -17.56 -2.79
C GLY A 46 -6.47 -16.56 -1.82
N GLY A 47 -6.89 -17.05 -0.66
CA GLY A 47 -7.48 -16.18 0.34
C GLY A 47 -6.83 -16.32 1.70
N GLY A 48 -5.58 -16.78 1.71
CA GLY A 48 -4.87 -16.95 2.97
C GLY A 48 -3.72 -15.97 3.10
N GLU A 49 -3.18 -15.52 1.97
CA GLU A 49 -2.08 -14.57 1.97
C GLU A 49 -2.59 -13.14 1.80
N VAL A 50 -3.76 -13.00 1.19
CA VAL A 50 -4.35 -11.69 0.95
C VAL A 50 -4.46 -10.88 2.24
N LYS A 51 -4.65 -11.59 3.36
CA LYS A 51 -4.76 -10.94 4.67
C LYS A 51 -3.43 -10.35 5.10
N LYS A 52 -2.33 -11.01 4.73
CA LYS A 52 -0.99 -10.56 5.09
C LYS A 52 -0.65 -9.24 4.40
N VAL A 53 -1.14 -9.06 3.18
CA VAL A 53 -0.87 -7.85 2.42
C VAL A 53 -1.62 -6.65 2.99
N GLU A 54 -2.84 -6.87 3.44
CA GLU A 54 -3.66 -5.79 4.01
C GLU A 54 -2.96 -5.16 5.22
N GLU A 55 -2.30 -6.00 6.01
CA GLU A 55 -1.58 -5.53 7.19
C GLU A 55 -0.35 -4.72 6.80
N GLU A 56 0.31 -5.14 5.73
CA GLU A 56 1.52 -4.49 5.25
C GLU A 56 1.28 -3.01 4.92
N VAL A 57 0.14 -2.72 4.31
CA VAL A 57 -0.20 -1.34 3.95
C VAL A 57 -0.56 -0.51 5.19
N LYS A 58 -1.21 -1.15 6.16
CA LYS A 58 -1.60 -0.48 7.39
C LYS A 58 -0.40 0.19 8.07
N LYS A 59 0.76 -0.45 7.95
CA LYS A 59 1.98 0.07 8.54
C LYS A 59 2.42 1.36 7.84
N LEU A 60 2.26 1.38 6.53
CA LEU A 60 2.65 2.53 5.70
C LEU A 60 1.95 3.82 6.12
N GLU A 61 0.64 3.74 6.34
CA GLU A 61 -0.13 4.92 6.74
C GLU A 61 0.24 5.36 8.15
N GLU A 62 0.57 4.40 9.01
CA GLU A 62 0.94 4.69 10.39
C GLU A 62 2.07 5.71 10.43
N GLU A 63 3.04 5.54 9.55
CA GLU A 63 4.18 6.45 9.48
C GLU A 63 3.73 7.83 9.01
N ILE A 64 2.71 7.85 8.17
CA ILE A 64 2.17 9.10 7.64
C ILE A 64 1.68 10.00 8.77
N LYS A 65 1.17 9.38 9.83
CA LYS A 65 0.66 10.12 10.98
C LYS A 65 1.80 10.73 11.79
N LYS A 66 2.94 10.03 11.82
CA LYS A 66 4.11 10.50 12.55
C LYS A 66 4.64 11.79 11.96
N LEU A 67 4.43 11.97 10.65
CA LEU A 67 4.89 13.17 9.96
C LEU A 67 3.77 14.20 9.83
N GLY A 1 -9.02 -12.79 -9.90
CA GLY A 1 -9.03 -13.34 -8.52
C GLY A 1 -10.20 -12.83 -7.69
N SER A 2 -10.62 -11.59 -7.98
CA SER A 2 -11.73 -10.97 -7.26
C SER A 2 -11.28 -10.49 -5.88
N ARG A 3 -10.96 -11.42 -5.00
CA ARG A 3 -10.53 -11.07 -3.65
C ARG A 3 -9.15 -10.41 -3.67
N VAL A 4 -8.25 -10.98 -4.47
CA VAL A 4 -6.89 -10.46 -4.57
C VAL A 4 -6.87 -9.13 -5.34
N LYS A 5 -7.59 -9.08 -6.45
CA LYS A 5 -7.64 -7.87 -7.26
C LYS A 5 -8.18 -6.70 -6.45
N ALA A 6 -9.26 -6.95 -5.71
CA ALA A 6 -9.87 -5.92 -4.88
C ALA A 6 -8.84 -5.36 -3.90
N LEU A 7 -7.96 -6.24 -3.43
CA LEU A 7 -6.91 -5.85 -2.49
C LEU A 7 -6.02 -4.77 -3.09
N GLU A 8 -5.71 -4.92 -4.38
CA GLU A 8 -4.85 -3.98 -5.08
C GLU A 8 -5.52 -2.60 -5.19
N GLU A 9 -6.84 -2.58 -5.30
CA GLU A 9 -7.60 -1.35 -5.44
C GLU A 9 -7.53 -0.49 -4.18
N LYS A 10 -7.56 -1.12 -3.02
CA LYS A 10 -7.54 -0.40 -1.74
C LYS A 10 -6.17 0.22 -1.45
N VAL A 11 -5.11 -0.50 -1.82
CA VAL A 11 -3.75 -0.02 -1.57
C VAL A 11 -3.43 1.21 -2.41
N LYS A 12 -3.95 1.25 -3.63
CA LYS A 12 -3.71 2.37 -4.54
C LYS A 12 -4.42 3.63 -4.06
N ALA A 13 -5.62 3.45 -3.51
CA ALA A 13 -6.38 4.58 -3.02
C ALA A 13 -5.57 5.35 -1.99
N LEU A 14 -4.82 4.60 -1.19
CA LEU A 14 -3.96 5.20 -0.18
C LEU A 14 -2.78 5.91 -0.84
N GLU A 15 -2.36 5.38 -1.98
CA GLU A 15 -1.24 5.93 -2.73
C GLU A 15 -1.46 7.41 -3.07
N GLU A 16 -2.69 7.74 -3.41
CA GLU A 16 -3.07 9.10 -3.78
C GLU A 16 -2.95 10.05 -2.59
N LYS A 17 -3.21 9.54 -1.40
CA LYS A 17 -3.12 10.35 -0.19
C LYS A 17 -1.67 10.72 0.11
N VAL A 18 -0.75 9.84 -0.28
CA VAL A 18 0.68 10.07 -0.04
C VAL A 18 1.21 11.21 -0.91
N LYS A 19 0.87 11.19 -2.19
CA LYS A 19 1.33 12.23 -3.10
C LYS A 19 0.69 13.57 -2.77
N ALA A 20 -0.45 13.51 -2.08
CA ALA A 20 -1.18 14.71 -1.67
C ALA A 20 -0.64 15.25 -0.36
N LEU A 21 0.22 14.46 0.30
CA LEU A 21 0.81 14.87 1.57
C LEU A 21 1.80 16.01 1.38
N GLY A 22 2.43 16.04 0.20
CA GLY A 22 3.39 17.08 -0.08
C GLY A 22 4.39 16.67 -1.15
N GLY A 23 5.40 15.90 -0.75
CA GLY A 23 6.41 15.45 -1.68
C GLY A 23 7.66 16.31 -1.65
N GLY A 24 8.50 16.08 -0.65
CA GLY A 24 9.73 16.85 -0.53
C GLY A 24 10.76 16.17 0.35
N GLY A 25 10.89 14.85 0.21
CA GLY A 25 11.85 14.11 1.01
C GLY A 25 11.20 12.99 1.80
N ARG A 26 10.54 13.35 2.90
CA ARG A 26 9.88 12.36 3.75
C ARG A 26 8.73 11.69 3.01
N ILE A 27 7.87 12.49 2.39
CA ILE A 27 6.72 11.97 1.66
C ILE A 27 7.12 11.21 0.40
N GLU A 28 8.19 11.66 -0.26
CA GLU A 28 8.66 11.05 -1.50
C GLU A 28 9.15 9.62 -1.29
N GLU A 29 9.86 9.38 -0.20
CA GLU A 29 10.41 8.07 0.10
C GLU A 29 9.32 7.09 0.52
N LEU A 30 8.35 7.58 1.29
CA LEU A 30 7.26 6.77 1.79
C LEU A 30 6.46 6.09 0.67
N LYS A 31 6.13 6.87 -0.37
CA LYS A 31 5.37 6.33 -1.50
C LYS A 31 6.18 5.29 -2.27
N LYS A 32 7.49 5.49 -2.35
CA LYS A 32 8.35 4.55 -3.07
C LYS A 32 8.18 3.14 -2.50
N LYS A 33 8.06 3.06 -1.18
CA LYS A 33 7.87 1.78 -0.51
C LYS A 33 6.52 1.18 -0.89
N TYR A 34 5.54 2.06 -1.08
CA TYR A 34 4.20 1.64 -1.45
C TYR A 34 4.22 0.81 -2.74
N GLU A 35 5.08 1.21 -3.68
CA GLU A 35 5.18 0.49 -4.95
C GLU A 35 5.47 -0.99 -4.70
N GLU A 36 6.35 -1.26 -3.74
CA GLU A 36 6.70 -2.62 -3.38
C GLU A 36 5.46 -3.41 -2.96
N LEU A 37 4.57 -2.73 -2.25
CA LEU A 37 3.33 -3.35 -1.77
C LEU A 37 2.51 -3.91 -2.93
N LYS A 38 2.37 -3.12 -3.99
CA LYS A 38 1.61 -3.53 -5.16
C LYS A 38 2.11 -4.87 -5.70
N LYS A 39 3.43 -5.04 -5.70
CA LYS A 39 4.06 -6.25 -6.20
C LYS A 39 3.64 -7.48 -5.39
N LYS A 40 3.52 -7.30 -4.07
CA LYS A 40 3.14 -8.40 -3.18
C LYS A 40 1.77 -8.96 -3.54
N ILE A 41 0.82 -8.07 -3.81
CA ILE A 41 -0.54 -8.47 -4.15
C ILE A 41 -0.54 -9.28 -5.45
N GLU A 42 0.37 -8.92 -6.35
CA GLU A 42 0.50 -9.61 -7.62
C GLU A 42 0.89 -11.06 -7.39
N GLU A 43 1.68 -11.29 -6.34
CA GLU A 43 2.14 -12.62 -5.99
C GLU A 43 1.04 -13.44 -5.33
N LEU A 44 0.08 -12.74 -4.73
CA LEU A 44 -1.03 -13.39 -4.06
C LEU A 44 -1.76 -14.34 -5.00
N GLY A 45 -1.79 -15.62 -4.65
CA GLY A 45 -2.45 -16.61 -5.47
C GLY A 45 -3.74 -17.12 -4.85
N GLY A 46 -3.61 -17.96 -3.83
CA GLY A 46 -4.78 -18.50 -3.16
C GLY A 46 -5.43 -17.51 -2.21
N GLY A 47 -6.54 -17.90 -1.62
CA GLY A 47 -7.25 -17.03 -0.69
C GLY A 47 -6.74 -17.17 0.73
N GLY A 48 -7.13 -16.23 1.59
CA GLY A 48 -6.71 -16.29 2.98
C GLY A 48 -5.49 -15.44 3.25
N GLU A 49 -4.65 -15.26 2.22
CA GLU A 49 -3.43 -14.46 2.35
C GLU A 49 -3.71 -12.99 2.04
N VAL A 50 -4.81 -12.72 1.35
CA VAL A 50 -5.17 -11.36 0.98
C VAL A 50 -5.22 -10.45 2.21
N LYS A 51 -5.59 -11.01 3.34
CA LYS A 51 -5.66 -10.25 4.59
C LYS A 51 -4.27 -9.85 5.07
N LYS A 52 -3.29 -10.71 4.83
CA LYS A 52 -1.92 -10.45 5.24
C LYS A 52 -1.36 -9.20 4.55
N VAL A 53 -1.63 -9.08 3.25
CA VAL A 53 -1.15 -7.93 2.48
C VAL A 53 -1.77 -6.64 2.97
N GLU A 54 -3.05 -6.69 3.33
CA GLU A 54 -3.76 -5.50 3.81
C GLU A 54 -3.09 -4.94 5.06
N GLU A 55 -2.54 -5.83 5.87
CA GLU A 55 -1.86 -5.44 7.10
C GLU A 55 -0.55 -4.71 6.79
N GLU A 56 0.12 -5.17 5.74
CA GLU A 56 1.39 -4.60 5.32
C GLU A 56 1.27 -3.11 4.99
N VAL A 57 0.24 -2.76 4.23
CA VAL A 57 0.00 -1.37 3.85
C VAL A 57 -0.38 -0.51 5.05
N LYS A 58 -1.11 -1.10 5.99
CA LYS A 58 -1.56 -0.40 7.18
C LYS A 58 -0.37 0.22 7.92
N LYS A 59 0.77 -0.45 7.87
CA LYS A 59 1.97 0.04 8.53
C LYS A 59 2.49 1.32 7.86
N LEU A 60 2.39 1.36 6.53
CA LEU A 60 2.85 2.52 5.76
C LEU A 60 2.14 3.80 6.16
N GLU A 61 0.82 3.75 6.31
CA GLU A 61 0.04 4.92 6.69
C GLU A 61 0.38 5.37 8.11
N GLU A 62 0.68 4.40 8.97
CA GLU A 62 1.04 4.69 10.36
C GLU A 62 2.19 5.69 10.42
N GLU A 63 3.11 5.55 9.47
CA GLU A 63 4.26 6.44 9.39
C GLU A 63 3.84 7.83 8.90
N ILE A 64 2.82 7.86 8.05
CA ILE A 64 2.33 9.12 7.50
C ILE A 64 1.92 10.12 8.59
N LYS A 65 1.37 9.61 9.69
CA LYS A 65 0.94 10.46 10.79
C LYS A 65 2.14 11.01 11.56
N LYS A 66 3.19 10.21 11.64
CA LYS A 66 4.40 10.62 12.37
C LYS A 66 5.11 11.76 11.64
N LEU A 67 4.87 11.87 10.34
CA LEU A 67 5.50 12.93 9.54
C LEU A 67 4.53 14.08 9.30
N GLY A 1 -8.86 -13.97 -9.45
CA GLY A 1 -8.48 -12.59 -9.01
C GLY A 1 -9.68 -11.73 -8.73
N SER A 2 -10.56 -12.20 -7.84
CA SER A 2 -11.76 -11.45 -7.48
C SER A 2 -11.59 -10.78 -6.11
N ARG A 3 -10.89 -11.47 -5.21
CA ARG A 3 -10.65 -10.93 -3.87
C ARG A 3 -9.25 -10.35 -3.75
N VAL A 4 -8.29 -10.98 -4.44
CA VAL A 4 -6.91 -10.52 -4.41
C VAL A 4 -6.75 -9.22 -5.19
N LYS A 5 -7.35 -9.17 -6.37
CA LYS A 5 -7.27 -7.97 -7.20
C LYS A 5 -7.86 -6.78 -6.48
N ALA A 6 -9.01 -6.99 -5.84
CA ALA A 6 -9.68 -5.93 -5.10
C ALA A 6 -8.75 -5.35 -4.04
N LEU A 7 -7.92 -6.23 -3.46
CA LEU A 7 -6.95 -5.84 -2.46
C LEU A 7 -6.00 -4.78 -3.00
N GLU A 8 -5.56 -4.98 -4.24
CA GLU A 8 -4.66 -4.06 -4.89
C GLU A 8 -5.29 -2.69 -5.09
N GLU A 9 -6.60 -2.66 -5.29
CA GLU A 9 -7.33 -1.42 -5.52
C GLU A 9 -7.34 -0.52 -4.28
N LYS A 10 -7.46 -1.13 -3.10
CA LYS A 10 -7.49 -0.36 -1.86
C LYS A 10 -6.12 0.24 -1.51
N VAL A 11 -5.07 -0.49 -1.83
CA VAL A 11 -3.71 -0.04 -1.55
C VAL A 11 -3.35 1.20 -2.36
N LYS A 12 -3.83 1.25 -3.60
CA LYS A 12 -3.58 2.37 -4.49
C LYS A 12 -4.31 3.62 -4.03
N ALA A 13 -5.51 3.44 -3.52
CA ALA A 13 -6.31 4.56 -3.05
C ALA A 13 -5.53 5.34 -2.00
N LEU A 14 -4.77 4.60 -1.19
CA LEU A 14 -3.93 5.24 -0.18
C LEU A 14 -2.78 5.98 -0.83
N GLU A 15 -2.34 5.46 -1.97
CA GLU A 15 -1.23 6.04 -2.72
C GLU A 15 -1.51 7.51 -3.04
N GLU A 16 -2.77 7.80 -3.36
CA GLU A 16 -3.19 9.16 -3.71
C GLU A 16 -2.97 10.11 -2.55
N LYS A 17 -3.16 9.62 -1.34
CA LYS A 17 -2.98 10.45 -0.16
C LYS A 17 -1.49 10.77 0.07
N VAL A 18 -0.63 9.85 -0.36
CA VAL A 18 0.82 10.01 -0.19
C VAL A 18 1.36 11.19 -1.00
N LYS A 19 0.96 11.29 -2.27
CA LYS A 19 1.43 12.38 -3.11
C LYS A 19 0.81 13.69 -2.65
N ALA A 20 -0.39 13.59 -2.09
CA ALA A 20 -1.11 14.75 -1.60
C ALA A 20 -0.52 15.23 -0.27
N LEU A 21 0.35 14.41 0.32
CA LEU A 21 0.98 14.74 1.58
C LEU A 21 1.96 15.91 1.42
N GLY A 22 2.54 16.02 0.23
CA GLY A 22 3.49 17.08 -0.03
C GLY A 22 4.40 16.77 -1.20
N GLY A 23 5.48 16.03 -0.94
CA GLY A 23 6.41 15.67 -1.99
C GLY A 23 7.82 16.17 -1.70
N GLY A 24 8.63 15.32 -1.08
CA GLY A 24 9.99 15.70 -0.77
C GLY A 24 10.35 15.39 0.67
N GLY A 25 11.40 14.59 0.87
CA GLY A 25 11.83 14.23 2.20
C GLY A 25 11.30 12.88 2.65
N ARG A 26 10.38 12.89 3.60
CA ARG A 26 9.80 11.66 4.13
C ARG A 26 8.62 11.20 3.27
N ILE A 27 7.95 12.15 2.63
CA ILE A 27 6.79 11.84 1.80
C ILE A 27 7.15 11.04 0.55
N GLU A 28 8.22 11.45 -0.14
CA GLU A 28 8.64 10.78 -1.37
C GLU A 28 9.10 9.34 -1.15
N GLU A 29 9.95 9.14 -0.14
CA GLU A 29 10.48 7.80 0.15
C GLU A 29 9.36 6.82 0.53
N LEU A 30 8.39 7.33 1.27
CA LEU A 30 7.27 6.52 1.75
C LEU A 30 6.49 5.89 0.59
N LYS A 31 6.19 6.68 -0.43
CA LYS A 31 5.44 6.17 -1.58
C LYS A 31 6.23 5.13 -2.36
N LYS A 32 7.54 5.29 -2.43
CA LYS A 32 8.38 4.36 -3.16
C LYS A 32 8.17 2.94 -2.62
N LYS A 33 8.05 2.83 -1.30
CA LYS A 33 7.82 1.56 -0.66
C LYS A 33 6.45 1.01 -1.05
N TYR A 34 5.50 1.91 -1.22
CA TYR A 34 4.14 1.55 -1.59
C TYR A 34 4.12 0.75 -2.91
N GLU A 35 5.00 1.11 -3.84
CA GLU A 35 5.07 0.42 -5.12
C GLU A 35 5.34 -1.06 -4.90
N GLU A 36 6.22 -1.36 -3.94
CA GLU A 36 6.56 -2.75 -3.61
C GLU A 36 5.31 -3.52 -3.20
N LEU A 37 4.42 -2.84 -2.48
CA LEU A 37 3.18 -3.44 -2.01
C LEU A 37 2.34 -3.97 -3.16
N LYS A 38 2.22 -3.16 -4.21
CA LYS A 38 1.43 -3.53 -5.38
C LYS A 38 1.90 -4.85 -5.98
N LYS A 39 3.22 -5.05 -6.00
CA LYS A 39 3.81 -6.27 -6.56
C LYS A 39 3.44 -7.51 -5.76
N LYS A 40 3.37 -7.38 -4.44
CA LYS A 40 3.05 -8.51 -3.56
C LYS A 40 1.65 -9.05 -3.85
N ILE A 41 0.71 -8.16 -4.08
CA ILE A 41 -0.68 -8.55 -4.37
C ILE A 41 -0.77 -9.28 -5.70
N GLU A 42 0.06 -8.84 -6.64
CA GLU A 42 0.09 -9.45 -7.97
C GLU A 42 0.49 -10.91 -7.87
N GLU A 43 1.34 -11.21 -6.90
CA GLU A 43 1.81 -12.58 -6.69
C GLU A 43 0.72 -13.44 -6.06
N LEU A 44 -0.12 -12.81 -5.26
CA LEU A 44 -1.22 -13.51 -4.59
C LEU A 44 -2.23 -14.03 -5.61
N GLY A 45 -2.72 -15.24 -5.38
CA GLY A 45 -3.69 -15.83 -6.28
C GLY A 45 -5.06 -15.97 -5.65
N GLY A 46 -5.09 -16.18 -4.34
CA GLY A 46 -6.35 -16.32 -3.63
C GLY A 46 -6.19 -16.95 -2.27
N GLY A 47 -7.28 -17.43 -1.70
CA GLY A 47 -7.23 -18.04 -0.39
C GLY A 47 -7.41 -17.04 0.74
N GLY A 48 -6.96 -17.40 1.94
CA GLY A 48 -7.08 -16.51 3.08
C GLY A 48 -5.75 -15.94 3.51
N GLU A 49 -4.95 -15.51 2.54
CA GLU A 49 -3.64 -14.93 2.82
C GLU A 49 -3.60 -13.44 2.49
N VAL A 50 -4.58 -12.98 1.70
CA VAL A 50 -4.65 -11.57 1.31
C VAL A 50 -4.65 -10.66 2.53
N LYS A 51 -5.18 -11.15 3.65
CA LYS A 51 -5.24 -10.38 4.88
C LYS A 51 -3.85 -9.88 5.30
N LYS A 52 -2.82 -10.66 4.98
CA LYS A 52 -1.45 -10.29 5.33
C LYS A 52 -1.02 -9.04 4.60
N VAL A 53 -1.51 -8.86 3.37
CA VAL A 53 -1.15 -7.69 2.56
C VAL A 53 -1.79 -6.42 3.11
N GLU A 54 -3.02 -6.54 3.60
CA GLU A 54 -3.73 -5.38 4.14
C GLU A 54 -3.04 -4.84 5.39
N GLU A 55 -2.42 -5.73 6.15
CA GLU A 55 -1.73 -5.34 7.37
C GLU A 55 -0.45 -4.55 7.10
N GLU A 56 0.34 -5.02 6.14
CA GLU A 56 1.60 -4.36 5.80
C GLU A 56 1.40 -2.91 5.36
N VAL A 57 0.38 -2.66 4.54
CA VAL A 57 0.09 -1.32 4.07
C VAL A 57 -0.36 -0.42 5.22
N LYS A 58 -1.10 -1.00 6.16
CA LYS A 58 -1.59 -0.25 7.32
C LYS A 58 -0.45 0.43 8.05
N LYS A 59 0.72 -0.20 8.05
CA LYS A 59 1.89 0.34 8.70
C LYS A 59 2.40 1.59 7.98
N LEU A 60 2.31 1.56 6.66
CA LEU A 60 2.77 2.67 5.82
C LEU A 60 2.05 3.97 6.14
N GLU A 61 0.74 3.92 6.28
CA GLU A 61 -0.05 5.11 6.59
C GLU A 61 0.24 5.61 8.01
N GLU A 62 0.51 4.66 8.91
CA GLU A 62 0.81 5.01 10.30
C GLU A 62 1.97 5.99 10.37
N GLU A 63 2.97 5.77 9.53
CA GLU A 63 4.13 6.65 9.49
C GLU A 63 3.73 8.03 9.00
N ILE A 64 2.73 8.07 8.10
CA ILE A 64 2.24 9.34 7.56
C ILE A 64 1.72 10.23 8.67
N LYS A 65 1.15 9.63 9.71
CA LYS A 65 0.62 10.37 10.84
C LYS A 65 1.75 11.02 11.64
N LYS A 66 2.91 10.39 11.63
CA LYS A 66 4.07 10.91 12.35
C LYS A 66 4.62 12.17 11.68
N LEU A 67 4.41 12.27 10.37
CA LEU A 67 4.88 13.43 9.61
C LEU A 67 3.75 14.43 9.38
N GLY A 1 -9.94 -14.62 -8.94
CA GLY A 1 -9.54 -13.82 -7.75
C GLY A 1 -10.25 -12.48 -7.68
N SER A 2 -11.20 -12.36 -6.77
CA SER A 2 -11.95 -11.12 -6.61
C SER A 2 -11.58 -10.43 -5.30
N ARG A 3 -11.24 -11.23 -4.29
CA ARG A 3 -10.87 -10.69 -2.98
C ARG A 3 -9.45 -10.14 -3.01
N VAL A 4 -8.56 -10.83 -3.73
CA VAL A 4 -7.17 -10.42 -3.83
C VAL A 4 -7.03 -9.17 -4.68
N LYS A 5 -7.72 -9.15 -5.82
CA LYS A 5 -7.66 -8.00 -6.72
C LYS A 5 -8.20 -6.75 -6.03
N ALA A 6 -9.32 -6.91 -5.33
CA ALA A 6 -9.92 -5.80 -4.61
C ALA A 6 -8.93 -5.20 -3.63
N LEU A 7 -8.10 -6.07 -3.06
CA LEU A 7 -7.08 -5.65 -2.10
C LEU A 7 -6.12 -4.65 -2.74
N GLU A 8 -5.76 -4.91 -3.99
CA GLU A 8 -4.85 -4.05 -4.73
C GLU A 8 -5.46 -2.67 -4.98
N GLU A 9 -6.78 -2.62 -5.12
CA GLU A 9 -7.49 -1.37 -5.38
C GLU A 9 -7.41 -0.40 -4.19
N LYS A 10 -7.51 -0.94 -2.98
CA LYS A 10 -7.48 -0.12 -1.78
C LYS A 10 -6.08 0.44 -1.50
N VAL A 11 -5.05 -0.35 -1.83
CA VAL A 11 -3.67 0.06 -1.61
C VAL A 11 -3.29 1.27 -2.46
N LYS A 12 -3.76 1.28 -3.70
CA LYS A 12 -3.46 2.37 -4.63
C LYS A 12 -4.17 3.66 -4.22
N ALA A 13 -5.40 3.52 -3.73
CA ALA A 13 -6.16 4.68 -3.31
C ALA A 13 -5.38 5.46 -2.26
N LEU A 14 -4.69 4.72 -1.40
CA LEU A 14 -3.86 5.34 -0.37
C LEU A 14 -2.63 5.99 -1.01
N GLU A 15 -2.18 5.40 -2.11
CA GLU A 15 -1.01 5.90 -2.83
C GLU A 15 -1.16 7.37 -3.21
N GLU A 16 -2.37 7.74 -3.61
CA GLU A 16 -2.68 9.11 -4.02
C GLU A 16 -2.56 10.09 -2.86
N LYS A 17 -2.92 9.65 -1.66
CA LYS A 17 -2.85 10.50 -0.48
C LYS A 17 -1.41 10.80 -0.11
N VAL A 18 -0.51 9.87 -0.42
CA VAL A 18 0.91 10.03 -0.11
C VAL A 18 1.56 11.11 -0.98
N LYS A 19 1.29 11.06 -2.28
CA LYS A 19 1.84 12.03 -3.21
C LYS A 19 1.26 13.41 -2.96
N ALA A 20 0.09 13.44 -2.34
CA ALA A 20 -0.59 14.70 -2.02
C ALA A 20 -0.07 15.27 -0.71
N LEU A 21 0.69 14.48 0.04
CA LEU A 21 1.24 14.90 1.31
C LEU A 21 2.33 15.95 1.10
N GLY A 22 3.02 15.87 -0.04
CA GLY A 22 4.08 16.81 -0.34
C GLY A 22 5.16 16.20 -1.21
N GLY A 23 6.23 15.74 -0.57
CA GLY A 23 7.33 15.13 -1.30
C GLY A 23 8.62 15.92 -1.17
N GLY A 24 9.32 15.74 -0.05
CA GLY A 24 10.57 16.45 0.16
C GLY A 24 11.55 15.66 0.99
N GLY A 25 11.43 14.34 0.96
CA GLY A 25 12.34 13.49 1.72
C GLY A 25 11.61 12.40 2.48
N ARG A 26 10.74 12.79 3.41
CA ARG A 26 9.99 11.83 4.20
C ARG A 26 8.83 11.23 3.41
N ILE A 27 8.07 12.10 2.76
CA ILE A 27 6.91 11.68 1.96
C ILE A 27 7.32 10.88 0.73
N GLU A 28 8.44 11.25 0.11
CA GLU A 28 8.92 10.59 -1.10
C GLU A 28 9.32 9.13 -0.85
N GLU A 29 9.97 8.88 0.28
CA GLU A 29 10.42 7.53 0.61
C GLU A 29 9.25 6.62 0.97
N LEU A 30 8.27 7.16 1.68
CA LEU A 30 7.11 6.42 2.13
C LEU A 30 6.35 5.80 0.95
N LYS A 31 6.12 6.60 -0.09
CA LYS A 31 5.40 6.12 -1.27
C LYS A 31 6.20 5.05 -2.02
N LYS A 32 7.52 5.18 -2.02
CA LYS A 32 8.37 4.22 -2.71
C LYS A 32 8.11 2.81 -2.21
N LYS A 33 7.92 2.68 -0.91
CA LYS A 33 7.64 1.38 -0.30
C LYS A 33 6.28 0.87 -0.76
N TYR A 34 5.35 1.80 -0.93
CA TYR A 34 3.99 1.47 -1.36
C TYR A 34 4.00 0.70 -2.68
N GLU A 35 4.90 1.08 -3.59
CA GLU A 35 5.00 0.43 -4.89
C GLU A 35 5.21 -1.07 -4.73
N GLU A 36 6.09 -1.44 -3.81
CA GLU A 36 6.38 -2.84 -3.55
C GLU A 36 5.12 -3.60 -3.16
N LEU A 37 4.26 -2.94 -2.40
CA LEU A 37 3.01 -3.53 -1.94
C LEU A 37 2.13 -3.97 -3.11
N LYS A 38 2.01 -3.11 -4.11
CA LYS A 38 1.20 -3.41 -5.28
C LYS A 38 1.67 -4.67 -5.99
N LYS A 39 2.97 -4.86 -6.07
CA LYS A 39 3.56 -6.01 -6.75
C LYS A 39 3.19 -7.33 -6.06
N LYS A 40 3.12 -7.32 -4.73
CA LYS A 40 2.80 -8.54 -3.97
C LYS A 40 1.38 -9.02 -4.24
N ILE A 41 0.43 -8.10 -4.22
CA ILE A 41 -0.97 -8.43 -4.47
C ILE A 41 -1.15 -9.04 -5.85
N GLU A 42 -0.36 -8.56 -6.79
CA GLU A 42 -0.41 -9.05 -8.16
C GLU A 42 0.04 -10.50 -8.20
N GLU A 43 0.97 -10.85 -7.33
CA GLU A 43 1.50 -12.21 -7.27
C GLU A 43 0.51 -13.14 -6.57
N LEU A 44 -0.25 -12.59 -5.63
CA LEU A 44 -1.24 -13.37 -4.90
C LEU A 44 -2.26 -14.00 -5.84
N GLY A 45 -2.44 -15.31 -5.73
CA GLY A 45 -3.38 -16.01 -6.57
C GLY A 45 -4.80 -15.98 -6.02
N GLY A 46 -4.94 -16.38 -4.76
CA GLY A 46 -6.24 -16.39 -4.13
C GLY A 46 -6.19 -16.81 -2.68
N GLY A 47 -6.32 -15.84 -1.78
CA GLY A 47 -6.28 -16.13 -0.36
C GLY A 47 -4.92 -16.59 0.10
N GLY A 48 -4.72 -16.63 1.42
CA GLY A 48 -3.45 -17.05 1.96
C GLY A 48 -2.62 -15.89 2.46
N GLU A 49 -1.87 -15.27 1.55
CA GLU A 49 -1.02 -14.13 1.90
C GLU A 49 -1.78 -12.81 1.79
N VAL A 50 -3.00 -12.86 1.24
CA VAL A 50 -3.83 -11.68 1.08
C VAL A 50 -4.00 -10.95 2.41
N LYS A 51 -4.17 -11.72 3.48
CA LYS A 51 -4.35 -11.14 4.81
C LYS A 51 -3.08 -10.46 5.29
N LYS A 52 -1.93 -11.03 4.93
CA LYS A 52 -0.64 -10.48 5.31
C LYS A 52 -0.38 -9.15 4.60
N VAL A 53 -0.87 -9.03 3.37
CA VAL A 53 -0.69 -7.82 2.58
C VAL A 53 -1.44 -6.63 3.18
N GLU A 54 -2.63 -6.88 3.71
CA GLU A 54 -3.44 -5.81 4.30
C GLU A 54 -2.71 -5.14 5.47
N GLU A 55 -1.98 -5.94 6.24
CA GLU A 55 -1.24 -5.43 7.38
C GLU A 55 -0.06 -4.58 6.94
N GLU A 56 0.57 -4.98 5.84
CA GLU A 56 1.73 -4.29 5.30
C GLU A 56 1.42 -2.84 4.97
N VAL A 57 0.27 -2.60 4.35
CA VAL A 57 -0.13 -1.25 3.96
C VAL A 57 -0.53 -0.39 5.16
N LYS A 58 -1.16 -1.02 6.16
CA LYS A 58 -1.60 -0.30 7.35
C LYS A 58 -0.43 0.45 8.02
N LYS A 59 0.75 -0.13 7.96
CA LYS A 59 1.93 0.49 8.55
C LYS A 59 2.34 1.76 7.81
N LEU A 60 2.22 1.74 6.49
CA LEU A 60 2.59 2.88 5.65
C LEU A 60 1.79 4.15 6.00
N GLU A 61 0.49 4.01 6.16
CA GLU A 61 -0.36 5.15 6.49
C GLU A 61 -0.10 5.67 7.90
N GLU A 62 0.24 4.75 8.80
CA GLU A 62 0.51 5.11 10.19
C GLU A 62 1.64 6.14 10.27
N GLU A 63 2.64 5.98 9.42
CA GLU A 63 3.77 6.89 9.39
C GLU A 63 3.35 8.25 8.85
N ILE A 64 2.38 8.24 7.94
CA ILE A 64 1.89 9.47 7.34
C ILE A 64 1.37 10.45 8.39
N LYS A 65 0.57 9.96 9.33
CA LYS A 65 0.02 10.80 10.39
C LYS A 65 1.12 11.25 11.34
N LYS A 66 2.12 10.41 11.52
CA LYS A 66 3.23 10.73 12.41
C LYS A 66 4.09 11.87 11.85
N LEU A 67 3.96 12.13 10.56
CA LEU A 67 4.72 13.19 9.92
C LEU A 67 3.81 14.36 9.53
N GLY A 1 -8.43 -13.87 -10.37
CA GLY A 1 -8.24 -12.92 -9.25
C GLY A 1 -9.43 -12.00 -9.03
N SER A 2 -10.17 -12.25 -7.96
CA SER A 2 -11.35 -11.45 -7.64
C SER A 2 -11.19 -10.77 -6.28
N ARG A 3 -10.79 -11.54 -5.28
CA ARG A 3 -10.61 -11.02 -3.93
C ARG A 3 -9.22 -10.39 -3.78
N VAL A 4 -8.24 -11.00 -4.41
CA VAL A 4 -6.86 -10.49 -4.35
C VAL A 4 -6.72 -9.20 -5.16
N LYS A 5 -7.28 -9.21 -6.37
CA LYS A 5 -7.21 -8.04 -7.23
C LYS A 5 -7.84 -6.83 -6.54
N ALA A 6 -8.97 -7.04 -5.89
CA ALA A 6 -9.66 -5.97 -5.19
C ALA A 6 -8.73 -5.34 -4.15
N LEU A 7 -7.91 -6.19 -3.56
CA LEU A 7 -6.95 -5.75 -2.54
C LEU A 7 -6.01 -4.70 -3.11
N GLU A 8 -5.58 -4.92 -4.35
CA GLU A 8 -4.67 -4.00 -5.03
C GLU A 8 -5.32 -2.64 -5.28
N GLU A 9 -6.63 -2.65 -5.49
CA GLU A 9 -7.37 -1.43 -5.76
C GLU A 9 -7.41 -0.49 -4.56
N LYS A 10 -7.52 -1.07 -3.36
CA LYS A 10 -7.58 -0.27 -2.14
C LYS A 10 -6.22 0.34 -1.81
N VAL A 11 -5.15 -0.38 -2.11
CA VAL A 11 -3.80 0.09 -1.84
C VAL A 11 -3.46 1.33 -2.64
N LYS A 12 -3.92 1.37 -3.90
CA LYS A 12 -3.66 2.50 -4.77
C LYS A 12 -4.41 3.74 -4.32
N ALA A 13 -5.64 3.54 -3.86
CA ALA A 13 -6.45 4.65 -3.41
C ALA A 13 -5.71 5.40 -2.31
N LEU A 14 -4.99 4.65 -1.48
CA LEU A 14 -4.21 5.24 -0.41
C LEU A 14 -3.01 5.99 -0.97
N GLU A 15 -2.51 5.49 -2.11
CA GLU A 15 -1.36 6.10 -2.78
C GLU A 15 -1.57 7.58 -3.04
N GLU A 16 -2.79 7.94 -3.41
CA GLU A 16 -3.14 9.32 -3.70
C GLU A 16 -3.06 10.20 -2.47
N LYS A 17 -3.35 9.62 -1.30
CA LYS A 17 -3.30 10.35 -0.05
C LYS A 17 -1.86 10.69 0.33
N VAL A 18 -0.94 9.82 -0.09
CA VAL A 18 0.48 10.02 0.22
C VAL A 18 1.08 11.20 -0.54
N LYS A 19 0.79 11.28 -1.83
CA LYS A 19 1.31 12.36 -2.67
C LYS A 19 0.64 13.68 -2.32
N ALA A 20 -0.55 13.61 -1.74
CA ALA A 20 -1.29 14.80 -1.35
C ALA A 20 -0.73 15.45 -0.10
N LEU A 21 -0.07 14.64 0.74
CA LEU A 21 0.52 15.14 1.97
C LEU A 21 1.82 15.91 1.69
N GLY A 22 2.45 15.60 0.56
CA GLY A 22 3.68 16.27 0.19
C GLY A 22 4.60 15.40 -0.64
N GLY A 23 5.87 15.79 -0.73
CA GLY A 23 6.82 15.02 -1.50
C GLY A 23 8.23 15.57 -1.39
N GLY A 24 8.98 15.09 -0.41
CA GLY A 24 10.34 15.55 -0.21
C GLY A 24 11.04 14.82 0.92
N GLY A 25 11.58 13.65 0.63
CA GLY A 25 12.28 12.87 1.64
C GLY A 25 11.36 11.88 2.34
N ARG A 26 10.94 12.21 3.55
CA ARG A 26 10.06 11.34 4.32
C ARG A 26 8.79 11.02 3.55
N ILE A 27 8.20 12.04 2.94
CA ILE A 27 6.97 11.87 2.17
C ILE A 27 7.19 11.06 0.90
N GLU A 28 8.27 11.38 0.18
CA GLU A 28 8.58 10.70 -1.08
C GLU A 28 9.00 9.25 -0.87
N GLU A 29 9.89 9.02 0.08
CA GLU A 29 10.39 7.67 0.36
C GLU A 29 9.25 6.72 0.74
N LEU A 30 8.28 7.24 1.47
CA LEU A 30 7.14 6.46 1.94
C LEU A 30 6.36 5.84 0.78
N LYS A 31 6.08 6.63 -0.26
CA LYS A 31 5.33 6.14 -1.40
C LYS A 31 6.10 5.07 -2.18
N LYS A 32 7.43 5.22 -2.23
CA LYS A 32 8.26 4.26 -2.95
C LYS A 32 8.01 2.84 -2.41
N LYS A 33 7.86 2.74 -1.10
CA LYS A 33 7.59 1.47 -0.45
C LYS A 33 6.22 0.95 -0.90
N TYR A 34 5.29 1.87 -1.09
CA TYR A 34 3.94 1.54 -1.50
C TYR A 34 3.94 0.74 -2.81
N GLU A 35 4.85 1.09 -3.73
CA GLU A 35 4.94 0.40 -5.00
C GLU A 35 5.23 -1.08 -4.78
N GLU A 36 6.12 -1.36 -3.84
CA GLU A 36 6.48 -2.74 -3.51
C GLU A 36 5.26 -3.53 -3.08
N LEU A 37 4.36 -2.88 -2.36
CA LEU A 37 3.14 -3.50 -1.87
C LEU A 37 2.29 -4.05 -3.02
N LYS A 38 2.13 -3.24 -4.06
CA LYS A 38 1.33 -3.61 -5.22
C LYS A 38 1.83 -4.91 -5.86
N LYS A 39 3.15 -5.07 -5.94
CA LYS A 39 3.74 -6.26 -6.55
C LYS A 39 3.43 -7.53 -5.76
N LYS A 40 3.42 -7.43 -4.44
CA LYS A 40 3.15 -8.59 -3.58
C LYS A 40 1.76 -9.16 -3.82
N ILE A 41 0.77 -8.28 -3.93
CA ILE A 41 -0.61 -8.68 -4.16
C ILE A 41 -0.74 -9.41 -5.50
N GLU A 42 0.03 -8.94 -6.47
CA GLU A 42 0.03 -9.54 -7.79
C GLU A 42 0.48 -11.00 -7.73
N GLU A 43 1.38 -11.27 -6.79
CA GLU A 43 1.92 -12.62 -6.62
C GLU A 43 0.95 -13.48 -5.80
N LEU A 44 0.10 -12.84 -5.01
CA LEU A 44 -0.87 -13.55 -4.18
C LEU A 44 -1.73 -14.49 -5.03
N GLY A 45 -2.20 -15.56 -4.40
CA GLY A 45 -3.04 -16.53 -5.10
C GLY A 45 -4.29 -16.88 -4.33
N GLY A 46 -4.20 -17.92 -3.50
CA GLY A 46 -5.35 -18.33 -2.72
C GLY A 46 -5.67 -17.38 -1.59
N GLY A 47 -6.62 -17.76 -0.75
CA GLY A 47 -7.01 -16.91 0.36
C GLY A 47 -6.22 -17.22 1.63
N GLY A 48 -6.41 -16.40 2.66
CA GLY A 48 -5.71 -16.60 3.91
C GLY A 48 -4.46 -15.77 4.02
N GLU A 49 -3.85 -15.45 2.88
CA GLU A 49 -2.64 -14.64 2.85
C GLU A 49 -2.94 -13.19 2.49
N VAL A 50 -4.05 -12.97 1.79
CA VAL A 50 -4.45 -11.63 1.38
C VAL A 50 -4.56 -10.70 2.58
N LYS A 51 -4.89 -11.27 3.73
CA LYS A 51 -5.03 -10.49 4.96
C LYS A 51 -3.69 -9.92 5.40
N LYS A 52 -2.62 -10.68 5.15
CA LYS A 52 -1.28 -10.26 5.52
C LYS A 52 -0.86 -9.01 4.75
N VAL A 53 -1.33 -8.90 3.51
CA VAL A 53 -1.02 -7.76 2.66
C VAL A 53 -1.70 -6.49 3.16
N GLU A 54 -2.94 -6.63 3.63
CA GLU A 54 -3.70 -5.50 4.13
C GLU A 54 -2.99 -4.86 5.32
N GLU A 55 -2.33 -5.68 6.13
CA GLU A 55 -1.61 -5.22 7.30
C GLU A 55 -0.37 -4.44 6.90
N GLU A 56 0.28 -4.88 5.83
CA GLU A 56 1.49 -4.25 5.33
C GLU A 56 1.27 -2.78 4.98
N VAL A 57 0.19 -2.50 4.27
CA VAL A 57 -0.15 -1.14 3.88
C VAL A 57 -0.49 -0.27 5.09
N LYS A 58 -1.14 -0.88 6.08
CA LYS A 58 -1.52 -0.18 7.29
C LYS A 58 -0.31 0.50 7.94
N LYS A 59 0.85 -0.14 7.82
CA LYS A 59 2.08 0.40 8.38
C LYS A 59 2.52 1.67 7.65
N LEU A 60 2.32 1.68 6.33
CA LEU A 60 2.72 2.82 5.50
C LEU A 60 2.03 4.11 5.92
N GLU A 61 0.72 4.04 6.15
CA GLU A 61 -0.04 5.23 6.54
C GLU A 61 0.34 5.68 7.94
N GLU A 62 0.67 4.73 8.81
CA GLU A 62 1.07 5.03 10.18
C GLU A 62 2.24 6.00 10.19
N GLU A 63 3.15 5.84 9.25
CA GLU A 63 4.30 6.71 9.13
C GLU A 63 3.88 8.10 8.70
N ILE A 64 2.83 8.15 7.88
CA ILE A 64 2.30 9.42 7.38
C ILE A 64 1.85 10.31 8.53
N LYS A 65 1.36 9.70 9.60
CA LYS A 65 0.90 10.45 10.76
C LYS A 65 2.07 11.05 11.53
N LYS A 66 3.25 10.44 11.39
CA LYS A 66 4.45 10.91 12.07
C LYS A 66 5.09 12.08 11.31
N LEU A 67 4.79 12.17 10.01
CA LEU A 67 5.34 13.24 9.18
C LEU A 67 4.41 14.44 9.14
N GLY A 1 -8.73 -14.62 -9.28
CA GLY A 1 -8.43 -13.53 -8.32
C GLY A 1 -9.68 -12.91 -7.72
N SER A 2 -10.12 -11.80 -8.28
CA SER A 2 -11.32 -11.10 -7.80
C SER A 2 -11.08 -10.50 -6.43
N ARG A 3 -10.91 -11.35 -5.42
CA ARG A 3 -10.68 -10.88 -4.06
C ARG A 3 -9.28 -10.29 -3.91
N VAL A 4 -8.31 -10.91 -4.58
CA VAL A 4 -6.93 -10.43 -4.54
C VAL A 4 -6.77 -9.14 -5.31
N LYS A 5 -7.34 -9.10 -6.51
CA LYS A 5 -7.26 -7.90 -7.35
C LYS A 5 -7.87 -6.70 -6.63
N ALA A 6 -9.00 -6.92 -5.98
CA ALA A 6 -9.66 -5.87 -5.23
C ALA A 6 -8.72 -5.28 -4.19
N LEU A 7 -7.89 -6.14 -3.63
CA LEU A 7 -6.92 -5.76 -2.62
C LEU A 7 -5.97 -4.69 -3.16
N GLU A 8 -5.58 -4.86 -4.42
CA GLU A 8 -4.66 -3.93 -5.07
C GLU A 8 -5.31 -2.56 -5.28
N GLU A 9 -6.63 -2.56 -5.49
CA GLU A 9 -7.38 -1.33 -5.73
C GLU A 9 -7.40 -0.43 -4.49
N LYS A 10 -7.48 -1.03 -3.31
CA LYS A 10 -7.53 -0.27 -2.06
C LYS A 10 -6.17 0.35 -1.74
N VAL A 11 -5.10 -0.37 -2.08
CA VAL A 11 -3.74 0.11 -1.82
C VAL A 11 -3.44 1.38 -2.60
N LYS A 12 -3.92 1.44 -3.84
CA LYS A 12 -3.69 2.60 -4.69
C LYS A 12 -4.45 3.82 -4.20
N ALA A 13 -5.66 3.60 -3.70
CA ALA A 13 -6.48 4.68 -3.20
C ALA A 13 -5.72 5.43 -2.11
N LEU A 14 -4.98 4.66 -1.31
CA LEU A 14 -4.17 5.25 -0.24
C LEU A 14 -2.99 6.00 -0.84
N GLU A 15 -2.51 5.53 -1.99
CA GLU A 15 -1.39 6.12 -2.68
C GLU A 15 -1.61 7.62 -2.96
N GLU A 16 -2.84 7.97 -3.31
CA GLU A 16 -3.19 9.35 -3.61
C GLU A 16 -3.09 10.24 -2.38
N LYS A 17 -3.38 9.67 -1.22
CA LYS A 17 -3.32 10.41 0.04
C LYS A 17 -1.87 10.73 0.41
N VAL A 18 -0.95 9.85 0.00
CA VAL A 18 0.46 10.03 0.29
C VAL A 18 1.05 11.23 -0.46
N LYS A 19 0.73 11.33 -1.75
CA LYS A 19 1.23 12.43 -2.57
C LYS A 19 0.57 13.75 -2.19
N ALA A 20 -0.61 13.67 -1.57
CA ALA A 20 -1.35 14.86 -1.16
C ALA A 20 -0.98 15.30 0.26
N LEU A 21 -0.25 14.44 0.98
CA LEU A 21 0.14 14.76 2.35
C LEU A 21 1.25 15.81 2.37
N GLY A 22 2.15 15.74 1.39
CA GLY A 22 3.23 16.70 1.32
C GLY A 22 4.09 16.51 0.08
N GLY A 23 5.35 16.92 0.16
CA GLY A 23 6.25 16.79 -0.96
C GLY A 23 7.68 17.11 -0.61
N GLY A 24 8.38 16.14 -0.01
CA GLY A 24 9.76 16.36 0.38
C GLY A 24 10.59 15.09 0.32
N GLY A 25 11.53 14.94 1.24
CA GLY A 25 12.37 13.76 1.26
C GLY A 25 11.70 12.58 1.94
N ARG A 26 10.86 12.88 2.93
CA ARG A 26 10.15 11.83 3.66
C ARG A 26 8.92 11.38 2.90
N ILE A 27 8.26 12.31 2.23
CA ILE A 27 7.06 12.02 1.46
C ILE A 27 7.36 11.12 0.25
N GLU A 28 8.42 11.45 -0.48
CA GLU A 28 8.79 10.71 -1.69
C GLU A 28 9.22 9.28 -1.39
N GLU A 29 10.08 9.11 -0.40
CA GLU A 29 10.57 7.78 -0.03
C GLU A 29 9.44 6.86 0.42
N LEU A 30 8.49 7.42 1.15
CA LEU A 30 7.37 6.67 1.69
C LEU A 30 6.55 5.99 0.59
N LYS A 31 6.23 6.73 -0.48
CA LYS A 31 5.44 6.17 -1.57
C LYS A 31 6.20 5.09 -2.31
N LYS A 32 7.52 5.24 -2.41
CA LYS A 32 8.34 4.25 -3.11
C LYS A 32 8.13 2.87 -2.51
N LYS A 33 8.04 2.82 -1.18
CA LYS A 33 7.80 1.57 -0.48
C LYS A 33 6.44 1.01 -0.86
N TYR A 34 5.48 1.90 -1.06
CA TYR A 34 4.12 1.52 -1.43
C TYR A 34 4.10 0.68 -2.71
N GLU A 35 4.98 1.03 -3.66
CA GLU A 35 5.06 0.30 -4.92
C GLU A 35 5.34 -1.18 -4.67
N GLU A 36 6.22 -1.45 -3.71
CA GLU A 36 6.59 -2.82 -3.35
C GLU A 36 5.34 -3.59 -2.92
N LEU A 37 4.45 -2.90 -2.21
CA LEU A 37 3.21 -3.51 -1.73
C LEU A 37 2.37 -4.05 -2.88
N LYS A 38 2.24 -3.26 -3.94
CA LYS A 38 1.46 -3.65 -5.10
C LYS A 38 1.96 -4.97 -5.69
N LYS A 39 3.28 -5.13 -5.72
CA LYS A 39 3.90 -6.34 -6.26
C LYS A 39 3.52 -7.59 -5.46
N LYS A 40 3.43 -7.45 -4.14
CA LYS A 40 3.09 -8.58 -3.27
C LYS A 40 1.71 -9.13 -3.59
N ILE A 41 0.76 -8.24 -3.85
CA ILE A 41 -0.60 -8.65 -4.17
C ILE A 41 -0.65 -9.40 -5.49
N GLU A 42 0.21 -8.99 -6.42
CA GLU A 42 0.30 -9.62 -7.72
C GLU A 42 0.70 -11.08 -7.58
N GLU A 43 1.52 -11.35 -6.57
CA GLU A 43 1.98 -12.71 -6.31
C GLU A 43 0.87 -13.56 -5.70
N LEU A 44 -0.04 -12.90 -5.00
CA LEU A 44 -1.17 -13.59 -4.37
C LEU A 44 -2.07 -14.22 -5.43
N GLY A 45 -2.11 -15.55 -5.45
CA GLY A 45 -2.94 -16.24 -6.41
C GLY A 45 -4.17 -16.89 -5.78
N GLY A 46 -3.94 -17.64 -4.69
CA GLY A 46 -5.03 -18.30 -4.01
C GLY A 46 -5.91 -17.31 -3.26
N GLY A 47 -6.15 -17.60 -1.98
CA GLY A 47 -6.99 -16.73 -1.16
C GLY A 47 -6.76 -16.94 0.32
N GLY A 48 -5.66 -16.40 0.83
CA GLY A 48 -5.34 -16.53 2.24
C GLY A 48 -4.42 -15.43 2.74
N GLU A 49 -3.33 -15.22 2.02
CA GLU A 49 -2.35 -14.21 2.39
C GLU A 49 -2.89 -12.80 2.13
N VAL A 50 -4.02 -12.72 1.43
CA VAL A 50 -4.62 -11.42 1.12
C VAL A 50 -4.85 -10.59 2.38
N LYS A 51 -5.19 -11.26 3.47
CA LYS A 51 -5.41 -10.58 4.74
C LYS A 51 -4.11 -10.04 5.30
N LYS A 52 -3.02 -10.78 5.09
CA LYS A 52 -1.72 -10.36 5.57
C LYS A 52 -1.22 -9.13 4.83
N VAL A 53 -1.57 -9.03 3.55
CA VAL A 53 -1.18 -7.91 2.72
C VAL A 53 -1.80 -6.61 3.21
N GLU A 54 -3.06 -6.68 3.64
CA GLU A 54 -3.76 -5.51 4.13
C GLU A 54 -3.03 -4.89 5.33
N GLU A 55 -2.41 -5.75 6.13
CA GLU A 55 -1.68 -5.31 7.32
C GLU A 55 -0.40 -4.57 6.91
N GLU A 56 0.22 -5.05 5.84
CA GLU A 56 1.47 -4.47 5.34
C GLU A 56 1.31 -2.99 4.99
N VAL A 57 0.22 -2.67 4.29
CA VAL A 57 -0.05 -1.30 3.88
C VAL A 57 -0.38 -0.43 5.09
N LYS A 58 -1.05 -1.00 6.07
CA LYS A 58 -1.44 -0.27 7.28
C LYS A 58 -0.22 0.38 7.94
N LYS A 59 0.93 -0.28 7.84
CA LYS A 59 2.15 0.23 8.42
C LYS A 59 2.60 1.52 7.74
N LEU A 60 2.42 1.58 6.43
CA LEU A 60 2.83 2.74 5.63
C LEU A 60 2.07 4.01 6.03
N GLU A 61 0.76 3.90 6.20
CA GLU A 61 -0.07 5.05 6.56
C GLU A 61 0.23 5.57 7.96
N GLU A 62 0.58 4.66 8.87
CA GLU A 62 0.88 5.05 10.25
C GLU A 62 2.06 6.00 10.29
N GLU A 63 3.04 5.78 9.41
CA GLU A 63 4.21 6.63 9.34
C GLU A 63 3.82 8.02 8.87
N ILE A 64 2.81 8.08 8.01
CA ILE A 64 2.32 9.35 7.47
C ILE A 64 1.80 10.24 8.59
N LYS A 65 1.24 9.63 9.62
CA LYS A 65 0.70 10.37 10.76
C LYS A 65 1.82 10.95 11.62
N LYS A 66 2.95 10.26 11.64
CA LYS A 66 4.10 10.71 12.42
C LYS A 66 4.75 11.93 11.78
N LEU A 67 4.59 12.07 10.47
CA LEU A 67 5.15 13.20 9.74
C LEU A 67 4.10 14.28 9.51
#